data_6V3R
#
_entry.id   6V3R
#
_cell.length_a   217.154
_cell.length_b   124.379
_cell.length_c   136.539
_cell.angle_alpha   90.000
_cell.angle_beta   123.838
_cell.angle_gamma   90.000
#
_symmetry.space_group_name_H-M   'C 1 2 1'
#
loop_
_entity.id
_entity.type
_entity.pdbx_description
1 polymer 'Prostaglandin G/H synthase 2'
2 branched 2-acetamido-2-deoxy-beta-D-glucopyranose-(1-4)-2-acetamido-2-deoxy-beta-D-glucopyranose
3 non-polymer 'PROTOPORPHYRIN IX CONTAINING FE'
4 non-polymer 2-acetamido-2-deoxy-beta-D-glucopyranose
5 non-polymer 'octyl beta-D-glucopyranoside'
6 non-polymer 9-[(4-chlorophenyl)methyl]-6-methoxy-1-methyl-4,9-dihydro-3H-beta-carboline
7 water water
#
_entity_poly.entity_id   1
_entity_poly.type   'polypeptide(L)'
_entity_poly.pdbx_seq_one_letter_code
;ANPCCSNPCQNRGECMSTGFDQYKCDCTRTGFYGENCTTPEFLTRIKLLLKPTPNTVHYILTHFKGVWNIVNNIPFLRSL
IMKYVLTSRSYLIDSPPTYNVHYGYKSWEAFSNLSYYTRALPPVADDCPTPMGVKGNKELPDSKEVLEKVLLRREFIPDP
QGSNMMFAFFAQHFTHQFFKTDHKRGPGFTRGLGHGVDLNHIYGETLDRQHKLRLFKDGKLKYQVIGGEVYPPTVKDTQV
EMIYPPHIPENLQFAVGQEVFGLVPGLMMYATIWLREHNRVCDILKQEHPEWGDEQLFQTSRLILIGETIKIVIEDYVQH
LSGYHFKLKFDPELLFNQQFQYQNRIASEFNTLYHWHPLLPDTFNIEDQEYSFKQFLYNNSILLEHGLTQFVESFTRQIA
GRVAGGRNVPIAVQAVAKASIDQSREMKYQSLNEYRKRFSLKPYTSFEELTGEKEMAAELKALYSDIDVMELYPALLVEK
PRPDAIFGETMVELGAPFSLKGLMGNPICSPQYWKPSTFGGEVGFKIINTASIQSLICNNVKGCPFTSFNVQDPQPTKTA
TINASASHSRLDDINPTVLIKRRSTEL
;
_entity_poly.pdbx_strand_id   A,B,C,D
#
loop_
_chem_comp.id
_chem_comp.type
_chem_comp.name
_chem_comp.formula
BOG D-saccharide 'octyl beta-D-glucopyranoside' 'C14 H28 O6'
HEM non-polymer 'PROTOPORPHYRIN IX CONTAINING FE' 'C34 H32 Fe N4 O4'
NAG D-saccharide, beta linking 2-acetamido-2-deoxy-beta-D-glucopyranose 'C8 H15 N O6'
Y8A non-polymer 9-[(4-chlorophenyl)methyl]-6-methoxy-1-methyl-4,9-dihydro-3H-beta-carboline 'C20 H19 Cl N2 O'
#
# COMPACT_ATOMS: atom_id res chain seq x y z
N ALA A 1 12.16 14.94 33.56
CA ALA A 1 12.94 15.76 34.47
C ALA A 1 12.30 17.13 34.64
N ASN A 2 11.90 17.74 33.54
CA ASN A 2 11.20 19.02 33.60
C ASN A 2 9.81 18.81 34.17
N PRO A 3 9.46 19.44 35.29
CA PRO A 3 8.14 19.21 35.89
C PRO A 3 6.97 19.72 35.06
N CYS A 4 7.22 20.39 33.93
CA CYS A 4 6.18 20.83 33.03
C CYS A 4 6.01 19.90 31.82
N CYS A 5 6.69 18.74 31.83
CA CYS A 5 6.60 17.84 30.68
C CYS A 5 5.19 17.30 30.49
N SER A 6 4.44 17.11 31.57
CA SER A 6 3.08 16.58 31.46
C SER A 6 2.09 17.60 30.93
N ASN A 7 2.53 18.81 30.60
CA ASN A 7 1.67 19.89 30.13
C ASN A 7 0.47 20.11 31.06
N PRO A 8 0.72 20.42 32.33
CA PRO A 8 -0.40 20.44 33.29
C PRO A 8 -1.34 21.62 33.10
N CYS A 9 -0.83 22.80 32.78
CA CYS A 9 -1.64 24.00 32.78
C CYS A 9 -2.63 23.99 31.63
N GLN A 10 -3.90 24.18 31.94
CA GLN A 10 -4.99 24.13 30.97
C GLN A 10 -5.48 25.53 30.63
N ASN A 11 -6.24 25.60 29.53
CA ASN A 11 -6.89 26.85 29.10
C ASN A 11 -5.86 27.95 28.83
N ARG A 12 -4.77 27.57 28.17
CA ARG A 12 -3.71 28.47 27.72
C ARG A 12 -2.93 29.10 28.88
N GLY A 13 -2.97 28.49 30.05
CA GLY A 13 -2.10 28.91 31.12
C GLY A 13 -0.67 28.45 30.91
N GLU A 14 0.29 29.27 31.33
CA GLU A 14 1.69 28.99 31.10
C GLU A 14 2.32 28.25 32.27
N CYS A 15 3.16 27.27 31.96
CA CYS A 15 3.83 26.47 32.97
C CYS A 15 5.24 26.97 33.21
N MET A 16 5.65 26.96 34.48
CA MET A 16 6.99 27.40 34.85
C MET A 16 7.49 26.51 35.98
N SER A 17 8.71 25.99 35.84
CA SER A 17 9.29 25.18 36.90
C SER A 17 9.59 26.04 38.11
N THR A 18 9.19 25.55 39.29
CA THR A 18 9.49 26.23 40.55
C THR A 18 10.29 25.30 41.46
N GLY A 19 11.49 24.96 41.03
CA GLY A 19 12.26 23.89 41.63
C GLY A 19 12.42 22.73 40.66
N PHE A 20 13.15 21.72 41.10
CA PHE A 20 13.43 20.57 40.24
C PHE A 20 12.18 19.71 40.03
N ASP A 21 11.29 19.62 41.02
CA ASP A 21 10.13 18.75 40.94
C ASP A 21 8.80 19.48 40.95
N GLN A 22 8.76 20.77 41.24
CA GLN A 22 7.52 21.52 41.36
C GLN A 22 7.33 22.46 40.19
N TYR A 23 6.07 22.82 39.94
CA TYR A 23 5.71 23.73 38.87
C TYR A 23 4.65 24.68 39.37
N LYS A 24 4.42 25.75 38.60
CA LYS A 24 3.33 26.68 38.85
C LYS A 24 2.71 27.09 37.53
N CYS A 25 1.39 27.20 37.51
CA CYS A 25 0.65 27.63 36.32
C CYS A 25 0.24 29.09 36.47
N ASP A 26 0.65 29.91 35.51
CA ASP A 26 0.24 31.30 35.45
C ASP A 26 -1.06 31.37 34.66
N CYS A 27 -2.18 31.61 35.36
CA CYS A 27 -3.50 31.62 34.76
C CYS A 27 -3.96 33.01 34.37
N THR A 28 -3.04 33.95 34.20
CA THR A 28 -3.39 35.35 33.92
C THR A 28 -4.25 35.46 32.67
N ARG A 29 -5.42 36.08 32.81
CA ARG A 29 -6.34 36.36 31.71
C ARG A 29 -6.78 35.11 30.96
N THR A 30 -6.70 33.94 31.58
CA THR A 30 -7.19 32.73 30.97
C THR A 30 -8.68 32.51 31.21
N GLY A 31 -9.25 33.20 32.20
CA GLY A 31 -10.61 32.95 32.62
C GLY A 31 -10.75 31.90 33.70
N PHE A 32 -9.64 31.28 34.11
CA PHE A 32 -9.66 30.17 35.06
C PHE A 32 -8.62 30.40 36.14
N TYR A 33 -8.88 29.82 37.32
CA TYR A 33 -7.88 29.80 38.38
C TYR A 33 -7.68 28.37 38.88
N GLY A 34 -6.91 28.20 39.94
CA GLY A 34 -6.58 26.88 40.44
C GLY A 34 -5.14 26.49 40.10
N GLU A 35 -4.82 25.25 40.46
CA GLU A 35 -3.44 24.78 40.30
C GLU A 35 -3.04 24.72 38.83
N ASN A 36 -3.85 24.06 37.99
CA ASN A 36 -3.57 23.99 36.56
C ASN A 36 -4.55 24.81 35.73
N CYS A 37 -5.15 25.84 36.31
CA CYS A 37 -6.06 26.75 35.62
C CYS A 37 -7.26 25.99 35.03
N THR A 38 -7.99 25.30 35.91
CA THR A 38 -9.17 24.55 35.49
C THR A 38 -10.45 25.01 36.16
N THR A 39 -10.38 25.84 37.21
CA THR A 39 -11.56 26.33 37.90
C THR A 39 -12.03 27.60 37.19
N PRO A 40 -13.19 27.58 36.53
CA PRO A 40 -13.63 28.76 35.79
C PRO A 40 -14.21 29.84 36.68
N GLU A 41 -14.19 31.06 36.16
CA GLU A 41 -14.86 32.19 36.78
C GLU A 41 -16.30 32.25 36.32
N PHE A 42 -17.12 33.03 37.05
CA PHE A 42 -18.55 33.04 36.78
C PHE A 42 -18.85 33.56 35.37
N LEU A 43 -18.14 34.61 34.94
CA LEU A 43 -18.31 35.08 33.57
C LEU A 43 -17.81 34.06 32.56
N THR A 44 -16.77 33.31 32.92
CA THR A 44 -16.30 32.22 32.05
C THR A 44 -17.32 31.08 32.01
N ARG A 45 -17.99 30.82 33.13
CA ARG A 45 -19.03 29.79 33.14
C ARG A 45 -20.16 30.14 32.18
N ILE A 46 -20.55 31.42 32.14
CA ILE A 46 -21.63 31.84 31.24
C ILE A 46 -21.19 31.69 29.79
N LYS A 47 -19.96 32.09 29.47
CA LYS A 47 -19.49 32.01 28.09
C LYS A 47 -19.37 30.57 27.64
N LEU A 48 -18.87 29.68 28.51
CA LEU A 48 -18.76 28.27 28.15
C LEU A 48 -20.13 27.62 28.00
N LEU A 49 -21.11 28.05 28.79
CA LEU A 49 -22.47 27.54 28.68
C LEU A 49 -23.23 28.14 27.50
N LEU A 50 -22.65 29.13 26.83
CA LEU A 50 -23.29 29.77 25.68
C LEU A 50 -22.54 29.60 24.37
N LYS A 51 -21.24 29.37 24.40
CA LYS A 51 -20.45 29.29 23.18
C LYS A 51 -20.77 28.03 22.40
N PRO A 52 -21.26 28.13 21.16
CA PRO A 52 -21.60 26.93 20.41
C PRO A 52 -20.37 26.25 19.82
N THR A 53 -20.49 24.94 19.61
CA THR A 53 -19.39 24.15 19.09
C THR A 53 -19.09 24.56 17.64
N PRO A 54 -17.82 24.42 17.21
CA PRO A 54 -17.48 24.78 15.83
C PRO A 54 -18.23 23.96 14.79
N ASN A 55 -18.60 22.72 15.10
CA ASN A 55 -19.37 21.93 14.15
C ASN A 55 -20.78 22.46 13.98
N THR A 56 -21.35 23.07 15.03
CA THR A 56 -22.61 23.78 14.86
C THR A 56 -22.39 25.06 14.06
N VAL A 57 -21.26 25.74 14.27
CA VAL A 57 -20.93 26.92 13.49
C VAL A 57 -20.60 26.56 12.06
N HIS A 58 -20.29 25.30 11.77
CA HIS A 58 -20.13 24.86 10.39
C HIS A 58 -21.44 24.43 9.74
N TYR A 59 -22.46 24.10 10.53
CA TYR A 59 -23.72 23.60 9.97
C TYR A 59 -24.58 24.74 9.44
N ILE A 60 -24.84 25.75 10.28
CA ILE A 60 -25.67 26.87 9.88
C ILE A 60 -25.04 27.64 8.73
N LEU A 61 -23.71 27.65 8.65
CA LEU A 61 -23.01 28.35 7.58
C LEU A 61 -23.00 27.56 6.28
N THR A 62 -23.30 26.26 6.31
CA THR A 62 -23.36 25.45 5.10
C THR A 62 -24.76 24.92 4.81
N HIS A 63 -25.76 25.34 5.58
CA HIS A 63 -27.15 25.01 5.34
C HIS A 63 -27.96 26.30 5.25
N PHE A 64 -29.27 26.15 5.07
CA PHE A 64 -30.19 27.28 4.93
C PHE A 64 -29.75 28.20 3.79
N LYS A 65 -29.66 27.60 2.60
CA LYS A 65 -29.15 28.32 1.43
C LYS A 65 -30.00 29.55 1.12
N GLY A 66 -31.32 29.44 1.29
CA GLY A 66 -32.19 30.58 1.01
C GLY A 66 -32.03 31.71 2.00
N VAL A 67 -31.63 31.40 3.24
CA VAL A 67 -31.48 32.43 4.25
C VAL A 67 -30.18 33.21 4.05
N TRP A 68 -29.10 32.51 3.71
CA TRP A 68 -27.85 33.21 3.39
C TRP A 68 -27.98 34.01 2.10
N ASN A 69 -28.81 33.54 1.15
CA ASN A 69 -29.05 34.30 -0.06
C ASN A 69 -29.69 35.65 0.26
N ILE A 70 -30.51 35.71 1.31
CA ILE A 70 -31.07 36.98 1.75
C ILE A 70 -30.00 37.86 2.37
N VAL A 71 -29.15 37.27 3.21
CA VAL A 71 -28.13 38.06 3.91
C VAL A 71 -27.09 38.59 2.95
N ASN A 72 -26.69 37.79 1.95
CA ASN A 72 -25.67 38.22 1.01
C ASN A 72 -26.10 39.47 0.24
N ASN A 73 -27.38 39.59 -0.06
CA ASN A 73 -27.90 40.75 -0.77
C ASN A 73 -28.19 41.94 0.14
N ILE A 74 -27.73 41.90 1.39
CA ILE A 74 -27.85 43.02 2.31
C ILE A 74 -26.45 43.38 2.80
N PRO A 75 -25.88 44.51 2.36
CA PRO A 75 -24.52 44.84 2.78
C PRO A 75 -24.35 44.99 4.28
N PHE A 76 -25.34 45.56 4.97
CA PHE A 76 -25.24 45.71 6.42
C PHE A 76 -25.15 44.36 7.11
N LEU A 77 -26.09 43.46 6.83
CA LEU A 77 -26.09 42.15 7.47
C LEU A 77 -24.88 41.32 7.06
N ARG A 78 -24.39 41.50 5.83
CA ARG A 78 -23.21 40.77 5.39
C ARG A 78 -21.95 41.29 6.09
N SER A 79 -21.84 42.60 6.26
CA SER A 79 -20.68 43.17 6.94
C SER A 79 -20.67 42.79 8.42
N LEU A 80 -21.83 42.84 9.08
CA LEU A 80 -21.88 42.48 10.50
C LEU A 80 -21.49 41.02 10.71
N ILE A 81 -21.84 40.15 9.76
CA ILE A 81 -21.49 38.75 9.89
C ILE A 81 -20.02 38.53 9.54
N MET A 82 -19.53 39.17 8.48
CA MET A 82 -18.12 39.03 8.12
C MET A 82 -17.22 39.56 9.23
N LYS A 83 -17.64 40.63 9.92
CA LYS A 83 -16.86 41.16 11.02
C LYS A 83 -16.78 40.17 12.17
N TYR A 84 -17.89 39.48 12.47
CA TYR A 84 -17.85 38.44 13.49
C TYR A 84 -16.93 37.30 13.09
N VAL A 85 -16.91 36.95 11.80
CA VAL A 85 -16.02 35.91 11.31
C VAL A 85 -14.57 36.33 11.52
N LEU A 86 -14.25 37.59 11.23
CA LEU A 86 -12.88 38.06 11.36
C LEU A 86 -12.42 38.05 12.82
N THR A 87 -13.25 38.59 13.72
CA THR A 87 -12.81 38.78 15.10
C THR A 87 -12.75 37.46 15.87
N SER A 88 -13.76 36.60 15.70
CA SER A 88 -13.78 35.34 16.43
C SER A 88 -12.60 34.46 16.08
N ARG A 89 -12.22 34.43 14.79
CA ARG A 89 -11.08 33.63 14.36
C ARG A 89 -9.78 34.21 14.89
N SER A 90 -9.58 35.51 14.72
CA SER A 90 -8.28 36.14 14.95
C SER A 90 -7.88 36.22 16.41
N TYR A 91 -8.80 35.94 17.35
CA TYR A 91 -8.49 36.02 18.76
C TYR A 91 -7.59 34.88 19.23
N LEU A 92 -7.41 33.84 18.42
CA LEU A 92 -6.70 32.63 18.83
C LEU A 92 -5.19 32.72 18.69
N ILE A 93 -4.66 33.77 18.04
CA ILE A 93 -3.25 33.83 17.68
C ILE A 93 -2.51 34.77 18.63
N ASP A 94 -1.29 34.40 19.00
CA ASP A 94 -0.40 35.24 19.80
C ASP A 94 0.36 36.18 18.88
N SER A 95 -0.01 37.45 18.89
CA SER A 95 0.66 38.47 18.10
C SER A 95 0.92 39.68 18.99
N PRO A 96 2.18 40.03 19.28
CA PRO A 96 3.48 39.47 18.84
C PRO A 96 3.71 37.99 19.17
N PRO A 97 4.60 37.32 18.44
CA PRO A 97 4.81 35.88 18.63
C PRO A 97 5.52 35.58 19.93
N THR A 98 5.49 34.30 20.30
CA THR A 98 6.05 33.84 21.57
C THR A 98 7.16 32.81 21.35
N TYR A 99 6.80 31.53 21.26
CA TYR A 99 7.77 30.45 21.25
C TYR A 99 8.25 30.14 19.83
N ASN A 100 9.34 29.38 19.75
CA ASN A 100 9.79 28.79 18.49
C ASN A 100 10.38 27.41 18.80
N VAL A 101 11.09 26.85 17.82
CA VAL A 101 11.56 25.47 17.95
C VAL A 101 12.61 25.32 19.05
N HIS A 102 13.30 26.40 19.42
CA HIS A 102 14.38 26.33 20.39
C HIS A 102 14.02 26.90 21.75
N TYR A 103 12.94 27.66 21.87
CA TYR A 103 12.57 28.29 23.12
C TYR A 103 11.15 27.90 23.50
N GLY A 104 11.03 27.04 24.52
CA GLY A 104 9.79 26.73 25.17
C GLY A 104 9.36 27.76 26.19
N TYR A 105 10.10 28.87 26.27
CA TYR A 105 9.78 30.00 27.13
C TYR A 105 9.98 31.27 26.32
N LYS A 106 9.27 32.32 26.72
CA LYS A 106 9.43 33.60 26.02
C LYS A 106 10.82 34.17 26.26
N SER A 107 11.40 34.73 25.21
CA SER A 107 12.75 35.29 25.28
C SER A 107 12.90 36.28 24.13
N TRP A 108 13.84 37.21 24.28
CA TRP A 108 14.05 38.21 23.24
C TRP A 108 14.64 37.59 21.98
N GLU A 109 15.44 36.53 22.14
CA GLU A 109 15.97 35.84 20.96
C GLU A 109 14.86 35.24 20.12
N ALA A 110 13.82 34.71 20.78
CA ALA A 110 12.70 34.13 20.05
C ALA A 110 11.89 35.21 19.34
N PHE A 111 11.69 36.36 19.98
CA PHE A 111 10.87 37.40 19.37
C PHE A 111 11.58 38.08 18.21
N SER A 112 12.87 38.38 18.36
CA SER A 112 13.58 39.22 17.41
C SER A 112 14.13 38.46 16.21
N ASN A 113 14.46 37.18 16.37
CA ASN A 113 15.11 36.41 15.32
C ASN A 113 14.06 35.97 14.31
N LEU A 114 13.96 36.71 13.20
CA LEU A 114 12.95 36.45 12.18
C LEU A 114 13.23 35.19 11.37
N SER A 115 14.35 34.52 11.59
CA SER A 115 14.65 33.31 10.82
C SER A 115 13.83 32.12 11.29
N TYR A 116 13.41 32.11 12.55
CA TYR A 116 12.58 31.02 13.04
C TYR A 116 11.16 31.15 12.53
N TYR A 117 10.52 30.02 12.24
CA TYR A 117 9.07 29.97 12.29
C TYR A 117 8.64 30.13 13.74
N THR A 118 7.48 30.75 13.95
CA THR A 118 6.97 30.83 15.31
C THR A 118 6.13 29.59 15.60
N ARG A 119 5.68 29.46 16.85
CA ARG A 119 5.00 28.24 17.30
C ARG A 119 3.72 28.60 18.03
N ALA A 120 2.62 27.95 17.64
CA ALA A 120 1.37 28.12 18.38
C ALA A 120 1.47 27.50 19.77
N LEU A 121 2.17 26.37 19.87
CA LEU A 121 2.42 25.70 21.14
C LEU A 121 3.92 25.51 21.32
N PRO A 122 4.43 25.61 22.55
CA PRO A 122 5.86 25.45 22.77
C PRO A 122 6.29 24.04 22.48
N PRO A 123 7.55 23.83 22.11
CA PRO A 123 8.04 22.47 21.88
C PRO A 123 8.24 21.71 23.18
N VAL A 124 8.21 20.39 23.07
CA VAL A 124 8.44 19.53 24.23
C VAL A 124 9.90 19.65 24.66
N ALA A 125 10.13 19.72 25.97
CA ALA A 125 11.47 19.90 26.50
C ALA A 125 12.34 18.69 26.18
N ASP A 126 13.66 18.93 26.10
CA ASP A 126 14.58 17.87 25.72
C ASP A 126 14.61 16.75 26.76
N ASP A 127 14.53 17.10 28.04
CA ASP A 127 14.60 16.13 29.12
C ASP A 127 13.23 15.55 29.48
N CYS A 128 12.30 15.53 28.54
CA CYS A 128 11.05 14.82 28.85
C CYS A 128 11.19 13.34 28.50
N PRO A 129 10.60 12.45 29.30
CA PRO A 129 10.83 11.01 29.08
C PRO A 129 10.19 10.48 27.81
N THR A 130 9.06 11.02 27.37
CA THR A 130 8.37 10.56 26.18
C THR A 130 8.33 11.67 25.14
N PRO A 131 8.18 11.33 23.85
CA PRO A 131 8.18 12.37 22.81
C PRO A 131 7.06 13.38 22.96
N MET A 132 5.91 12.98 23.49
CA MET A 132 4.79 13.90 23.69
C MET A 132 4.78 14.55 25.06
N GLY A 133 5.59 14.06 26.00
CA GLY A 133 5.63 14.62 27.34
C GLY A 133 5.84 13.56 28.41
N VAL A 134 4.77 12.89 28.80
CA VAL A 134 4.84 11.80 29.77
C VAL A 134 4.02 10.63 29.26
N LYS A 135 3.20 10.86 28.25
CA LYS A 135 2.28 9.85 27.73
C LYS A 135 2.89 9.10 26.56
N GLY A 136 2.51 7.83 26.44
CA GLY A 136 2.97 6.99 25.35
C GLY A 136 4.28 6.29 25.67
N ASN A 137 4.75 5.52 24.68
CA ASN A 137 6.01 4.82 24.80
C ASN A 137 7.18 5.79 24.58
N LYS A 138 8.40 5.28 24.76
CA LYS A 138 9.57 6.14 24.60
C LYS A 138 9.75 6.58 23.15
N GLU A 139 9.27 5.79 22.19
CA GLU A 139 9.43 6.10 20.78
C GLU A 139 8.06 6.08 20.10
N LEU A 140 7.79 7.10 19.29
CA LEU A 140 6.58 7.13 18.49
C LEU A 140 6.62 6.01 17.45
N PRO A 141 5.46 5.63 16.90
CA PRO A 141 5.44 4.55 15.92
C PRO A 141 6.25 4.89 14.68
N ASP A 142 6.65 3.84 13.96
CA ASP A 142 7.47 3.99 12.76
C ASP A 142 6.78 4.90 11.76
N SER A 143 7.48 5.95 11.34
CA SER A 143 6.88 6.92 10.42
C SER A 143 6.54 6.29 9.08
N LYS A 144 7.35 5.34 8.61
CA LYS A 144 7.01 4.64 7.37
C LYS A 144 5.81 3.72 7.56
N GLU A 145 5.64 3.17 8.77
CA GLU A 145 4.49 2.31 9.01
C GLU A 145 3.21 3.12 9.09
N VAL A 146 3.26 4.30 9.71
CA VAL A 146 2.12 5.20 9.69
C VAL A 146 1.84 5.65 8.26
N LEU A 147 2.89 5.91 7.49
CA LEU A 147 2.73 6.39 6.12
C LEU A 147 2.01 5.36 5.26
N GLU A 148 2.44 4.09 5.31
CA GLU A 148 1.88 3.07 4.44
C GLU A 148 0.50 2.62 4.89
N LYS A 149 0.22 2.63 6.19
CA LYS A 149 -1.01 2.05 6.71
C LYS A 149 -2.23 2.96 6.63
N VAL A 150 -2.05 4.29 6.71
CA VAL A 150 -3.21 5.18 6.77
C VAL A 150 -3.07 6.38 5.84
N LEU A 151 -1.87 6.62 5.32
CA LEU A 151 -1.62 7.82 4.52
C LEU A 151 -1.55 7.56 3.02
N LEU A 152 -0.81 6.53 2.60
CA LEU A 152 -0.60 6.30 1.17
C LEU A 152 -1.92 6.07 0.45
N ARG A 153 -1.94 6.40 -0.84
CA ARG A 153 -3.13 6.32 -1.65
C ARG A 153 -3.26 4.94 -2.28
N ARG A 154 -4.36 4.26 -1.99
CA ARG A 154 -4.69 3.03 -2.70
C ARG A 154 -5.30 3.39 -4.04
N GLU A 155 -6.61 3.64 -4.06
CA GLU A 155 -7.27 4.21 -5.22
C GLU A 155 -7.46 5.71 -5.01
N PHE A 156 -7.44 6.46 -6.10
CA PHE A 156 -7.58 7.91 -6.02
C PHE A 156 -8.94 8.29 -5.45
N ILE A 157 -8.92 9.10 -4.40
CA ILE A 157 -10.13 9.59 -3.75
C ILE A 157 -10.34 11.04 -4.17
N PRO A 158 -11.33 11.35 -4.98
CA PRO A 158 -11.54 12.74 -5.40
C PRO A 158 -12.15 13.57 -4.29
N ASP A 159 -11.84 14.86 -4.32
CA ASP A 159 -12.41 15.80 -3.36
C ASP A 159 -13.90 15.99 -3.67
N PRO A 160 -14.79 15.74 -2.71
CA PRO A 160 -16.23 15.95 -2.97
C PRO A 160 -16.63 17.40 -3.08
N GLN A 161 -15.75 18.35 -2.74
CA GLN A 161 -16.06 19.76 -2.89
C GLN A 161 -15.77 20.29 -4.30
N GLY A 162 -15.19 19.47 -5.16
CA GLY A 162 -14.96 19.86 -6.54
C GLY A 162 -13.67 20.60 -6.80
N SER A 163 -12.78 20.70 -5.80
CA SER A 163 -11.52 21.40 -5.99
C SER A 163 -10.75 20.82 -7.16
N ASN A 164 -10.31 21.70 -8.06
CA ASN A 164 -9.62 21.32 -9.28
C ASN A 164 -8.13 21.63 -9.16
N MET A 165 -7.39 21.39 -10.25
CA MET A 165 -5.96 21.64 -10.24
C MET A 165 -5.63 23.12 -10.32
N MET A 166 -6.57 23.96 -10.77
CA MET A 166 -6.37 25.40 -10.67
C MET A 166 -6.28 25.83 -9.20
N PHE A 167 -7.12 25.23 -8.35
CA PHE A 167 -7.06 25.54 -6.93
C PHE A 167 -5.80 24.97 -6.29
N ALA A 168 -5.45 23.73 -6.62
CA ALA A 168 -4.29 23.09 -6.01
C ALA A 168 -3.01 23.83 -6.35
N PHE A 169 -2.82 24.17 -7.63
CA PHE A 169 -1.61 24.89 -8.01
C PHE A 169 -1.65 26.34 -7.53
N PHE A 170 -2.85 26.90 -7.35
CA PHE A 170 -2.93 28.19 -6.67
C PHE A 170 -2.52 28.05 -5.21
N ALA A 171 -2.96 26.98 -4.55
CA ALA A 171 -2.56 26.73 -3.17
C ALA A 171 -1.05 26.59 -3.07
N GLN A 172 -0.42 25.90 -4.03
CA GLN A 172 1.02 25.72 -3.98
C GLN A 172 1.75 27.01 -4.33
N HIS A 173 1.22 27.78 -5.28
CA HIS A 173 1.87 29.04 -5.66
C HIS A 173 1.73 30.07 -4.55
N PHE A 174 0.56 30.16 -3.94
CA PHE A 174 0.32 31.18 -2.93
C PHE A 174 1.09 30.90 -1.64
N THR A 175 0.98 29.68 -1.12
CA THR A 175 1.59 29.37 0.16
C THR A 175 3.11 29.32 0.12
N HIS A 176 3.71 29.13 -1.06
CA HIS A 176 5.15 29.02 -1.16
C HIS A 176 5.84 30.38 -1.25
N GLN A 177 5.15 31.47 -0.90
CA GLN A 177 5.82 32.74 -0.70
C GLN A 177 6.19 32.97 0.75
N PHE A 178 5.45 32.37 1.70
CA PHE A 178 5.78 32.43 3.10
C PHE A 178 6.19 31.10 3.69
N PHE A 179 5.96 29.99 2.99
CA PHE A 179 6.49 28.68 3.37
C PHE A 179 7.74 28.45 2.54
N LYS A 180 8.90 28.88 3.07
CA LYS A 180 10.19 28.72 2.41
C LYS A 180 11.19 28.28 3.47
N THR A 181 11.14 26.99 3.80
CA THR A 181 11.96 26.45 4.88
C THR A 181 13.44 26.55 4.53
N ASP A 182 14.23 27.06 5.49
CA ASP A 182 15.68 27.15 5.35
C ASP A 182 16.27 25.81 5.73
N HIS A 183 16.45 24.94 4.74
CA HIS A 183 16.97 23.60 4.99
C HIS A 183 18.45 23.60 5.36
N LYS A 184 19.12 24.76 5.26
CA LYS A 184 20.50 24.85 5.74
C LYS A 184 20.57 24.87 7.26
N ARG A 185 19.55 25.42 7.91
CA ARG A 185 19.51 25.53 9.36
C ARG A 185 18.72 24.38 9.99
N GLY A 186 17.47 24.19 9.58
CA GLY A 186 16.62 23.17 10.13
C GLY A 186 15.17 23.35 9.74
N PRO A 187 14.33 22.37 10.08
CA PRO A 187 12.91 22.44 9.67
C PRO A 187 12.12 23.55 10.35
N GLY A 188 12.67 24.20 11.38
CA GLY A 188 12.00 25.28 12.06
C GLY A 188 12.39 26.67 11.60
N PHE A 189 13.27 26.79 10.61
CA PHE A 189 13.74 28.07 10.12
C PHE A 189 13.13 28.36 8.75
N THR A 190 12.95 29.64 8.46
CA THR A 190 12.34 30.08 7.22
C THR A 190 13.26 31.06 6.51
N ARG A 191 13.04 31.21 5.20
CA ARG A 191 13.75 32.19 4.40
C ARG A 191 12.89 33.37 3.99
N GLY A 192 11.58 33.30 4.24
CA GLY A 192 10.70 34.41 3.95
C GLY A 192 10.58 35.36 5.13
N LEU A 193 11.60 36.20 5.33
CA LEU A 193 11.61 37.13 6.45
C LEU A 193 10.46 38.13 6.40
N GLY A 194 9.73 38.20 5.30
CA GLY A 194 8.51 38.98 5.29
C GLY A 194 7.43 38.38 6.15
N HIS A 195 7.47 37.06 6.36
CA HIS A 195 6.53 36.35 7.23
C HIS A 195 5.08 36.69 6.90
N GLY A 196 4.77 36.62 5.61
CA GLY A 196 3.40 36.93 5.23
C GLY A 196 3.31 37.05 3.72
N VAL A 197 2.26 37.74 3.29
CA VAL A 197 1.95 37.94 1.87
C VAL A 197 2.61 39.20 1.32
N ASP A 198 3.91 39.11 0.98
CA ASP A 198 4.65 40.20 0.35
C ASP A 198 4.91 39.98 -1.14
N LEU A 199 4.41 38.88 -1.69
CA LEU A 199 4.61 38.52 -3.09
C LEU A 199 6.10 38.40 -3.44
N ASN A 200 6.90 37.93 -2.49
CA ASN A 200 8.32 37.74 -2.77
C ASN A 200 8.53 36.67 -3.81
N HIS A 201 7.61 35.71 -3.92
CA HIS A 201 7.69 34.69 -4.96
C HIS A 201 7.50 35.26 -6.36
N ILE A 202 7.06 36.51 -6.46
CA ILE A 202 6.98 37.20 -7.74
C ILE A 202 8.12 38.18 -7.94
N TYR A 203 8.51 38.89 -6.87
CA TYR A 203 9.44 40.00 -6.98
C TYR A 203 10.82 39.72 -6.37
N GLY A 204 10.96 38.68 -5.57
CA GLY A 204 12.26 38.37 -5.00
C GLY A 204 12.31 38.70 -3.51
N GLU A 205 13.03 37.87 -2.77
CA GLU A 205 13.15 38.07 -1.33
C GLU A 205 14.05 39.27 -1.00
N THR A 206 15.13 39.44 -1.76
CA THR A 206 16.09 40.50 -1.54
C THR A 206 16.01 41.54 -2.65
N LEU A 207 16.49 42.75 -2.35
CA LEU A 207 16.46 43.84 -3.32
C LEU A 207 17.27 43.51 -4.56
N ASP A 208 18.43 42.86 -4.37
CA ASP A 208 19.29 42.56 -5.52
C ASP A 208 18.60 41.62 -6.49
N ARG A 209 17.90 40.59 -5.98
CA ARG A 209 17.16 39.70 -6.86
C ARG A 209 16.03 40.45 -7.57
N GLN A 210 15.35 41.36 -6.86
CA GLN A 210 14.27 42.11 -7.47
C GLN A 210 14.76 42.92 -8.67
N HIS A 211 15.85 43.68 -8.48
CA HIS A 211 16.37 44.52 -9.55
C HIS A 211 16.78 43.71 -10.76
N LYS A 212 17.24 42.47 -10.56
CA LYS A 212 17.58 41.61 -11.68
C LYS A 212 16.34 41.20 -12.48
N LEU A 213 15.18 41.13 -11.82
CA LEU A 213 13.94 40.76 -12.48
C LEU A 213 13.19 41.94 -13.08
N ARG A 214 13.65 43.17 -12.84
CA ARG A 214 12.94 44.37 -13.26
C ARG A 214 13.50 44.90 -14.57
N LEU A 215 12.61 45.45 -15.40
CA LEU A 215 12.99 46.06 -16.67
C LEU A 215 13.50 47.48 -16.48
N PHE A 216 13.13 48.15 -15.38
CA PHE A 216 13.48 49.54 -15.12
C PHE A 216 12.97 50.47 -16.21
N LYS A 217 11.80 50.15 -16.76
CA LYS A 217 11.07 51.00 -17.67
C LYS A 217 9.59 50.79 -17.41
N ASP A 218 8.87 51.88 -17.11
CA ASP A 218 7.43 51.84 -16.83
C ASP A 218 7.11 50.90 -15.67
N GLY A 219 8.05 50.70 -14.76
CA GLY A 219 7.83 49.85 -13.61
C GLY A 219 7.61 48.38 -13.91
N LYS A 220 7.78 47.96 -15.16
CA LYS A 220 7.45 46.60 -15.55
C LYS A 220 8.56 45.63 -15.14
N LEU A 221 8.22 44.34 -15.17
CA LEU A 221 9.17 43.26 -14.97
C LEU A 221 9.62 42.72 -16.32
N LYS A 222 10.88 42.29 -16.37
CA LYS A 222 11.42 41.75 -17.61
C LYS A 222 10.64 40.52 -18.04
N TYR A 223 10.53 40.35 -19.35
CA TYR A 223 9.78 39.24 -19.93
C TYR A 223 10.36 38.90 -21.29
N GLN A 224 9.89 37.79 -21.86
CA GLN A 224 10.27 37.37 -23.20
C GLN A 224 9.04 36.88 -23.93
N VAL A 225 9.12 36.90 -25.26
CA VAL A 225 8.00 36.51 -26.11
C VAL A 225 8.39 35.24 -26.85
N ILE A 226 7.72 34.15 -26.53
CA ILE A 226 7.91 32.87 -27.20
C ILE A 226 6.62 32.54 -27.93
N GLY A 227 6.70 32.42 -29.25
CA GLY A 227 5.52 32.11 -30.05
C GLY A 227 4.40 33.11 -29.91
N GLY A 228 4.72 34.37 -29.63
CA GLY A 228 3.71 35.39 -29.47
C GLY A 228 3.12 35.50 -28.07
N GLU A 229 3.64 34.76 -27.11
CA GLU A 229 3.12 34.73 -25.75
C GLU A 229 4.16 35.26 -24.77
N VAL A 230 3.69 35.97 -23.75
CA VAL A 230 4.56 36.54 -22.74
C VAL A 230 4.90 35.49 -21.69
N TYR A 231 6.18 35.22 -21.52
CA TYR A 231 6.70 34.29 -20.52
C TYR A 231 7.80 34.96 -19.74
N PRO A 232 8.09 34.48 -18.53
CA PRO A 232 9.19 35.05 -17.74
C PRO A 232 10.51 34.98 -18.49
N PRO A 233 11.48 35.80 -18.12
CA PRO A 233 12.79 35.78 -18.78
C PRO A 233 13.60 34.57 -18.35
N THR A 234 14.77 34.42 -18.97
CA THR A 234 15.66 33.30 -18.70
C THR A 234 16.62 33.62 -17.56
N VAL A 235 17.31 32.58 -17.09
CA VAL A 235 18.38 32.78 -16.11
C VAL A 235 19.55 33.49 -16.76
N LYS A 236 19.81 33.19 -18.04
CA LYS A 236 20.92 33.82 -18.74
C LYS A 236 20.71 35.32 -18.89
N ASP A 237 19.46 35.76 -19.05
CA ASP A 237 19.19 37.17 -19.31
C ASP A 237 19.16 38.00 -18.03
N THR A 238 18.71 37.42 -16.91
CA THR A 238 18.61 38.15 -15.66
C THR A 238 19.69 37.82 -14.64
N GLN A 239 20.35 36.67 -14.77
CA GLN A 239 21.42 36.24 -13.86
C GLN A 239 20.92 36.02 -12.43
N VAL A 240 19.64 35.66 -12.27
CA VAL A 240 19.11 35.30 -10.97
C VAL A 240 19.33 33.81 -10.76
N GLU A 241 19.46 33.41 -9.50
CA GLU A 241 19.66 32.01 -9.18
C GLU A 241 18.32 31.29 -9.16
N MET A 242 18.21 30.24 -9.96
CA MET A 242 17.05 29.36 -9.97
C MET A 242 17.51 27.94 -9.67
N ILE A 243 16.57 27.10 -9.27
CA ILE A 243 16.83 25.68 -9.03
C ILE A 243 16.29 24.89 -10.21
N TYR A 244 17.18 24.25 -10.96
CA TYR A 244 16.82 23.43 -12.10
C TYR A 244 17.76 22.23 -12.15
N PRO A 245 17.29 21.08 -12.65
CA PRO A 245 18.20 19.97 -12.88
C PRO A 245 19.20 20.31 -13.97
N PRO A 246 20.38 19.68 -13.97
CA PRO A 246 21.42 20.05 -14.94
C PRO A 246 21.10 19.72 -16.38
N HIS A 247 19.97 19.06 -16.67
CA HIS A 247 19.62 18.70 -18.04
C HIS A 247 18.61 19.66 -18.65
N ILE A 248 18.36 20.80 -18.02
CA ILE A 248 17.37 21.76 -18.52
C ILE A 248 18.09 22.78 -19.40
N PRO A 249 17.69 22.94 -20.66
CA PRO A 249 18.36 23.91 -21.53
C PRO A 249 18.20 25.34 -21.01
N GLU A 250 18.98 26.23 -21.61
CA GLU A 250 19.05 27.61 -21.11
C GLU A 250 17.78 28.39 -21.42
N ASN A 251 17.19 28.18 -22.59
CA ASN A 251 15.98 28.91 -22.94
C ASN A 251 14.78 28.49 -22.10
N LEU A 252 14.84 27.34 -21.45
CA LEU A 252 13.76 26.86 -20.60
C LEU A 252 13.99 27.18 -19.12
N GLN A 253 15.18 27.63 -18.74
CA GLN A 253 15.45 28.03 -17.37
C GLN A 253 14.81 29.40 -17.13
N PHE A 254 13.52 29.38 -16.84
CA PHE A 254 12.81 30.61 -16.54
C PHE A 254 13.24 31.17 -15.18
N ALA A 255 13.21 32.50 -15.06
CA ALA A 255 13.63 33.21 -13.86
C ALA A 255 12.42 33.91 -13.26
N VAL A 256 12.01 33.47 -12.07
CA VAL A 256 10.87 34.04 -11.36
C VAL A 256 11.31 34.42 -9.96
N GLY A 257 10.39 35.01 -9.20
CA GLY A 257 10.72 35.49 -7.87
C GLY A 257 11.14 34.36 -6.94
N GLN A 258 10.36 33.28 -6.92
CA GLN A 258 10.70 32.11 -6.11
C GLN A 258 11.66 31.22 -6.89
N GLU A 259 12.77 30.82 -6.25
CA GLU A 259 13.82 30.11 -6.94
C GLU A 259 13.47 28.65 -7.24
N VAL A 260 12.32 28.16 -6.77
CA VAL A 260 11.93 26.76 -6.97
C VAL A 260 10.68 26.64 -7.84
N PHE A 261 10.17 27.75 -8.37
CA PHE A 261 8.94 27.64 -9.15
C PHE A 261 9.15 27.01 -10.52
N GLY A 262 10.37 26.63 -10.88
CA GLY A 262 10.57 25.80 -12.04
C GLY A 262 10.38 24.32 -11.78
N LEU A 263 10.05 23.96 -10.55
CA LEU A 263 9.79 22.55 -10.21
C LEU A 263 8.66 21.98 -11.06
N VAL A 264 7.52 22.66 -11.09
CA VAL A 264 6.34 22.13 -11.76
C VAL A 264 5.72 23.18 -12.68
N PRO A 265 5.25 22.79 -13.86
CA PRO A 265 4.61 23.78 -14.76
C PRO A 265 3.35 24.39 -14.19
N GLY A 266 2.76 23.80 -13.15
CA GLY A 266 1.64 24.44 -12.50
C GLY A 266 2.02 25.74 -11.81
N LEU A 267 3.15 25.74 -11.11
CA LEU A 267 3.64 26.97 -10.49
C LEU A 267 4.09 27.98 -11.54
N MET A 268 4.75 27.51 -12.60
CA MET A 268 5.14 28.40 -13.70
C MET A 268 3.94 28.95 -14.43
N MET A 269 2.80 28.27 -14.40
CA MET A 269 1.58 28.80 -15.01
C MET A 269 1.14 30.06 -14.27
N TYR A 270 1.01 29.98 -12.95
CA TYR A 270 0.60 31.14 -12.17
C TYR A 270 1.69 32.21 -12.16
N ALA A 271 2.96 31.79 -12.15
CA ALA A 271 4.05 32.75 -12.22
C ALA A 271 3.96 33.58 -13.50
N THR A 272 3.57 32.96 -14.61
CA THR A 272 3.38 33.70 -15.85
C THR A 272 2.15 34.58 -15.77
N ILE A 273 1.07 34.09 -15.15
CA ILE A 273 -0.16 34.87 -15.05
C ILE A 273 0.06 36.11 -14.20
N TRP A 274 0.69 35.95 -13.04
CA TRP A 274 0.94 37.09 -12.16
C TRP A 274 1.95 38.06 -12.76
N LEU A 275 2.93 37.55 -13.51
CA LEU A 275 3.86 38.44 -14.20
C LEU A 275 3.15 39.33 -15.20
N ARG A 276 2.26 38.74 -16.01
CA ARG A 276 1.48 39.52 -16.96
C ARG A 276 0.61 40.54 -16.26
N GLU A 277 0.01 40.14 -15.13
CA GLU A 277 -0.84 41.06 -14.38
C GLU A 277 -0.06 42.26 -13.87
N HIS A 278 1.18 42.04 -13.42
CA HIS A 278 2.00 43.15 -12.94
C HIS A 278 2.25 44.17 -14.04
N ASN A 279 2.64 43.70 -15.23
CA ASN A 279 2.86 44.62 -16.33
C ASN A 279 1.55 45.22 -16.84
N ARG A 280 0.44 44.50 -16.68
CA ARG A 280 -0.85 45.06 -17.06
C ARG A 280 -1.23 46.22 -16.15
N VAL A 281 -0.97 46.07 -14.84
CA VAL A 281 -1.23 47.17 -13.92
C VAL A 281 -0.26 48.31 -14.14
N CYS A 282 0.98 48.02 -14.54
CA CYS A 282 1.94 49.07 -14.86
C CYS A 282 1.45 49.93 -16.02
N ASP A 283 0.76 49.31 -16.98
CA ASP A 283 0.20 50.07 -18.09
C ASP A 283 -0.99 50.91 -17.65
N ILE A 284 -1.76 50.43 -16.67
CA ILE A 284 -2.91 51.19 -16.19
C ILE A 284 -2.45 52.41 -15.40
N LEU A 285 -1.51 52.22 -14.47
CA LEU A 285 -1.02 53.33 -13.66
C LEU A 285 -0.30 54.36 -14.52
N LYS A 286 0.50 53.91 -15.49
CA LYS A 286 1.15 54.84 -16.40
C LYS A 286 0.14 55.61 -17.23
N GLN A 287 -0.96 54.97 -17.61
CA GLN A 287 -2.02 55.67 -18.31
C GLN A 287 -2.65 56.75 -17.43
N GLU A 288 -2.77 56.49 -16.13
N GLU A 288 -2.77 56.49 -16.13
CA GLU A 288 -3.31 57.46 -15.20
CA GLU A 288 -3.32 57.47 -15.22
C GLU A 288 -2.27 58.41 -14.63
C GLU A 288 -2.27 58.41 -14.64
N HIS A 289 -0.99 58.08 -14.75
CA HIS A 289 0.09 58.91 -14.23
C HIS A 289 1.23 58.96 -15.23
N PRO A 290 1.12 59.80 -16.26
CA PRO A 290 2.26 60.01 -17.17
C PRO A 290 3.43 60.74 -16.52
N GLU A 291 3.27 61.24 -15.29
CA GLU A 291 4.33 61.93 -14.59
C GLU A 291 5.11 61.02 -13.65
N TRP A 292 4.67 59.78 -13.46
CA TRP A 292 5.36 58.86 -12.56
C TRP A 292 6.56 58.23 -13.25
N GLY A 293 7.62 58.02 -12.47
CA GLY A 293 8.81 57.34 -12.97
C GLY A 293 8.68 55.83 -12.85
N ASP A 294 9.78 55.16 -13.19
CA ASP A 294 9.80 53.69 -13.20
C ASP A 294 9.62 53.14 -11.79
N GLU A 295 10.34 53.69 -10.82
CA GLU A 295 10.34 53.12 -9.47
C GLU A 295 8.96 53.20 -8.82
N GLN A 296 8.27 54.34 -8.96
CA GLN A 296 6.95 54.47 -8.36
C GLN A 296 5.94 53.56 -9.03
N LEU A 297 6.04 53.41 -10.36
CA LEU A 297 5.14 52.51 -11.07
C LEU A 297 5.33 51.07 -10.64
N PHE A 298 6.57 50.64 -10.44
CA PHE A 298 6.81 49.29 -9.94
C PHE A 298 6.24 49.12 -8.53
N GLN A 299 6.55 50.07 -7.64
CA GLN A 299 6.14 49.94 -6.25
C GLN A 299 4.62 49.95 -6.12
N THR A 300 3.96 50.93 -6.75
CA THR A 300 2.51 51.02 -6.65
C THR A 300 1.84 49.80 -7.25
N SER A 301 2.41 49.27 -8.34
CA SER A 301 1.88 48.02 -8.92
C SER A 301 2.00 46.88 -7.92
N ARG A 302 3.17 46.72 -7.31
CA ARG A 302 3.38 45.65 -6.35
C ARG A 302 2.35 45.68 -5.23
N LEU A 303 2.07 46.87 -4.69
CA LEU A 303 1.06 46.99 -3.65
C LEU A 303 -0.32 46.62 -4.16
N ILE A 304 -0.61 46.88 -5.44
CA ILE A 304 -1.91 46.57 -5.99
C ILE A 304 -2.07 45.07 -6.16
N LEU A 305 -1.02 44.38 -6.61
CA LEU A 305 -1.10 42.93 -6.74
C LEU A 305 -1.17 42.24 -5.39
N ILE A 306 -0.61 42.85 -4.34
CA ILE A 306 -0.76 42.31 -2.99
C ILE A 306 -2.23 42.38 -2.56
N GLY A 307 -2.87 43.53 -2.80
CA GLY A 307 -4.28 43.64 -2.49
C GLY A 307 -5.14 42.70 -3.32
N GLU A 308 -4.76 42.51 -4.59
CA GLU A 308 -5.47 41.54 -5.42
C GLU A 308 -5.31 40.13 -4.89
N THR A 309 -4.11 39.80 -4.40
CA THR A 309 -3.87 38.47 -3.84
C THR A 309 -4.77 38.22 -2.64
N ILE A 310 -4.79 39.16 -1.69
CA ILE A 310 -5.62 38.99 -0.50
C ILE A 310 -7.10 39.00 -0.85
N LYS A 311 -7.50 39.77 -1.87
CA LYS A 311 -8.89 39.78 -2.30
C LYS A 311 -9.29 38.44 -2.90
N ILE A 312 -8.45 37.88 -3.75
CA ILE A 312 -8.76 36.61 -4.40
C ILE A 312 -8.74 35.47 -3.38
N VAL A 313 -7.76 35.49 -2.46
CA VAL A 313 -7.64 34.41 -1.49
C VAL A 313 -8.88 34.34 -0.60
N ILE A 314 -9.35 35.50 -0.12
CA ILE A 314 -10.48 35.50 0.81
C ILE A 314 -11.79 35.16 0.08
N GLU A 315 -12.05 35.84 -1.04
CA GLU A 315 -13.37 35.78 -1.66
C GLU A 315 -13.51 34.65 -2.68
N ASP A 316 -12.42 33.97 -3.05
CA ASP A 316 -12.49 32.86 -3.99
C ASP A 316 -11.86 31.60 -3.41
N TYR A 317 -10.58 31.69 -3.06
CA TYR A 317 -9.85 30.54 -2.53
C TYR A 317 -10.47 30.05 -1.22
N VAL A 318 -10.57 30.93 -0.23
CA VAL A 318 -11.16 30.55 1.05
C VAL A 318 -12.65 30.32 0.91
N GLN A 319 -13.32 31.07 0.03
CA GLN A 319 -14.75 30.88 -0.18
C GLN A 319 -15.06 29.47 -0.68
N HIS A 320 -14.24 28.96 -1.60
CA HIS A 320 -14.46 27.61 -2.12
C HIS A 320 -14.16 26.56 -1.05
N LEU A 321 -13.06 26.73 -0.31
CA LEU A 321 -12.70 25.75 0.72
C LEU A 321 -13.76 25.67 1.80
N SER A 322 -14.29 26.83 2.23
CA SER A 322 -15.21 26.86 3.36
C SER A 322 -16.49 26.10 3.05
N GLY A 323 -16.96 26.15 1.80
CA GLY A 323 -18.26 25.61 1.49
C GLY A 323 -19.41 26.40 2.06
N TYR A 324 -19.16 27.64 2.46
CA TYR A 324 -20.20 28.49 3.05
C TYR A 324 -21.15 29.00 1.97
N HIS A 325 -22.42 29.14 2.35
CA HIS A 325 -23.36 29.90 1.55
C HIS A 325 -23.22 31.40 1.77
N PHE A 326 -22.54 31.80 2.84
CA PHE A 326 -22.26 33.20 3.11
C PHE A 326 -21.04 33.65 2.30
N LYS A 327 -21.20 34.74 1.55
CA LYS A 327 -20.14 35.24 0.70
C LYS A 327 -19.15 36.03 1.55
N LEU A 328 -17.97 35.46 1.78
CA LEU A 328 -16.93 36.20 2.50
C LEU A 328 -16.55 37.45 1.73
N LYS A 329 -16.05 38.44 2.45
CA LYS A 329 -15.79 39.76 1.90
C LYS A 329 -14.47 40.29 2.43
N PHE A 330 -13.56 40.63 1.53
CA PHE A 330 -12.29 41.27 1.91
C PHE A 330 -12.55 42.76 2.09
N ASP A 331 -12.63 43.18 3.35
CA ASP A 331 -12.86 44.59 3.69
C ASP A 331 -12.05 44.92 4.94
N PRO A 332 -10.90 45.57 4.79
CA PRO A 332 -10.11 45.95 5.98
C PRO A 332 -10.84 46.87 6.93
N GLU A 333 -11.80 47.66 6.43
CA GLU A 333 -12.50 48.61 7.30
C GLU A 333 -13.31 47.91 8.39
N LEU A 334 -13.57 46.61 8.25
CA LEU A 334 -14.30 45.87 9.27
C LEU A 334 -13.48 45.66 10.55
N LEU A 335 -12.20 45.99 10.54
CA LEU A 335 -11.34 45.83 11.71
C LEU A 335 -10.86 47.15 12.28
N PHE A 336 -11.27 48.29 11.71
CA PHE A 336 -10.73 49.57 12.14
C PHE A 336 -11.21 49.93 13.55
N ASN A 337 -12.46 49.58 13.89
CA ASN A 337 -12.99 49.81 15.23
C ASN A 337 -12.84 48.60 16.13
N GLN A 338 -11.88 47.73 15.85
CA GLN A 338 -11.66 46.51 16.62
C GLN A 338 -10.21 46.46 17.10
N GLN A 339 -9.93 45.48 17.95
CA GLN A 339 -8.58 45.24 18.44
C GLN A 339 -7.92 44.19 17.56
N PHE A 340 -6.97 44.63 16.73
CA PHE A 340 -6.29 43.73 15.80
C PHE A 340 -4.87 44.24 15.58
N GLN A 341 -3.91 43.33 15.63
CA GLN A 341 -2.50 43.67 15.48
C GLN A 341 -2.10 43.51 14.01
N TYR A 342 -1.74 44.62 13.36
CA TYR A 342 -1.36 44.58 11.96
C TYR A 342 0.09 44.13 11.82
N GLN A 343 0.29 42.84 12.14
CA GLN A 343 1.58 42.18 12.04
C GLN A 343 1.32 40.69 11.97
N ASN A 344 2.38 39.92 11.70
CA ASN A 344 2.23 38.47 11.59
C ASN A 344 3.60 37.82 11.57
N ARG A 345 3.69 36.66 12.21
CA ARG A 345 4.86 35.79 12.16
C ARG A 345 4.39 34.40 11.75
N ILE A 346 4.97 33.86 10.69
CA ILE A 346 4.51 32.59 10.15
C ILE A 346 4.80 31.46 11.14
N ALA A 347 3.76 30.68 11.46
CA ALA A 347 3.86 29.63 12.44
C ALA A 347 4.26 28.31 11.80
N SER A 348 5.07 27.53 12.50
CA SER A 348 5.50 26.24 11.99
C SER A 348 4.32 25.29 11.81
N GLU A 349 3.35 25.33 12.73
CA GLU A 349 2.21 24.44 12.62
C GLU A 349 1.38 24.77 11.38
N PHE A 350 1.25 26.06 11.06
CA PHE A 350 0.60 26.45 9.82
C PHE A 350 1.28 25.80 8.61
N ASN A 351 2.61 25.74 8.65
CA ASN A 351 3.35 25.08 7.58
C ASN A 351 3.02 23.59 7.53
N THR A 352 2.93 22.93 8.68
CA THR A 352 2.67 21.50 8.72
C THR A 352 1.31 21.16 8.10
N LEU A 353 0.25 21.78 8.62
CA LEU A 353 -1.09 21.41 8.16
C LEU A 353 -1.41 21.93 6.76
N TYR A 354 -0.50 22.65 6.10
CA TYR A 354 -0.71 23.08 4.73
C TYR A 354 -0.08 22.14 3.71
N HIS A 355 0.54 21.05 4.16
CA HIS A 355 1.04 20.02 3.26
C HIS A 355 -0.15 19.25 2.70
N TRP A 356 -0.83 19.88 1.75
CA TRP A 356 -2.05 19.32 1.14
C TRP A 356 -1.73 18.45 -0.06
N HIS A 357 -0.73 17.57 0.10
CA HIS A 357 -0.33 16.71 -1.01
C HIS A 357 -1.42 15.76 -1.51
N PRO A 358 -2.36 15.26 -0.69
CA PRO A 358 -3.46 14.46 -1.25
C PRO A 358 -4.26 15.17 -2.36
N LEU A 359 -4.12 16.48 -2.51
CA LEU A 359 -4.76 17.17 -3.62
C LEU A 359 -4.25 16.67 -4.97
N LEU A 360 -3.01 16.17 -5.01
CA LEU A 360 -2.38 15.84 -6.28
C LEU A 360 -2.98 14.57 -6.86
N PRO A 361 -3.23 14.54 -8.17
CA PRO A 361 -3.78 13.35 -8.81
C PRO A 361 -2.67 12.36 -9.16
N ASP A 362 -3.08 11.23 -9.73
CA ASP A 362 -2.10 10.24 -10.18
C ASP A 362 -1.40 10.69 -11.47
N THR A 363 -2.12 11.43 -12.32
CA THR A 363 -1.55 11.98 -13.54
C THR A 363 -2.08 13.39 -13.73
N PHE A 364 -1.30 14.21 -14.42
CA PHE A 364 -1.70 15.58 -14.73
C PHE A 364 -2.23 15.60 -16.15
N ASN A 365 -3.54 15.85 -16.29
CA ASN A 365 -4.24 15.72 -17.56
C ASN A 365 -4.36 17.10 -18.20
N ILE A 366 -3.66 17.29 -19.31
CA ILE A 366 -3.64 18.56 -20.03
C ILE A 366 -4.10 18.30 -21.46
N GLU A 367 -5.21 18.95 -21.85
CA GLU A 367 -5.85 18.76 -23.14
C GLU A 367 -6.26 17.31 -23.33
N ASP A 368 -5.45 16.53 -24.05
CA ASP A 368 -5.75 15.14 -24.32
C ASP A 368 -4.56 14.24 -23.97
N GLN A 369 -3.71 14.71 -23.06
CA GLN A 369 -2.55 13.96 -22.59
C GLN A 369 -2.72 13.65 -21.10
N GLU A 370 -1.98 12.65 -20.64
CA GLU A 370 -1.94 12.28 -19.21
C GLU A 370 -0.48 12.07 -18.84
N TYR A 371 0.14 13.13 -18.33
CA TYR A 371 1.53 13.06 -17.90
C TYR A 371 1.64 12.47 -16.50
N SER A 372 2.58 11.55 -16.33
CA SER A 372 2.89 11.05 -15.00
C SER A 372 3.72 12.09 -14.24
N PHE A 373 4.10 11.76 -13.01
CA PHE A 373 4.93 12.68 -12.24
C PHE A 373 6.30 12.87 -12.88
N LYS A 374 6.90 11.78 -13.37
CA LYS A 374 8.20 11.88 -14.04
C LYS A 374 8.13 12.79 -15.25
N GLN A 375 7.05 12.71 -16.01
CA GLN A 375 6.91 13.51 -17.23
C GLN A 375 6.56 14.96 -16.94
N PHE A 376 5.93 15.24 -15.79
CA PHE A 376 5.42 16.58 -15.50
C PHE A 376 6.42 17.45 -14.76
N LEU A 377 7.12 16.88 -13.78
CA LEU A 377 8.04 17.66 -12.95
C LEU A 377 9.21 18.18 -13.77
N TYR A 378 9.51 19.48 -13.58
CA TYR A 378 10.69 20.12 -14.17
C TYR A 378 10.71 20.01 -15.69
N ASN A 379 9.53 20.12 -16.30
CA ASN A 379 9.37 20.03 -17.76
C ASN A 379 8.45 21.16 -18.20
N ASN A 380 9.02 22.37 -18.33
CA ASN A 380 8.22 23.53 -18.71
C ASN A 380 7.99 23.62 -20.21
N SER A 381 8.63 22.77 -21.01
CA SER A 381 8.27 22.67 -22.42
C SER A 381 6.83 22.19 -22.59
N ILE A 382 6.26 21.54 -21.57
CA ILE A 382 4.84 21.23 -21.57
C ILE A 382 4.02 22.51 -21.64
N LEU A 383 4.39 23.49 -20.81
CA LEU A 383 3.68 24.77 -20.81
C LEU A 383 3.80 25.47 -22.15
N LEU A 384 4.99 25.43 -22.75
CA LEU A 384 5.18 26.07 -24.06
C LEU A 384 4.44 25.34 -25.16
N GLU A 385 4.22 24.02 -25.00
CA GLU A 385 3.57 23.26 -26.05
C GLU A 385 2.07 23.54 -26.10
N HIS A 386 1.41 23.60 -24.94
CA HIS A 386 -0.02 23.82 -24.86
C HIS A 386 -0.41 25.28 -24.69
N GLY A 387 0.37 26.05 -23.94
CA GLY A 387 0.04 27.44 -23.68
C GLY A 387 -0.83 27.60 -22.43
N LEU A 388 -0.91 28.85 -21.96
CA LEU A 388 -1.70 29.14 -20.76
C LEU A 388 -3.18 28.85 -20.96
N THR A 389 -3.69 29.06 -22.17
CA THR A 389 -5.12 28.88 -22.41
C THR A 389 -5.53 27.44 -22.17
N GLN A 390 -4.92 26.49 -22.88
CA GLN A 390 -5.26 25.08 -22.70
C GLN A 390 -4.85 24.59 -21.32
N PHE A 391 -3.80 25.17 -20.73
CA PHE A 391 -3.44 24.85 -19.36
C PHE A 391 -4.57 25.18 -18.40
N VAL A 392 -5.12 26.39 -18.52
CA VAL A 392 -6.24 26.79 -17.65
C VAL A 392 -7.45 25.89 -17.91
N GLU A 393 -7.77 25.66 -19.18
CA GLU A 393 -8.94 24.86 -19.52
C GLU A 393 -8.81 23.42 -19.04
N SER A 394 -7.59 22.89 -18.98
CA SER A 394 -7.40 21.50 -18.57
C SER A 394 -7.41 21.37 -17.04
N PHE A 395 -6.75 22.29 -16.33
CA PHE A 395 -6.73 22.21 -14.87
C PHE A 395 -8.08 22.60 -14.26
N THR A 396 -8.87 23.42 -14.96
CA THR A 396 -10.20 23.74 -14.47
C THR A 396 -11.11 22.52 -14.50
N ARG A 397 -10.94 21.63 -15.49
CA ARG A 397 -11.75 20.44 -15.62
C ARG A 397 -11.28 19.28 -14.74
N GLN A 398 -9.97 19.15 -14.52
CA GLN A 398 -9.46 18.02 -13.73
C GLN A 398 -9.63 18.28 -12.25
N ILE A 399 -10.27 17.33 -11.55
CA ILE A 399 -10.58 17.46 -10.14
C ILE A 399 -9.38 17.01 -9.31
N ALA A 400 -9.21 17.65 -8.14
CA ALA A 400 -8.13 17.32 -7.23
C ALA A 400 -8.60 16.28 -6.21
N GLY A 401 -7.66 15.81 -5.38
CA GLY A 401 -7.96 14.76 -4.43
C GLY A 401 -8.33 15.28 -3.06
N ARG A 402 -9.05 14.44 -2.31
CA ARG A 402 -9.47 14.80 -0.96
CA ARG A 402 -9.47 14.80 -0.96
C ARG A 402 -8.28 14.76 -0.01
N VAL A 403 -8.21 15.75 0.87
CA VAL A 403 -7.10 15.85 1.82
C VAL A 403 -7.36 14.99 3.05
N ALA A 404 -8.49 15.23 3.74
CA ALA A 404 -8.86 14.42 4.89
C ALA A 404 -9.36 13.05 4.44
N GLY A 405 -10.04 12.33 5.34
CA GLY A 405 -10.57 11.03 5.03
C GLY A 405 -9.56 9.89 5.03
N GLY A 406 -8.27 10.19 4.91
CA GLY A 406 -7.24 9.18 5.01
C GLY A 406 -6.96 8.50 3.68
N ARG A 407 -5.75 7.94 3.59
CA ARG A 407 -5.33 7.08 2.49
C ARG A 407 -5.51 7.74 1.13
N ASN A 408 -4.85 8.88 0.95
CA ASN A 408 -4.94 9.56 -0.35
C ASN A 408 -3.67 10.31 -0.73
N VAL A 409 -2.56 10.14 -0.01
CA VAL A 409 -1.29 10.76 -0.42
C VAL A 409 -0.73 9.97 -1.59
N PRO A 410 -0.57 10.58 -2.76
CA PRO A 410 -0.01 9.85 -3.90
C PRO A 410 1.41 9.40 -3.61
N ILE A 411 1.73 8.18 -4.04
CA ILE A 411 3.00 7.55 -3.65
C ILE A 411 4.20 8.26 -4.28
N ALA A 412 3.99 9.07 -5.31
CA ALA A 412 5.10 9.77 -5.95
C ALA A 412 5.80 10.70 -4.95
N VAL A 413 5.04 11.31 -4.04
CA VAL A 413 5.59 12.24 -3.07
C VAL A 413 5.44 11.67 -1.67
N GLN A 414 5.64 10.36 -1.52
CA GLN A 414 5.47 9.74 -0.21
C GLN A 414 6.58 10.13 0.76
N ALA A 415 7.79 10.37 0.26
CA ALA A 415 8.88 10.76 1.15
C ALA A 415 8.65 12.14 1.76
N VAL A 416 7.88 13.00 1.08
CA VAL A 416 7.54 14.29 1.65
C VAL A 416 6.61 14.12 2.84
N ALA A 417 5.59 13.28 2.70
CA ALA A 417 4.68 13.02 3.82
C ALA A 417 5.43 12.36 4.98
N LYS A 418 6.30 11.40 4.68
CA LYS A 418 7.11 10.78 5.73
C LYS A 418 8.04 11.80 6.39
N ALA A 419 8.52 12.78 5.61
CA ALA A 419 9.33 13.84 6.20
C ALA A 419 8.49 14.78 7.05
N SER A 420 7.25 15.02 6.66
CA SER A 420 6.36 15.84 7.49
C SER A 420 6.09 15.17 8.83
N ILE A 421 6.05 13.84 8.85
CA ILE A 421 5.96 13.11 10.12
C ILE A 421 7.28 13.24 10.89
N ASP A 422 8.39 12.95 10.22
CA ASP A 422 9.69 12.93 10.88
C ASP A 422 10.09 14.31 11.39
N GLN A 423 9.90 15.34 10.56
CA GLN A 423 10.29 16.70 10.97
C GLN A 423 9.41 17.23 12.08
N SER A 424 8.12 16.86 12.09
CA SER A 424 7.27 17.23 13.21
C SER A 424 7.82 16.68 14.53
N ARG A 425 8.34 15.45 14.51
CA ARG A 425 8.97 14.90 15.69
C ARG A 425 10.32 15.56 15.97
N GLU A 426 11.05 15.94 14.92
CA GLU A 426 12.33 16.60 15.10
C GLU A 426 12.15 17.94 15.81
N MET A 427 11.10 18.68 15.48
CA MET A 427 10.80 19.96 16.09
C MET A 427 10.01 19.82 17.40
N LYS A 428 9.83 18.58 17.88
CA LYS A 428 9.20 18.29 19.16
C LYS A 428 7.78 18.87 19.25
N TYR A 429 6.98 18.53 18.24
CA TYR A 429 5.57 18.92 18.26
C TYR A 429 4.83 18.22 19.39
N GLN A 430 3.90 18.94 20.01
CA GLN A 430 3.00 18.31 20.97
C GLN A 430 1.94 17.49 20.23
N SER A 431 1.16 16.74 21.00
CA SER A 431 0.22 15.80 20.41
C SER A 431 -0.95 16.52 19.77
N LEU A 432 -1.71 15.75 18.98
CA LEU A 432 -2.90 16.29 18.31
C LEU A 432 -3.88 16.88 19.32
N ASN A 433 -4.14 16.17 20.42
CA ASN A 433 -5.12 16.63 21.39
C ASN A 433 -4.65 17.88 22.11
N GLU A 434 -3.33 18.06 22.29
CA GLU A 434 -2.84 19.30 22.87
C GLU A 434 -3.12 20.48 21.96
N TYR A 435 -2.96 20.30 20.65
CA TYR A 435 -3.27 21.37 19.71
C TYR A 435 -4.78 21.59 19.58
N ARG A 436 -5.57 20.53 19.75
CA ARG A 436 -7.03 20.70 19.76
C ARG A 436 -7.47 21.51 20.97
N LYS A 437 -6.91 21.22 22.15
CA LYS A 437 -7.22 22.02 23.32
C LYS A 437 -6.76 23.45 23.15
N ARG A 438 -5.56 23.65 22.62
CA ARG A 438 -5.02 24.99 22.40
C ARG A 438 -5.97 25.86 21.58
N PHE A 439 -6.76 25.25 20.68
CA PHE A 439 -7.69 25.97 19.83
C PHE A 439 -9.15 25.72 20.23
N SER A 440 -9.38 25.45 21.51
CA SER A 440 -10.74 25.38 22.08
C SER A 440 -11.57 24.25 21.48
N LEU A 441 -10.92 23.16 21.10
CA LEU A 441 -11.59 22.00 20.55
C LEU A 441 -11.60 20.87 21.56
N LYS A 442 -12.65 20.05 21.52
CA LYS A 442 -12.74 18.91 22.41
C LYS A 442 -11.74 17.83 21.99
N PRO A 443 -10.93 17.32 22.90
CA PRO A 443 -9.96 16.27 22.52
C PRO A 443 -10.66 14.97 22.19
N TYR A 444 -10.15 14.30 21.16
CA TYR A 444 -10.71 13.02 20.76
C TYR A 444 -10.49 11.97 21.85
N THR A 445 -11.53 11.18 22.10
CA THR A 445 -11.48 10.15 23.14
C THR A 445 -11.07 8.79 22.63
N SER A 446 -11.03 8.61 21.31
CA SER A 446 -10.62 7.33 20.72
C SER A 446 -10.23 7.59 19.26
N PHE A 447 -9.54 6.61 18.68
CA PHE A 447 -9.12 6.73 17.29
C PHE A 447 -10.30 6.63 16.32
N GLU A 448 -11.40 5.99 16.74
CA GLU A 448 -12.56 5.87 15.87
C GLU A 448 -13.32 7.19 15.78
N GLU A 449 -13.40 7.93 16.88
CA GLU A 449 -13.98 9.27 16.82
C GLU A 449 -13.17 10.19 15.93
N LEU A 450 -11.84 9.99 15.89
CA LEU A 450 -10.99 10.78 15.01
C LEU A 450 -11.28 10.46 13.55
N THR A 451 -11.17 9.19 13.17
CA THR A 451 -11.27 8.79 11.77
C THR A 451 -12.72 8.67 11.29
N GLY A 452 -13.68 8.50 12.20
CA GLY A 452 -15.04 8.26 11.78
C GLY A 452 -15.25 6.92 11.09
N GLU A 453 -14.30 6.01 11.23
CA GLU A 453 -14.40 4.67 10.64
C GLU A 453 -13.72 3.70 11.59
N LYS A 454 -13.58 2.44 11.15
CA LYS A 454 -13.08 1.38 12.03
C LYS A 454 -11.71 0.84 11.62
N GLU A 455 -11.44 0.73 10.31
CA GLU A 455 -10.23 0.04 9.87
C GLU A 455 -8.98 0.85 10.14
N MET A 456 -8.94 2.10 9.66
CA MET A 456 -7.79 2.95 9.92
C MET A 456 -7.62 3.22 11.41
N ALA A 457 -8.73 3.34 12.14
CA ALA A 457 -8.65 3.54 13.58
C ALA A 457 -8.00 2.36 14.27
N ALA A 458 -8.27 1.15 13.78
CA ALA A 458 -7.65 -0.04 14.36
C ALA A 458 -6.15 -0.06 14.11
N GLU A 459 -5.72 0.30 12.90
CA GLU A 459 -4.30 0.35 12.60
C GLU A 459 -3.61 1.45 13.41
N LEU A 460 -4.25 2.60 13.57
CA LEU A 460 -3.68 3.67 14.37
C LEU A 460 -3.57 3.27 15.83
N LYS A 461 -4.64 2.67 16.38
CA LYS A 461 -4.62 2.27 17.78
C LYS A 461 -3.57 1.19 18.05
N ALA A 462 -3.28 0.35 17.06
CA ALA A 462 -2.22 -0.64 17.22
C ALA A 462 -0.85 0.02 17.21
N LEU A 463 -0.71 1.16 16.51
CA LEU A 463 0.56 1.85 16.41
C LEU A 463 0.79 2.81 17.58
N TYR A 464 -0.20 3.67 17.87
CA TYR A 464 -0.02 4.73 18.87
C TYR A 464 -0.45 4.31 20.27
N SER A 465 -1.26 3.26 20.41
CA SER A 465 -1.76 2.74 21.68
C SER A 465 -2.78 3.67 22.33
N ASP A 466 -2.39 4.91 22.61
CA ASP A 466 -3.25 5.86 23.31
C ASP A 466 -3.53 7.07 22.41
N ILE A 467 -4.78 7.51 22.40
CA ILE A 467 -5.20 8.59 21.51
C ILE A 467 -4.48 9.89 21.84
N ASP A 468 -4.18 10.12 23.11
CA ASP A 468 -3.47 11.34 23.51
C ASP A 468 -2.04 11.38 22.99
N VAL A 469 -1.56 10.32 22.35
CA VAL A 469 -0.23 10.30 21.75
C VAL A 469 -0.28 10.47 20.23
N MET A 470 -1.48 10.62 19.66
CA MET A 470 -1.61 10.78 18.22
C MET A 470 -0.94 12.06 17.75
N GLU A 471 -0.21 11.98 16.64
CA GLU A 471 0.51 13.13 16.12
C GLU A 471 -0.39 14.02 15.29
N LEU A 472 -0.04 15.31 15.21
CA LEU A 472 -0.90 16.28 14.57
C LEU A 472 -1.03 16.02 13.08
N TYR A 473 0.11 15.97 12.36
CA TYR A 473 0.05 15.88 10.90
C TYR A 473 -0.68 14.65 10.40
N PRO A 474 -0.31 13.42 10.78
CA PRO A 474 -1.06 12.27 10.25
C PRO A 474 -2.52 12.26 10.66
N ALA A 475 -2.85 12.84 11.82
CA ALA A 475 -4.24 12.96 12.22
C ALA A 475 -5.03 13.81 11.25
N LEU A 476 -4.41 14.89 10.76
CA LEU A 476 -5.10 15.78 9.83
C LEU A 476 -5.51 15.05 8.55
N LEU A 477 -4.61 14.23 8.01
CA LEU A 477 -4.89 13.59 6.74
C LEU A 477 -5.91 12.47 6.86
N VAL A 478 -5.98 11.82 8.03
CA VAL A 478 -6.89 10.69 8.25
C VAL A 478 -8.10 11.06 9.08
N GLU A 479 -8.27 12.33 9.44
CA GLU A 479 -9.42 12.74 10.23
C GLU A 479 -10.71 12.57 9.46
N LYS A 480 -11.78 12.25 10.18
CA LYS A 480 -13.11 12.22 9.59
C LYS A 480 -13.45 13.58 9.00
N PRO A 481 -13.78 13.67 7.71
CA PRO A 481 -14.11 14.97 7.13
C PRO A 481 -15.49 15.44 7.57
N ARG A 482 -15.70 16.75 7.44
CA ARG A 482 -17.05 17.29 7.49
C ARG A 482 -17.87 16.70 6.34
N PRO A 483 -19.21 16.67 6.46
CA PRO A 483 -20.02 16.03 5.42
C PRO A 483 -19.71 16.51 4.01
N ASP A 484 -19.17 15.59 3.19
CA ASP A 484 -18.82 15.87 1.80
C ASP A 484 -17.82 17.02 1.69
N ALA A 485 -16.95 17.16 2.68
CA ALA A 485 -15.95 18.23 2.71
C ALA A 485 -14.56 17.66 2.52
N ILE A 486 -13.60 18.57 2.36
CA ILE A 486 -12.22 18.19 2.07
C ILE A 486 -11.40 18.09 3.35
N PHE A 487 -11.77 18.84 4.39
CA PHE A 487 -11.02 18.90 5.63
C PHE A 487 -11.88 18.42 6.80
N GLY A 488 -11.20 18.01 7.86
CA GLY A 488 -11.84 17.74 9.13
C GLY A 488 -11.97 18.99 9.97
N GLU A 489 -12.30 18.79 11.24
CA GLU A 489 -12.46 19.92 12.15
C GLU A 489 -11.12 20.52 12.56
N THR A 490 -10.11 19.67 12.77
CA THR A 490 -8.80 20.15 13.20
C THR A 490 -8.15 21.02 12.14
N MET A 491 -8.28 20.64 10.86
CA MET A 491 -7.66 21.39 9.78
C MET A 491 -8.22 22.80 9.69
N VAL A 492 -9.54 22.95 9.79
CA VAL A 492 -10.16 24.25 9.63
C VAL A 492 -9.95 25.12 10.86
N GLU A 493 -10.20 24.58 12.05
CA GLU A 493 -10.17 25.38 13.27
C GLU A 493 -8.76 25.81 13.66
N LEU A 494 -7.73 25.10 13.20
CA LEU A 494 -6.36 25.51 13.46
C LEU A 494 -5.79 26.36 12.34
N GLY A 495 -6.17 26.10 11.09
CA GLY A 495 -5.61 26.84 9.98
C GLY A 495 -6.28 28.17 9.71
N ALA A 496 -7.56 28.29 10.05
CA ALA A 496 -8.25 29.57 9.83
C ALA A 496 -7.66 30.72 10.63
N PRO A 497 -7.29 30.57 11.92
CA PRO A 497 -6.67 31.71 12.61
C PRO A 497 -5.31 32.08 12.05
N PHE A 498 -4.51 31.10 11.64
CA PHE A 498 -3.23 31.40 11.00
C PHE A 498 -3.45 32.07 9.64
N SER A 499 -4.37 31.51 8.85
CA SER A 499 -4.64 32.06 7.52
C SER A 499 -5.18 33.48 7.60
N LEU A 500 -5.98 33.78 8.63
CA LEU A 500 -6.57 35.11 8.76
C LEU A 500 -5.55 36.13 9.21
N LYS A 501 -4.67 35.75 10.15
CA LYS A 501 -3.67 36.68 10.65
C LYS A 501 -2.64 37.02 9.60
N GLY A 502 -2.42 36.13 8.64
CA GLY A 502 -1.47 36.39 7.56
C GLY A 502 -2.03 37.21 6.42
N LEU A 503 -3.36 37.24 6.26
CA LEU A 503 -3.99 38.02 5.22
C LEU A 503 -4.38 39.41 5.69
N MET A 504 -5.11 39.50 6.82
CA MET A 504 -5.49 40.80 7.34
C MET A 504 -4.36 41.49 8.10
N GLY A 505 -3.43 40.71 8.65
CA GLY A 505 -2.29 41.28 9.34
C GLY A 505 -1.32 42.03 8.44
N ASN A 506 -1.53 42.01 7.13
CA ASN A 506 -0.67 42.73 6.21
C ASN A 506 -0.83 44.24 6.44
N PRO A 507 0.25 45.01 6.32
CA PRO A 507 0.16 46.45 6.58
C PRO A 507 -0.78 47.18 5.64
N ILE A 508 -1.02 46.66 4.43
CA ILE A 508 -1.90 47.37 3.50
C ILE A 508 -3.34 47.40 4.00
N CYS A 509 -3.69 46.55 4.95
CA CYS A 509 -5.03 46.55 5.54
C CYS A 509 -5.17 47.50 6.70
N SER A 510 -4.08 48.13 7.14
CA SER A 510 -4.13 49.07 8.24
C SER A 510 -4.72 50.41 7.76
N PRO A 511 -5.40 51.14 8.66
CA PRO A 511 -6.12 52.35 8.23
C PRO A 511 -5.26 53.38 7.51
N GLN A 512 -4.00 53.53 7.88
CA GLN A 512 -3.14 54.50 7.19
C GLN A 512 -2.77 54.05 5.79
N TYR A 513 -2.81 52.74 5.51
CA TYR A 513 -2.48 52.23 4.18
C TYR A 513 -3.70 52.06 3.30
N TRP A 514 -4.85 51.68 3.88
CA TRP A 514 -6.03 51.31 3.10
C TRP A 514 -6.77 52.58 2.67
N LYS A 515 -6.27 53.17 1.58
CA LYS A 515 -6.87 54.38 1.01
C LYS A 515 -6.46 54.47 -0.45
N PRO A 516 -7.26 55.13 -1.29
CA PRO A 516 -6.97 55.12 -2.74
C PRO A 516 -5.60 55.65 -3.11
N SER A 517 -5.14 56.72 -2.47
CA SER A 517 -3.86 57.33 -2.84
C SER A 517 -2.68 56.38 -2.65
N THR A 518 -2.82 55.37 -1.79
CA THR A 518 -1.77 54.36 -1.65
C THR A 518 -1.60 53.56 -2.93
N PHE A 519 -2.66 53.37 -3.71
CA PHE A 519 -2.64 52.55 -4.91
C PHE A 519 -2.79 53.37 -6.18
N GLY A 520 -2.38 54.64 -6.14
CA GLY A 520 -2.43 55.48 -7.33
C GLY A 520 -3.79 56.06 -7.66
N GLY A 521 -4.64 56.24 -6.66
CA GLY A 521 -5.97 56.80 -6.88
C GLY A 521 -7.04 55.73 -6.92
N GLU A 522 -8.26 56.19 -7.21
CA GLU A 522 -9.43 55.31 -7.21
C GLU A 522 -9.38 54.25 -8.30
N VAL A 523 -8.61 54.48 -9.37
CA VAL A 523 -8.54 53.48 -10.44
C VAL A 523 -7.77 52.25 -9.97
N GLY A 524 -6.65 52.46 -9.29
CA GLY A 524 -5.93 51.32 -8.71
C GLY A 524 -6.66 50.71 -7.53
N PHE A 525 -7.39 51.53 -6.76
CA PHE A 525 -8.17 51.00 -5.66
C PHE A 525 -9.27 50.08 -6.16
N LYS A 526 -9.83 50.37 -7.33
CA LYS A 526 -10.86 49.52 -7.91
C LYS A 526 -10.28 48.20 -8.41
N ILE A 527 -9.00 48.19 -8.79
CA ILE A 527 -8.38 46.96 -9.24
C ILE A 527 -8.35 45.92 -8.12
N ILE A 528 -8.10 46.37 -6.89
CA ILE A 528 -8.05 45.45 -5.76
C ILE A 528 -9.46 45.00 -5.37
N ASN A 529 -10.39 45.96 -5.29
CA ASN A 529 -11.73 45.66 -4.78
C ASN A 529 -12.61 44.93 -5.78
N THR A 530 -12.18 44.78 -7.03
CA THR A 530 -12.90 44.00 -8.02
C THR A 530 -12.08 42.80 -8.51
N ALA A 531 -11.04 42.43 -7.77
CA ALA A 531 -10.19 41.32 -8.17
C ALA A 531 -10.90 39.98 -7.96
N SER A 532 -10.57 39.03 -8.84
CA SER A 532 -11.13 37.69 -8.76
C SER A 532 -10.25 36.78 -9.60
N ILE A 533 -10.30 35.47 -9.28
CA ILE A 533 -9.53 34.51 -10.07
C ILE A 533 -10.04 34.49 -11.50
N GLN A 534 -11.34 34.72 -11.72
CA GLN A 534 -11.87 34.78 -13.06
C GLN A 534 -11.32 35.97 -13.83
N SER A 535 -11.29 37.15 -13.20
CA SER A 535 -10.79 38.34 -13.87
C SER A 535 -9.27 38.31 -14.02
N LEU A 536 -8.57 37.62 -13.11
CA LEU A 536 -7.12 37.49 -13.25
C LEU A 536 -6.76 36.69 -14.50
N ILE A 537 -7.46 35.58 -14.74
CA ILE A 537 -7.19 34.77 -15.93
C ILE A 537 -7.69 35.48 -17.18
N CYS A 538 -8.86 36.12 -17.10
CA CYS A 538 -9.44 36.75 -18.28
C CYS A 538 -8.58 37.90 -18.79
N ASN A 539 -7.87 38.59 -17.90
CA ASN A 539 -7.07 39.73 -18.30
C ASN A 539 -5.68 39.34 -18.82
N ASN A 540 -5.18 38.16 -18.48
CA ASN A 540 -3.81 37.79 -18.79
C ASN A 540 -3.66 36.52 -19.61
N VAL A 541 -4.72 35.74 -19.80
CA VAL A 541 -4.66 34.52 -20.61
C VAL A 541 -5.49 34.74 -21.86
N LYS A 542 -4.92 34.40 -23.02
CA LYS A 542 -5.57 34.66 -24.29
C LYS A 542 -6.89 33.91 -24.40
N GLY A 543 -7.88 34.56 -25.01
CA GLY A 543 -9.20 33.99 -25.17
C GLY A 543 -10.15 34.21 -24.01
N CYS A 544 -9.65 34.69 -22.87
CA CYS A 544 -10.43 34.84 -21.64
C CYS A 544 -11.16 33.53 -21.34
N PRO A 545 -10.45 32.47 -20.99
CA PRO A 545 -11.13 31.20 -20.71
C PRO A 545 -11.75 31.21 -19.33
N PHE A 546 -12.95 30.65 -19.24
CA PHE A 546 -13.61 30.50 -17.95
C PHE A 546 -12.77 29.63 -17.03
N THR A 547 -12.54 30.11 -15.82
CA THR A 547 -11.82 29.33 -14.81
C THR A 547 -12.53 29.48 -13.48
N SER A 548 -12.17 28.60 -12.55
CA SER A 548 -12.76 28.55 -11.21
C SER A 548 -11.96 27.57 -10.38
N PHE A 549 -12.26 27.54 -9.09
CA PHE A 549 -11.64 26.58 -8.18
C PHE A 549 -12.49 25.32 -8.01
N ASN A 550 -13.59 25.20 -8.75
N ASN A 550 -13.58 25.20 -8.76
CA ASN A 550 -14.46 24.04 -8.66
CA ASN A 550 -14.48 24.05 -8.67
C ASN A 550 -14.71 23.50 -10.06
C ASN A 550 -14.74 23.50 -10.06
N VAL A 551 -14.95 22.19 -10.13
CA VAL A 551 -15.22 21.53 -11.40
C VAL A 551 -16.70 21.72 -11.76
N GLN A 552 -16.97 21.81 -13.06
CA GLN A 552 -18.34 22.00 -13.53
C GLN A 552 -19.04 20.66 -13.73
N ALA B 1 8.80 70.46 -10.39
CA ALA B 1 7.77 70.12 -11.35
C ALA B 1 6.68 69.27 -10.71
N ASN B 2 7.00 68.66 -9.58
CA ASN B 2 6.03 67.85 -8.85
C ASN B 2 4.92 68.74 -8.32
N PRO B 3 3.66 68.50 -8.68
CA PRO B 3 2.57 69.38 -8.21
C PRO B 3 2.29 69.29 -6.72
N CYS B 4 3.00 68.44 -5.98
CA CYS B 4 2.82 68.32 -4.54
C CYS B 4 3.94 68.99 -3.75
N CYS B 5 4.84 69.72 -4.42
CA CYS B 5 5.96 70.34 -3.74
C CYS B 5 5.51 71.41 -2.74
N SER B 6 4.36 72.03 -2.99
CA SER B 6 3.82 73.05 -2.08
C SER B 6 3.16 72.44 -0.85
N ASN B 7 3.17 71.12 -0.71
CA ASN B 7 2.51 70.42 0.38
C ASN B 7 1.05 70.89 0.53
N PRO B 8 0.25 70.80 -0.53
CA PRO B 8 -1.06 71.46 -0.50
C PRO B 8 -2.06 70.83 0.46
N CYS B 9 -2.01 69.51 0.65
CA CYS B 9 -3.02 68.84 1.46
C CYS B 9 -2.79 69.13 2.94
N GLN B 10 -3.86 69.49 3.63
CA GLN B 10 -3.81 69.80 5.06
C GLN B 10 -4.42 68.66 5.87
N ASN B 11 -4.13 68.68 7.18
CA ASN B 11 -4.73 67.75 8.14
C ASN B 11 -4.43 66.30 7.80
N ARG B 12 -3.17 66.04 7.44
CA ARG B 12 -2.61 64.72 7.15
C ARG B 12 -3.19 64.07 5.90
N GLY B 13 -4.01 64.77 5.12
CA GLY B 13 -4.38 64.25 3.83
C GLY B 13 -3.16 64.05 2.94
N GLU B 14 -3.24 63.03 2.10
CA GLU B 14 -2.08 62.59 1.32
C GLU B 14 -2.16 63.15 -0.10
N CYS B 15 -1.06 63.74 -0.56
CA CYS B 15 -1.01 64.34 -1.88
C CYS B 15 -0.60 63.30 -2.91
N MET B 16 -1.23 63.36 -4.09
CA MET B 16 -0.90 62.49 -5.20
C MET B 16 -0.98 63.28 -6.48
N SER B 17 0.05 63.14 -7.31
CA SER B 17 0.05 63.80 -8.61
C SER B 17 -0.91 63.09 -9.55
N THR B 18 -1.75 63.88 -10.24
CA THR B 18 -2.68 63.33 -11.23
C THR B 18 -2.38 63.93 -12.59
N GLY B 19 -1.11 63.95 -12.97
CA GLY B 19 -0.68 64.60 -14.18
C GLY B 19 0.61 65.37 -13.96
N PHE B 20 1.11 66.04 -14.99
CA PHE B 20 2.38 66.75 -14.87
C PHE B 20 2.26 68.01 -14.04
N ASP B 21 1.06 68.57 -13.89
CA ASP B 21 0.89 69.79 -13.11
C ASP B 21 -0.37 69.79 -12.26
N GLN B 22 -0.99 68.63 -12.03
CA GLN B 22 -2.21 68.53 -11.26
C GLN B 22 -2.01 67.55 -10.10
N TYR B 23 -2.69 67.83 -8.99
CA TYR B 23 -2.62 66.99 -7.80
C TYR B 23 -4.02 66.73 -7.27
N LYS B 24 -4.12 65.76 -6.37
CA LYS B 24 -5.36 65.44 -5.67
C LYS B 24 -5.03 65.01 -4.25
N CYS B 25 -5.85 65.47 -3.30
CA CYS B 25 -5.68 65.11 -1.89
C CYS B 25 -6.64 64.00 -1.51
N ASP B 26 -6.11 63.03 -0.77
CA ASP B 26 -6.89 61.90 -0.25
C ASP B 26 -7.18 62.19 1.22
N CYS B 27 -8.40 62.65 1.50
CA CYS B 27 -8.80 63.00 2.87
C CYS B 27 -9.48 61.84 3.58
N THR B 28 -9.05 60.61 3.35
CA THR B 28 -9.68 59.44 3.95
C THR B 28 -9.40 59.41 5.45
N ARG B 29 -10.47 59.39 6.25
CA ARG B 29 -10.39 59.27 7.71
C ARG B 29 -9.53 60.39 8.32
N THR B 30 -9.64 61.59 7.76
CA THR B 30 -8.96 62.75 8.31
C THR B 30 -9.88 63.67 9.09
N GLY B 31 -11.20 63.46 9.01
CA GLY B 31 -12.16 64.38 9.56
C GLY B 31 -12.44 65.59 8.69
N PHE B 32 -11.70 65.77 7.61
CA PHE B 32 -11.87 66.89 6.70
C PHE B 32 -12.14 66.37 5.29
N TYR B 33 -12.69 67.25 4.45
CA TYR B 33 -12.87 66.97 3.03
C TYR B 33 -12.59 68.25 2.26
N GLY B 34 -12.76 68.20 0.96
CA GLY B 34 -12.46 69.32 0.09
C GLY B 34 -11.20 69.08 -0.72
N GLU B 35 -10.80 70.12 -1.45
CA GLU B 35 -9.69 69.99 -2.39
C GLU B 35 -8.38 69.68 -1.66
N ASN B 36 -8.02 70.49 -0.66
CA ASN B 36 -6.82 70.26 0.13
C ASN B 36 -7.14 69.88 1.57
N CYS B 37 -8.24 69.15 1.76
CA CYS B 37 -8.66 68.61 3.06
C CYS B 37 -8.70 69.70 4.14
N THR B 38 -9.49 70.73 3.88
CA THR B 38 -9.61 71.87 4.79
C THR B 38 -11.02 72.13 5.26
N THR B 39 -12.04 71.49 4.67
CA THR B 39 -13.42 71.68 5.09
C THR B 39 -13.76 70.67 6.18
N PRO B 40 -13.98 71.10 7.42
CA PRO B 40 -14.20 70.13 8.50
C PRO B 40 -15.62 69.56 8.48
N GLU B 41 -15.73 68.33 8.96
CA GLU B 41 -17.03 67.70 9.12
C GLU B 41 -17.65 68.14 10.44
N PHE B 42 -18.87 67.66 10.71
CA PHE B 42 -19.60 68.09 11.89
C PHE B 42 -18.93 67.61 13.17
N LEU B 43 -18.54 66.33 13.21
CA LEU B 43 -17.78 65.83 14.35
C LEU B 43 -16.43 66.51 14.47
N THR B 44 -15.86 66.95 13.33
CA THR B 44 -14.58 67.65 13.37
C THR B 44 -14.75 69.06 13.92
N ARG B 45 -15.84 69.74 13.56
CA ARG B 45 -16.11 71.06 14.12
C ARG B 45 -16.35 70.99 15.62
N ILE B 46 -16.90 69.88 16.11
CA ILE B 46 -17.13 69.74 17.54
C ILE B 46 -15.84 69.46 18.28
N LYS B 47 -15.00 68.56 17.74
CA LYS B 47 -13.73 68.26 18.39
C LYS B 47 -12.78 69.45 18.36
N LEU B 48 -12.77 70.19 17.25
CA LEU B 48 -11.92 71.38 17.17
C LEU B 48 -12.43 72.49 18.07
N LEU B 49 -13.69 72.45 18.49
CA LEU B 49 -14.25 73.40 19.43
C LEU B 49 -14.15 72.94 20.88
N LEU B 50 -13.66 71.72 21.11
CA LEU B 50 -13.56 71.18 22.47
C LEU B 50 -12.16 70.72 22.85
N LYS B 51 -11.26 70.51 21.89
CA LYS B 51 -9.92 70.04 22.22
C LYS B 51 -9.09 71.19 22.78
N PRO B 52 -8.45 71.01 23.93
CA PRO B 52 -7.59 72.06 24.47
C PRO B 52 -6.22 72.07 23.80
N THR B 53 -5.59 73.24 23.82
CA THR B 53 -4.28 73.39 23.24
C THR B 53 -3.24 72.63 24.07
N PRO B 54 -2.12 72.22 23.45
CA PRO B 54 -1.09 71.52 24.23
C PRO B 54 -0.53 72.33 25.38
N ASN B 55 -0.39 73.65 25.20
CA ASN B 55 0.13 74.48 26.28
C ASN B 55 -0.86 74.59 27.44
N THR B 56 -2.16 74.50 27.15
CA THR B 56 -3.15 74.50 28.23
C THR B 56 -3.04 73.23 29.07
N VAL B 57 -2.88 72.08 28.42
CA VAL B 57 -2.76 70.83 29.16
C VAL B 57 -1.45 70.78 29.93
N HIS B 58 -0.39 71.36 29.36
CA HIS B 58 0.88 71.44 30.07
C HIS B 58 0.74 72.30 31.33
N TYR B 59 -0.05 73.36 31.27
CA TYR B 59 -0.27 74.21 32.43
C TYR B 59 -1.03 73.45 33.52
N ILE B 60 -2.10 72.75 33.14
CA ILE B 60 -2.90 72.02 34.11
C ILE B 60 -2.08 70.92 34.78
N LEU B 61 -1.16 70.31 34.04
CA LEU B 61 -0.35 69.22 34.58
C LEU B 61 0.81 69.71 35.45
N THR B 62 1.27 70.94 35.23
CA THR B 62 2.37 71.51 36.01
C THR B 62 1.90 72.44 37.12
N HIS B 63 0.60 72.68 37.22
CA HIS B 63 0.01 73.48 38.28
C HIS B 63 -1.04 72.64 39.02
N PHE B 64 -1.70 73.27 39.98
CA PHE B 64 -2.67 72.60 40.85
C PHE B 64 -2.02 71.41 41.56
N LYS B 65 -0.92 71.71 42.26
CA LYS B 65 -0.12 70.65 42.87
C LYS B 65 -0.91 69.90 43.94
N GLY B 66 -1.70 70.62 44.74
CA GLY B 66 -2.48 69.97 45.77
C GLY B 66 -3.49 68.98 45.22
N VAL B 67 -4.10 69.31 44.08
CA VAL B 67 -5.07 68.41 43.46
C VAL B 67 -4.39 67.14 42.98
N TRP B 68 -3.23 67.29 42.31
CA TRP B 68 -2.48 66.12 41.88
C TRP B 68 -2.00 65.30 43.06
N ASN B 69 -1.78 65.93 44.21
CA ASN B 69 -1.40 65.20 45.41
C ASN B 69 -2.53 64.30 45.89
N ILE B 70 -3.77 64.65 45.57
CA ILE B 70 -4.91 63.78 45.91
C ILE B 70 -5.10 62.72 44.83
N VAL B 71 -4.94 63.09 43.56
CA VAL B 71 -5.15 62.15 42.47
C VAL B 71 -4.07 61.06 42.49
N ASN B 72 -2.84 61.42 42.84
CA ASN B 72 -1.75 60.45 42.85
C ASN B 72 -1.98 59.32 43.84
N ASN B 73 -2.83 59.51 44.83
CA ASN B 73 -3.10 58.50 45.85
C ASN B 73 -4.43 57.80 45.65
N ILE B 74 -5.16 58.11 44.58
CA ILE B 74 -6.38 57.39 44.22
C ILE B 74 -6.05 56.49 43.04
N PRO B 75 -5.82 55.19 43.26
CA PRO B 75 -5.31 54.34 42.17
C PRO B 75 -6.21 54.29 40.94
N PHE B 76 -7.53 54.33 41.10
CA PHE B 76 -8.41 54.34 39.94
C PHE B 76 -8.28 55.63 39.16
N LEU B 77 -8.24 56.77 39.87
CA LEU B 77 -8.16 58.05 39.18
C LEU B 77 -6.79 58.24 38.52
N ARG B 78 -5.72 57.79 39.17
CA ARG B 78 -4.40 57.90 38.57
C ARG B 78 -4.28 57.03 37.32
N SER B 79 -4.78 55.79 37.39
CA SER B 79 -4.77 54.93 36.22
C SER B 79 -5.63 55.50 35.10
N LEU B 80 -6.76 56.13 35.46
CA LEU B 80 -7.63 56.71 34.45
C LEU B 80 -6.95 57.86 33.72
N ILE B 81 -6.23 58.71 34.45
CA ILE B 81 -5.55 59.84 33.83
C ILE B 81 -4.35 59.36 33.00
N MET B 82 -3.59 58.39 33.53
CA MET B 82 -2.48 57.83 32.76
C MET B 82 -2.98 57.15 31.49
N LYS B 83 -4.18 56.56 31.54
CA LYS B 83 -4.78 55.98 30.35
C LYS B 83 -5.01 57.04 29.28
N TYR B 84 -5.56 58.19 29.68
CA TYR B 84 -5.78 59.29 28.74
C TYR B 84 -4.46 59.80 28.17
N VAL B 85 -3.40 59.81 29.00
CA VAL B 85 -2.10 60.26 28.52
C VAL B 85 -1.57 59.33 27.44
N LEU B 86 -1.71 58.02 27.65
CA LEU B 86 -1.18 57.06 26.68
C LEU B 86 -1.98 57.07 25.38
N THR B 87 -3.31 57.18 25.48
CA THR B 87 -4.15 57.06 24.29
C THR B 87 -4.11 58.33 23.44
N SER B 88 -4.06 59.50 24.07
CA SER B 88 -4.05 60.75 23.31
C SER B 88 -2.74 60.94 22.55
N ARG B 89 -1.63 60.45 23.10
CA ARG B 89 -0.34 60.57 22.43
C ARG B 89 -0.11 59.50 21.37
N SER B 90 -0.80 58.35 21.48
CA SER B 90 -0.57 57.25 20.55
C SER B 90 -1.10 57.55 19.17
N TYR B 91 -2.19 58.31 19.08
CA TYR B 91 -2.93 58.59 17.86
C TYR B 91 -2.11 59.34 16.80
N LEU B 92 -0.85 59.72 17.06
CA LEU B 92 -0.12 60.61 16.17
C LEU B 92 0.94 59.91 15.31
N ILE B 93 1.34 58.69 15.66
CA ILE B 93 2.41 57.99 14.96
C ILE B 93 1.81 56.98 14.00
N ASP B 94 2.36 56.92 12.79
CA ASP B 94 1.95 55.95 11.78
C ASP B 94 2.49 54.57 12.15
N SER B 95 1.59 53.65 12.45
CA SER B 95 2.01 52.29 12.78
C SER B 95 1.00 51.30 12.19
N PRO B 96 1.40 50.44 11.24
CA PRO B 96 2.72 50.22 10.63
C PRO B 96 3.32 51.45 9.94
N PRO B 97 4.65 51.50 9.83
CA PRO B 97 5.31 52.73 9.33
C PRO B 97 5.01 52.96 7.86
N THR B 98 5.39 54.15 7.40
CA THR B 98 5.09 54.57 6.03
C THR B 98 6.35 54.97 5.27
N TYR B 99 6.71 56.25 5.32
CA TYR B 99 7.77 56.79 4.47
C TYR B 99 9.15 56.62 5.09
N ASN B 100 10.17 56.82 4.27
CA ASN B 100 11.55 56.89 4.73
C ASN B 100 12.27 57.92 3.86
N VAL B 101 13.61 57.91 3.93
CA VAL B 101 14.40 58.94 3.26
C VAL B 101 14.34 58.84 1.74
N HIS B 102 13.94 57.69 1.20
CA HIS B 102 13.93 57.49 -0.24
C HIS B 102 12.53 57.35 -0.84
N TYR B 103 11.47 57.38 -0.03
CA TYR B 103 10.13 57.12 -0.53
C TYR B 103 9.15 58.13 0.06
N GLY B 104 8.73 59.09 -0.75
CA GLY B 104 7.64 59.98 -0.39
C GLY B 104 6.26 59.40 -0.62
N TYR B 105 6.20 58.25 -1.29
CA TYR B 105 4.97 57.48 -1.43
C TYR B 105 5.14 56.17 -0.68
N LYS B 106 4.02 55.61 -0.23
CA LYS B 106 4.05 54.32 0.45
C LYS B 106 4.50 53.24 -0.54
N SER B 107 5.44 52.41 -0.11
CA SER B 107 5.96 51.34 -0.94
C SER B 107 6.30 50.16 -0.05
N TRP B 108 6.35 48.97 -0.65
CA TRP B 108 6.71 47.79 0.14
C TRP B 108 8.17 47.83 0.56
N GLU B 109 9.04 48.45 -0.24
CA GLU B 109 10.42 48.64 0.17
C GLU B 109 10.50 49.53 1.41
N ALA B 110 9.65 50.58 1.46
CA ALA B 110 9.66 51.48 2.60
C ALA B 110 9.22 50.76 3.88
N PHE B 111 8.27 49.84 3.76
CA PHE B 111 7.78 49.14 4.96
C PHE B 111 8.69 47.99 5.35
N SER B 112 9.25 47.28 4.38
CA SER B 112 9.92 46.01 4.70
C SER B 112 11.37 46.23 5.09
N ASN B 113 12.08 47.13 4.39
CA ASN B 113 13.51 47.31 4.58
C ASN B 113 13.76 47.94 5.94
N LEU B 114 14.18 47.11 6.91
CA LEU B 114 14.38 47.55 8.29
C LEU B 114 15.66 48.37 8.48
N SER B 115 16.50 48.50 7.45
CA SER B 115 17.70 49.31 7.60
C SER B 115 17.41 50.80 7.63
N TYR B 116 16.26 51.22 7.11
CA TYR B 116 15.90 52.63 7.08
C TYR B 116 15.40 53.11 8.44
N TYR B 117 15.61 54.40 8.69
CA TYR B 117 14.75 55.13 9.62
C TYR B 117 13.45 55.45 8.91
N THR B 118 12.33 55.33 9.63
CA THR B 118 11.07 55.77 9.05
C THR B 118 10.96 57.29 9.17
N ARG B 119 9.89 57.85 8.62
CA ARG B 119 9.72 59.29 8.58
C ARG B 119 8.29 59.67 8.94
N ALA B 120 8.16 60.60 9.90
CA ALA B 120 6.83 61.11 10.25
C ALA B 120 6.26 61.98 9.13
N LEU B 121 7.12 62.64 8.37
CA LEU B 121 6.73 63.38 7.18
C LEU B 121 7.57 62.90 6.00
N PRO B 122 6.97 62.79 4.81
CA PRO B 122 7.72 62.33 3.64
C PRO B 122 8.82 63.33 3.29
N PRO B 123 9.87 62.88 2.61
CA PRO B 123 10.92 63.81 2.18
C PRO B 123 10.42 64.71 1.06
N VAL B 124 11.12 65.83 0.90
CA VAL B 124 10.84 66.73 -0.21
C VAL B 124 11.33 66.10 -1.50
N ALA B 125 10.49 66.11 -2.52
CA ALA B 125 10.88 65.54 -3.81
C ALA B 125 12.09 66.26 -4.37
N ASP B 126 12.96 65.49 -5.04
CA ASP B 126 14.22 66.03 -5.55
C ASP B 126 14.03 67.04 -6.68
N ASP B 127 12.84 67.11 -7.29
CA ASP B 127 12.58 68.01 -8.39
C ASP B 127 11.78 69.24 -7.96
N CYS B 128 11.72 69.52 -6.66
CA CYS B 128 11.06 70.73 -6.20
C CYS B 128 11.98 71.93 -6.39
N PRO B 129 11.41 73.10 -6.70
CA PRO B 129 12.26 74.27 -7.02
C PRO B 129 13.06 74.78 -5.83
N THR B 130 12.60 74.57 -4.61
CA THR B 130 13.30 75.02 -3.41
C THR B 130 13.57 73.82 -2.49
N PRO B 131 14.52 73.95 -1.56
CA PRO B 131 14.79 72.82 -0.64
C PRO B 131 13.59 72.44 0.21
N MET B 132 12.73 73.39 0.55
CA MET B 132 11.54 73.11 1.36
C MET B 132 10.29 72.88 0.52
N GLY B 133 10.40 72.98 -0.81
CA GLY B 133 9.25 72.81 -1.67
C GLY B 133 9.10 73.91 -2.69
N VAL B 134 8.40 74.98 -2.32
CA VAL B 134 8.15 76.09 -3.24
C VAL B 134 8.41 77.42 -2.53
N LYS B 135 8.96 77.36 -1.32
CA LYS B 135 9.20 78.55 -0.52
C LYS B 135 10.68 78.70 -0.23
N GLY B 136 11.13 79.95 -0.14
CA GLY B 136 12.51 80.25 0.18
C GLY B 136 13.39 80.37 -1.05
N ASN B 137 14.66 80.63 -0.79
CA ASN B 137 15.64 80.74 -1.86
C ASN B 137 16.00 79.35 -2.39
N LYS B 138 16.79 79.35 -3.48
CA LYS B 138 17.21 78.08 -4.07
C LYS B 138 18.06 77.27 -3.10
N GLU B 139 18.75 77.93 -2.17
CA GLU B 139 19.59 77.28 -1.20
C GLU B 139 19.27 77.79 0.20
N LEU B 140 19.29 76.89 1.18
CA LEU B 140 19.09 77.26 2.56
C LEU B 140 20.29 78.04 3.08
N PRO B 141 20.12 78.80 4.17
CA PRO B 141 21.24 79.63 4.67
C PRO B 141 22.42 78.79 5.13
N ASP B 142 23.57 79.46 5.21
CA ASP B 142 24.81 78.81 5.61
C ASP B 142 24.67 78.13 6.97
N SER B 143 24.90 76.82 7.00
CA SER B 143 24.77 76.09 8.25
C SER B 143 25.77 76.57 9.29
N LYS B 144 26.97 76.97 8.85
CA LYS B 144 27.95 77.56 9.77
C LYS B 144 27.45 78.90 10.30
N GLU B 145 26.73 79.67 9.46
CA GLU B 145 26.16 80.93 9.92
C GLU B 145 25.07 80.69 10.95
N VAL B 146 24.24 79.67 10.74
CA VAL B 146 23.21 79.33 11.72
C VAL B 146 23.84 78.80 13.00
N LEU B 147 24.81 77.90 12.86
CA LEU B 147 25.47 77.31 14.02
C LEU B 147 26.11 78.37 14.90
N GLU B 148 26.81 79.33 14.29
CA GLU B 148 27.56 80.31 15.05
C GLU B 148 26.70 81.44 15.60
N LYS B 149 25.53 81.71 15.01
CA LYS B 149 24.76 82.86 15.42
C LYS B 149 23.70 82.55 16.46
N VAL B 150 23.08 81.36 16.40
CA VAL B 150 21.97 81.03 17.29
C VAL B 150 22.19 79.73 18.06
N LEU B 151 23.31 79.05 17.87
CA LEU B 151 23.52 77.77 18.53
C LEU B 151 24.73 77.72 19.44
N LEU B 152 25.87 78.27 19.01
CA LEU B 152 27.09 78.16 19.80
C LEU B 152 26.93 78.86 21.14
N ARG B 153 27.43 78.20 22.19
CA ARG B 153 27.27 78.68 23.56
C ARG B 153 28.33 79.73 23.87
N ARG B 154 27.88 80.96 24.16
CA ARG B 154 28.82 81.98 24.63
C ARG B 154 29.09 81.79 26.11
N GLU B 155 28.05 81.75 26.92
CA GLU B 155 28.14 81.50 28.35
C GLU B 155 27.19 80.38 28.71
N PHE B 156 27.64 79.48 29.59
CA PHE B 156 26.85 78.31 29.94
C PHE B 156 25.52 78.70 30.55
N ILE B 157 24.45 78.11 30.03
CA ILE B 157 23.09 78.37 30.48
C ILE B 157 22.59 77.13 31.22
N PRO B 158 22.50 77.16 32.55
CA PRO B 158 22.08 75.97 33.29
C PRO B 158 20.61 75.66 33.08
N ASP B 159 20.27 74.39 33.19
CA ASP B 159 18.89 73.96 33.01
C ASP B 159 18.04 74.38 34.21
N PRO B 160 16.96 75.13 34.00
CA PRO B 160 16.14 75.55 35.15
C PRO B 160 15.39 74.42 35.82
N GLN B 161 15.18 73.29 35.14
CA GLN B 161 14.58 72.12 35.79
C GLN B 161 15.61 71.32 36.59
N GLY B 162 16.85 71.76 36.64
CA GLY B 162 17.84 71.15 37.51
C GLY B 162 18.38 69.82 37.05
N SER B 163 18.23 69.48 35.77
CA SER B 163 18.76 68.23 35.25
C SER B 163 20.27 68.14 35.53
N ASN B 164 20.69 66.98 36.01
CA ASN B 164 22.09 66.75 36.34
C ASN B 164 22.75 65.90 35.26
N MET B 165 24.03 65.59 35.46
CA MET B 165 24.75 64.76 34.51
C MET B 165 24.36 63.29 34.59
N MET B 166 23.81 62.85 35.73
CA MET B 166 23.20 61.52 35.78
C MET B 166 22.07 61.41 34.76
N PHE B 167 21.29 62.49 34.59
CA PHE B 167 20.24 62.50 33.59
C PHE B 167 20.83 62.60 32.18
N ALA B 168 21.80 63.49 31.99
CA ALA B 168 22.38 63.69 30.67
C ALA B 168 23.02 62.40 30.14
N PHE B 169 23.76 61.70 31.00
CA PHE B 169 24.38 60.46 30.57
C PHE B 169 23.39 59.30 30.50
N PHE B 170 22.32 59.35 31.29
CA PHE B 170 21.28 58.33 31.14
C PHE B 170 20.57 58.50 29.81
N ALA B 171 20.24 59.74 29.44
CA ALA B 171 19.66 60.01 28.13
C ALA B 171 20.57 59.53 27.01
N GLN B 172 21.86 59.87 27.09
CA GLN B 172 22.79 59.46 26.05
C GLN B 172 22.90 57.94 25.98
N HIS B 173 23.02 57.29 27.13
CA HIS B 173 23.17 55.83 27.17
C HIS B 173 21.91 55.14 26.66
N PHE B 174 20.75 55.54 27.17
CA PHE B 174 19.50 54.87 26.82
C PHE B 174 19.16 55.03 25.35
N THR B 175 19.26 56.26 24.84
CA THR B 175 18.84 56.50 23.45
C THR B 175 19.80 55.89 22.45
N HIS B 176 21.06 55.71 22.82
CA HIS B 176 22.06 55.21 21.88
C HIS B 176 21.95 53.71 21.65
N GLN B 177 20.82 53.09 21.99
CA GLN B 177 20.53 51.72 21.58
C GLN B 177 19.63 51.65 20.36
N PHE B 178 18.77 52.65 20.16
CA PHE B 178 17.95 52.73 18.96
C PHE B 178 18.31 53.90 18.06
N PHE B 179 19.33 54.69 18.41
CA PHE B 179 19.90 55.72 17.55
C PHE B 179 21.33 55.29 17.24
N LYS B 180 21.50 54.57 16.12
CA LYS B 180 22.81 54.09 15.68
C LYS B 180 22.87 54.25 14.15
N THR B 181 23.06 55.50 13.72
CA THR B 181 23.09 55.80 12.30
C THR B 181 24.18 55.01 11.59
N ASP B 182 23.82 54.40 10.47
CA ASP B 182 24.77 53.65 9.65
C ASP B 182 25.42 54.62 8.67
N HIS B 183 26.62 55.09 9.02
CA HIS B 183 27.33 56.04 8.16
C HIS B 183 27.95 55.38 6.94
N LYS B 184 27.94 54.04 6.87
CA LYS B 184 28.34 53.37 5.65
C LYS B 184 27.27 53.46 4.56
N ARG B 185 26.04 53.80 4.94
CA ARG B 185 24.90 53.87 4.02
C ARG B 185 24.37 55.28 3.86
N GLY B 186 24.17 55.99 4.96
CA GLY B 186 23.62 57.33 4.94
C GLY B 186 22.93 57.68 6.24
N PRO B 187 22.64 58.97 6.43
CA PRO B 187 22.01 59.39 7.69
C PRO B 187 20.61 58.84 7.90
N GLY B 188 19.93 58.42 6.85
CA GLY B 188 18.61 57.82 6.97
C GLY B 188 18.61 56.33 7.19
N PHE B 189 19.76 55.74 7.51
CA PHE B 189 19.89 54.30 7.70
C PHE B 189 20.41 54.02 9.11
N THR B 190 19.81 53.04 9.77
CA THR B 190 20.14 52.69 11.14
C THR B 190 20.72 51.28 11.20
N ARG B 191 21.58 51.06 12.19
CA ARG B 191 22.11 49.73 12.50
C ARG B 191 21.34 49.04 13.61
N GLY B 192 20.38 49.73 14.24
CA GLY B 192 19.56 49.13 15.27
C GLY B 192 18.29 48.53 14.72
N LEU B 193 18.34 47.25 14.36
CA LEU B 193 17.22 46.60 13.69
C LEU B 193 16.09 46.24 14.64
N GLY B 194 16.30 46.30 15.95
CA GLY B 194 15.20 46.12 16.89
C GLY B 194 14.26 47.31 16.93
N HIS B 195 14.72 48.49 16.52
CA HIS B 195 13.91 49.69 16.41
C HIS B 195 13.18 49.99 17.73
N GLY B 196 13.88 49.81 18.83
CA GLY B 196 13.28 50.07 20.12
C GLY B 196 14.21 49.69 21.26
N VAL B 197 13.61 49.45 22.42
CA VAL B 197 14.35 49.14 23.64
C VAL B 197 14.52 47.62 23.69
N ASP B 198 15.61 47.15 23.08
CA ASP B 198 16.02 45.75 23.16
C ASP B 198 17.28 45.55 23.98
N LEU B 199 17.86 46.64 24.50
CA LEU B 199 19.05 46.59 25.35
C LEU B 199 20.26 46.01 24.60
N ASN B 200 20.28 46.17 23.28
CA ASN B 200 21.45 45.74 22.52
C ASN B 200 22.70 46.53 22.87
N HIS B 201 22.54 47.72 23.45
CA HIS B 201 23.69 48.46 23.96
C HIS B 201 24.29 47.81 25.20
N ILE B 202 23.68 46.73 25.71
CA ILE B 202 24.23 45.93 26.80
C ILE B 202 24.63 44.55 26.31
N TYR B 203 23.76 43.90 25.53
CA TYR B 203 23.96 42.51 25.12
C TYR B 203 24.48 42.37 23.71
N GLY B 204 24.49 43.43 22.91
CA GLY B 204 24.97 43.34 21.55
C GLY B 204 23.84 43.28 20.54
N GLU B 205 24.13 43.75 19.33
CA GLU B 205 23.12 43.75 18.28
C GLU B 205 22.98 42.37 17.63
N THR B 206 24.10 41.70 17.36
CA THR B 206 24.09 40.39 16.73
C THR B 206 24.30 39.30 17.78
N LEU B 207 23.88 38.08 17.42
CA LEU B 207 24.02 36.94 18.33
C LEU B 207 25.48 36.60 18.56
N ASP B 208 26.34 36.79 17.55
CA ASP B 208 27.75 36.48 17.71
C ASP B 208 28.42 37.43 18.69
N ARG B 209 28.03 38.71 18.67
CA ARG B 209 28.56 39.66 19.65
C ARG B 209 28.06 39.33 21.06
N GLN B 210 26.79 38.89 21.16
CA GLN B 210 26.24 38.55 22.46
C GLN B 210 26.99 37.39 23.11
N HIS B 211 27.32 36.37 22.32
CA HIS B 211 28.03 35.22 22.88
C HIS B 211 29.45 35.58 23.31
N LYS B 212 30.08 36.55 22.64
CA LYS B 212 31.39 37.02 23.07
C LYS B 212 31.30 37.71 24.43
N LEU B 213 30.20 38.42 24.68
CA LEU B 213 30.01 39.14 25.94
C LEU B 213 29.47 38.27 27.06
N ARG B 214 28.95 37.08 26.75
CA ARG B 214 28.34 36.22 27.76
C ARG B 214 29.36 35.27 28.36
N LEU B 215 29.18 34.99 29.65
CA LEU B 215 30.06 34.07 30.37
C LEU B 215 29.62 32.62 30.23
N PHE B 216 28.35 32.38 29.86
CA PHE B 216 27.79 31.04 29.71
C PHE B 216 27.88 30.24 31.01
N LYS B 217 27.69 30.95 32.13
CA LYS B 217 27.53 30.32 33.44
C LYS B 217 26.55 31.18 34.23
N ASP B 218 25.41 30.57 34.59
CA ASP B 218 24.35 31.25 35.34
C ASP B 218 23.79 32.46 34.60
N GLY B 219 23.82 32.41 33.26
CA GLY B 219 23.27 33.47 32.44
C GLY B 219 23.96 34.81 32.56
N LYS B 220 25.15 34.86 33.15
CA LYS B 220 25.82 36.11 33.45
C LYS B 220 26.67 36.59 32.28
N LEU B 221 26.89 37.89 32.23
CA LEU B 221 27.80 38.51 31.26
C LEU B 221 29.21 38.49 31.83
N LYS B 222 30.18 38.34 30.93
CA LYS B 222 31.58 38.37 31.34
C LYS B 222 31.91 39.71 32.00
N TYR B 223 32.93 39.68 32.84
CA TYR B 223 33.35 40.87 33.58
C TYR B 223 34.74 40.62 34.14
N GLN B 224 35.33 41.69 34.67
CA GLN B 224 36.62 41.59 35.36
C GLN B 224 36.51 42.34 36.68
N VAL B 225 37.40 41.96 37.60
CA VAL B 225 37.45 42.57 38.93
C VAL B 225 38.75 43.37 39.00
N ILE B 226 38.62 44.69 38.98
CA ILE B 226 39.76 45.61 39.07
C ILE B 226 39.66 46.32 40.41
N GLY B 227 40.66 46.07 41.27
CA GLY B 227 40.66 46.73 42.57
C GLY B 227 39.45 46.42 43.42
N GLY B 228 38.93 45.19 43.29
CA GLY B 228 37.79 44.78 44.07
C GLY B 228 36.44 45.26 43.56
N GLU B 229 36.40 45.99 42.46
CA GLU B 229 35.16 46.45 41.86
C GLU B 229 34.94 45.75 40.53
N VAL B 230 33.67 45.55 40.18
CA VAL B 230 33.29 44.83 38.97
C VAL B 230 33.21 45.80 37.80
N TYR B 231 33.91 45.48 36.73
CA TYR B 231 33.96 46.28 35.51
C TYR B 231 33.81 45.38 34.30
N PRO B 232 33.40 45.92 33.15
CA PRO B 232 33.25 45.11 31.94
C PRO B 232 34.57 44.47 31.53
N PRO B 233 34.53 43.39 30.77
CA PRO B 233 35.77 42.72 30.36
C PRO B 233 36.51 43.53 29.31
N THR B 234 37.74 43.12 29.05
CA THR B 234 38.59 43.81 28.09
C THR B 234 38.45 43.20 26.70
N VAL B 235 38.75 44.02 25.69
CA VAL B 235 38.78 43.55 24.30
C VAL B 235 39.87 42.51 24.11
N LYS B 236 40.90 42.52 24.96
CA LYS B 236 42.02 41.60 24.79
C LYS B 236 41.59 40.15 25.00
N ASP B 237 40.75 39.89 25.99
CA ASP B 237 40.34 38.53 26.31
C ASP B 237 38.91 38.21 25.89
N THR B 238 38.27 39.09 25.11
CA THR B 238 36.93 38.83 24.60
C THR B 238 36.80 38.97 23.09
N GLN B 239 37.69 39.70 22.44
CA GLN B 239 37.76 39.88 20.99
C GLN B 239 36.57 40.62 20.40
N VAL B 240 35.65 41.13 21.22
CA VAL B 240 34.51 41.89 20.72
C VAL B 240 34.98 43.28 20.33
N GLU B 241 34.60 43.70 19.12
CA GLU B 241 35.14 44.93 18.55
C GLU B 241 34.59 46.17 19.27
N MET B 242 35.48 47.10 19.58
CA MET B 242 35.13 48.38 20.18
C MET B 242 35.87 49.49 19.44
N ILE B 243 35.33 50.70 19.54
CA ILE B 243 35.93 51.88 18.91
C ILE B 243 36.78 52.59 19.96
N TYR B 244 38.09 52.49 19.82
CA TYR B 244 39.04 53.14 20.71
C TYR B 244 40.16 53.76 19.90
N PRO B 245 40.70 54.90 20.34
CA PRO B 245 41.86 55.47 19.67
C PRO B 245 43.03 54.52 19.74
N PRO B 246 43.96 54.60 18.78
CA PRO B 246 45.03 53.61 18.68
C PRO B 246 46.08 53.68 19.79
N HIS B 247 45.91 54.56 20.77
CA HIS B 247 46.85 54.68 21.87
C HIS B 247 46.32 54.14 23.19
N ILE B 248 45.06 53.70 23.22
CA ILE B 248 44.45 53.24 24.47
C ILE B 248 45.07 51.91 24.87
N PRO B 249 45.45 51.72 26.13
CA PRO B 249 46.00 50.43 26.56
C PRO B 249 44.98 49.30 26.41
N GLU B 250 45.51 48.07 26.34
CA GLU B 250 44.65 46.91 26.10
C GLU B 250 43.72 46.63 27.27
N ASN B 251 44.13 46.98 28.49
CA ASN B 251 43.30 46.72 29.67
C ASN B 251 42.37 47.89 30.00
N LEU B 252 42.52 49.03 29.32
CA LEU B 252 41.58 50.13 29.46
C LEU B 252 40.44 50.05 28.44
N GLN B 253 40.50 49.10 27.51
CA GLN B 253 39.46 48.95 26.49
C GLN B 253 38.39 48.02 27.04
N PHE B 254 37.39 48.62 27.69
CA PHE B 254 36.27 47.85 28.21
C PHE B 254 35.35 47.44 27.07
N ALA B 255 34.88 46.19 27.13
CA ALA B 255 34.03 45.62 26.08
C ALA B 255 32.59 45.56 26.60
N VAL B 256 31.72 46.36 25.99
CA VAL B 256 30.31 46.41 26.35
C VAL B 256 29.48 46.18 25.08
N GLY B 257 28.16 46.22 25.25
CA GLY B 257 27.27 45.92 24.13
C GLY B 257 27.43 46.90 22.98
N GLN B 258 27.32 48.20 23.28
CA GLN B 258 27.46 49.22 22.26
C GLN B 258 28.94 49.50 22.02
N GLU B 259 29.35 49.47 20.75
CA GLU B 259 30.76 49.57 20.41
C GLU B 259 31.34 50.95 20.67
N VAL B 260 30.50 51.99 20.79
CA VAL B 260 30.99 53.35 20.93
C VAL B 260 30.98 53.84 22.37
N PHE B 261 30.59 53.00 23.33
CA PHE B 261 30.45 53.47 24.70
C PHE B 261 31.78 53.74 25.38
N GLY B 262 32.90 53.41 24.75
CA GLY B 262 34.17 53.90 25.23
C GLY B 262 34.43 55.37 24.95
N LEU B 263 33.50 56.03 24.28
CA LEU B 263 33.67 57.44 23.92
C LEU B 263 33.79 58.32 25.16
N VAL B 264 32.97 58.07 26.17
CA VAL B 264 32.95 58.90 27.37
C VAL B 264 32.83 58.02 28.61
N PRO B 265 33.48 58.37 29.71
CA PRO B 265 33.29 57.61 30.97
C PRO B 265 31.86 57.64 31.46
N GLY B 266 31.08 58.65 31.10
CA GLY B 266 29.68 58.68 31.50
C GLY B 266 28.90 57.50 30.94
N LEU B 267 29.13 57.17 29.67
CA LEU B 267 28.50 55.98 29.09
C LEU B 267 29.04 54.71 29.74
N MET B 268 30.36 54.62 29.92
CA MET B 268 30.94 53.47 30.56
C MET B 268 30.48 53.31 32.01
N MET B 269 30.07 54.39 32.68
CA MET B 269 29.51 54.27 34.02
C MET B 269 28.19 53.51 33.98
N TYR B 270 27.28 53.92 33.11
CA TYR B 270 25.97 53.25 33.04
C TYR B 270 26.11 51.84 32.49
N ALA B 271 27.02 51.63 31.54
CA ALA B 271 27.27 50.28 31.05
C ALA B 271 27.75 49.37 32.17
N THR B 272 28.57 49.90 33.07
CA THR B 272 29.03 49.11 34.21
C THR B 272 27.89 48.83 35.19
N ILE B 273 27.05 49.84 35.45
CA ILE B 273 25.95 49.66 36.38
C ILE B 273 24.98 48.60 35.87
N TRP B 274 24.60 48.69 34.60
CA TRP B 274 23.64 47.75 34.04
C TRP B 274 24.23 46.34 33.95
N LEU B 275 25.52 46.24 33.60
CA LEU B 275 26.18 44.94 33.60
C LEU B 275 26.08 44.27 34.97
N ARG B 276 26.31 45.03 36.03
CA ARG B 276 26.15 44.49 37.38
C ARG B 276 24.70 44.08 37.64
N GLU B 277 23.75 44.88 37.16
CA GLU B 277 22.34 44.58 37.41
C GLU B 277 21.92 43.28 36.73
N HIS B 278 22.45 43.02 35.54
CA HIS B 278 22.13 41.76 34.87
C HIS B 278 22.60 40.57 35.68
N ASN B 279 23.87 40.58 36.09
CA ASN B 279 24.40 39.47 36.88
C ASN B 279 23.75 39.39 38.25
N ARG B 280 23.24 40.51 38.78
CA ARG B 280 22.50 40.48 40.02
C ARG B 280 21.15 39.80 39.85
N VAL B 281 20.41 40.20 38.81
CA VAL B 281 19.15 39.53 38.48
C VAL B 281 19.38 38.06 38.22
N CYS B 282 20.51 37.71 37.61
CA CYS B 282 20.85 36.31 37.40
C CYS B 282 20.96 35.58 38.73
N ASP B 283 21.61 36.20 39.72
CA ASP B 283 21.71 35.59 41.05
C ASP B 283 20.33 35.45 41.68
N ILE B 284 19.44 36.42 41.43
CA ILE B 284 18.10 36.36 42.00
C ILE B 284 17.28 35.27 41.33
N LEU B 285 17.39 35.14 40.00
CA LEU B 285 16.63 34.11 39.30
C LEU B 285 17.15 32.71 39.62
N LYS B 286 18.48 32.54 39.64
CA LYS B 286 19.04 31.25 40.03
C LYS B 286 18.63 30.87 41.45
N GLN B 287 18.56 31.87 42.34
CA GLN B 287 18.11 31.61 43.70
C GLN B 287 16.68 31.08 43.72
N GLU B 288 15.83 31.60 42.83
N GLU B 288 15.82 31.60 42.84
CA GLU B 288 14.43 31.19 42.78
CA GLU B 288 14.43 31.17 42.80
C GLU B 288 14.19 30.01 41.85
C GLU B 288 14.21 29.98 41.87
N HIS B 289 15.07 29.78 40.87
CA HIS B 289 14.96 28.66 39.94
C HIS B 289 16.31 27.95 39.89
N PRO B 290 16.62 27.13 40.90
CA PRO B 290 17.87 26.35 40.86
C PRO B 290 17.88 25.26 39.80
N GLU B 291 16.77 25.06 39.09
CA GLU B 291 16.67 24.04 38.05
C GLU B 291 16.84 24.61 36.65
N TRP B 292 17.12 25.89 36.53
CA TRP B 292 17.26 26.53 35.22
C TRP B 292 18.70 26.42 34.71
N GLY B 293 18.84 26.49 33.39
CA GLY B 293 20.13 26.47 32.76
C GLY B 293 20.66 27.88 32.46
N ASP B 294 21.81 27.91 31.79
CA ASP B 294 22.45 29.18 31.49
C ASP B 294 21.60 30.03 30.56
N GLU B 295 21.05 29.40 29.51
CA GLU B 295 20.32 30.17 28.49
C GLU B 295 19.08 30.82 29.08
N GLN B 296 18.27 30.07 29.82
CA GLN B 296 17.04 30.64 30.34
C GLN B 296 17.30 31.69 31.41
N LEU B 297 18.35 31.51 32.22
CA LEU B 297 18.71 32.54 33.19
C LEU B 297 19.09 33.84 32.49
N PHE B 298 19.88 33.73 31.42
CA PHE B 298 20.25 34.92 30.65
C PHE B 298 19.04 35.56 29.99
N GLN B 299 18.26 34.76 29.26
CA GLN B 299 17.14 35.31 28.50
C GLN B 299 16.10 35.94 29.41
N THR B 300 15.84 35.34 30.57
CA THR B 300 14.88 35.91 31.51
C THR B 300 15.43 37.20 32.13
N SER B 301 16.72 37.21 32.48
CA SER B 301 17.34 38.42 33.00
C SER B 301 17.23 39.56 32.00
N ARG B 302 17.42 39.27 30.72
CA ARG B 302 17.31 40.30 29.69
C ARG B 302 15.92 40.90 29.65
N LEU B 303 14.88 40.05 29.63
CA LEU B 303 13.51 40.54 29.62
C LEU B 303 13.22 41.38 30.86
N ILE B 304 13.79 41.01 32.00
CA ILE B 304 13.55 41.75 33.24
C ILE B 304 14.21 43.13 33.16
N LEU B 305 15.46 43.19 32.72
CA LEU B 305 16.15 44.47 32.60
C LEU B 305 15.48 45.36 31.56
N ILE B 306 14.93 44.77 30.50
CA ILE B 306 14.13 45.54 29.57
C ILE B 306 12.93 46.16 30.28
N GLY B 307 12.28 45.38 31.15
CA GLY B 307 11.17 45.92 31.92
C GLY B 307 11.61 46.99 32.89
N GLU B 308 12.75 46.76 33.58
CA GLU B 308 13.31 47.80 34.44
C GLU B 308 13.59 49.07 33.67
N THR B 309 14.12 48.94 32.45
CA THR B 309 14.45 50.11 31.64
C THR B 309 13.21 50.95 31.34
N ILE B 310 12.16 50.30 30.82
CA ILE B 310 10.93 51.02 30.51
C ILE B 310 10.33 51.63 31.77
N LYS B 311 10.47 50.94 32.91
CA LYS B 311 9.96 51.47 34.17
C LYS B 311 10.69 52.75 34.57
N ILE B 312 12.03 52.69 34.62
CA ILE B 312 12.81 53.86 35.02
C ILE B 312 12.62 55.01 34.05
N VAL B 313 12.50 54.70 32.76
CA VAL B 313 12.37 55.75 31.75
C VAL B 313 11.07 56.51 31.92
N ILE B 314 9.98 55.81 32.24
CA ILE B 314 8.68 56.47 32.34
C ILE B 314 8.54 57.21 33.68
N GLU B 315 8.91 56.56 34.78
CA GLU B 315 8.60 57.06 36.11
C GLU B 315 9.71 57.88 36.75
N ASP B 316 10.88 57.94 36.13
CA ASP B 316 11.96 58.79 36.64
C ASP B 316 12.48 59.73 35.56
N TYR B 317 12.83 59.16 34.41
CA TYR B 317 13.39 59.93 33.30
C TYR B 317 12.35 60.88 32.73
N VAL B 318 11.29 60.33 32.14
CA VAL B 318 10.22 61.16 31.61
C VAL B 318 9.53 61.93 32.72
N GLN B 319 9.44 61.34 33.92
CA GLN B 319 8.86 62.05 35.05
C GLN B 319 9.65 63.32 35.38
N HIS B 320 10.96 63.31 35.15
CA HIS B 320 11.79 64.46 35.52
C HIS B 320 11.62 65.63 34.55
N LEU B 321 11.76 65.38 33.25
CA LEU B 321 11.73 66.46 32.28
C LEU B 321 10.32 66.89 31.87
N SER B 322 9.29 66.16 32.29
CA SER B 322 7.92 66.60 32.02
C SER B 322 7.51 67.73 32.96
N GLY B 323 8.07 67.78 34.16
CA GLY B 323 7.68 68.77 35.14
C GLY B 323 6.29 68.60 35.70
N TYR B 324 5.64 67.45 35.44
CA TYR B 324 4.28 67.22 35.88
C TYR B 324 4.24 66.95 37.38
N HIS B 325 3.18 67.45 38.04
CA HIS B 325 2.91 67.04 39.41
C HIS B 325 2.20 65.70 39.45
N PHE B 326 1.44 65.38 38.40
CA PHE B 326 0.87 64.05 38.26
C PHE B 326 1.97 63.02 38.08
N LYS B 327 1.96 62.01 38.94
CA LYS B 327 3.02 60.99 38.92
C LYS B 327 2.74 59.99 37.80
N LEU B 328 3.66 59.93 36.83
CA LEU B 328 3.50 59.01 35.72
C LEU B 328 3.61 57.56 36.18
N LYS B 329 2.96 56.67 35.44
CA LYS B 329 2.87 55.27 35.81
C LYS B 329 3.15 54.40 34.60
N PHE B 330 3.99 53.38 34.76
CA PHE B 330 4.23 52.38 33.75
C PHE B 330 3.34 51.18 34.06
N ASP B 331 2.28 51.01 33.26
CA ASP B 331 1.30 49.95 33.48
C ASP B 331 0.77 49.49 32.13
N PRO B 332 1.33 48.41 31.57
CA PRO B 332 0.83 47.93 30.26
C PRO B 332 -0.64 47.58 30.26
N GLU B 333 -1.22 47.20 31.41
CA GLU B 333 -2.62 46.80 31.44
C GLU B 333 -3.58 47.92 31.04
N LEU B 334 -3.11 49.17 31.04
CA LEU B 334 -3.97 50.29 30.68
C LEU B 334 -4.30 50.33 29.20
N LEU B 335 -3.59 49.57 28.37
CA LEU B 335 -3.83 49.54 26.93
C LEU B 335 -4.47 48.25 26.45
N PHE B 336 -4.77 47.32 27.37
CA PHE B 336 -5.32 46.04 26.95
C PHE B 336 -6.73 46.17 26.38
N ASN B 337 -7.47 47.19 26.82
CA ASN B 337 -8.80 47.47 26.28
C ASN B 337 -8.80 48.63 25.30
N GLN B 338 -7.66 48.93 24.70
CA GLN B 338 -7.51 50.06 23.78
C GLN B 338 -6.86 49.62 22.48
N GLN B 339 -7.21 50.30 21.40
CA GLN B 339 -6.54 50.08 20.13
C GLN B 339 -5.10 50.58 20.21
N PHE B 340 -4.15 49.67 20.02
CA PHE B 340 -2.74 50.04 20.13
C PHE B 340 -1.90 48.99 19.41
N GLN B 341 -1.08 49.43 18.47
CA GLN B 341 -0.20 48.53 17.73
C GLN B 341 1.06 48.26 18.55
N TYR B 342 1.28 47.00 18.90
CA TYR B 342 2.47 46.61 19.67
C TYR B 342 3.66 46.39 18.74
N GLN B 343 4.03 47.46 18.04
CA GLN B 343 5.16 47.48 17.14
C GLN B 343 5.68 48.90 17.06
N ASN B 344 6.92 49.05 16.59
CA ASN B 344 7.50 50.39 16.50
C ASN B 344 8.62 50.41 15.47
N ARG B 345 8.77 51.57 14.83
CA ARG B 345 9.81 51.82 13.84
C ARG B 345 10.44 53.17 14.17
N ILE B 346 11.76 53.17 14.43
CA ILE B 346 12.43 54.38 14.87
C ILE B 346 12.39 55.43 13.77
N ALA B 347 11.83 56.59 14.08
CA ALA B 347 11.72 57.67 13.11
C ALA B 347 13.00 58.50 13.06
N SER B 348 13.33 58.98 11.86
CA SER B 348 14.52 59.80 11.69
C SER B 348 14.40 61.12 12.44
N GLU B 349 13.21 61.72 12.42
CA GLU B 349 13.01 62.97 13.16
C GLU B 349 13.22 62.76 14.65
N PHE B 350 12.77 61.63 15.19
CA PHE B 350 13.00 61.32 16.59
C PHE B 350 14.50 61.32 16.91
N ASN B 351 15.31 60.83 15.96
CA ASN B 351 16.75 60.92 16.12
C ASN B 351 17.21 62.37 16.05
N THR B 352 16.61 63.16 15.16
CA THR B 352 17.06 64.53 14.96
C THR B 352 16.85 65.38 16.20
N LEU B 353 15.64 65.34 16.77
CA LEU B 353 15.35 66.19 17.93
C LEU B 353 15.85 65.62 19.25
N TYR B 354 16.45 64.43 19.26
CA TYR B 354 17.06 63.91 20.47
C TYR B 354 18.53 64.29 20.60
N HIS B 355 19.03 65.17 19.73
CA HIS B 355 20.40 65.67 19.82
C HIS B 355 20.43 66.75 20.91
N TRP B 356 20.57 66.29 22.14
CA TRP B 356 20.47 67.14 23.34
C TRP B 356 21.84 67.54 23.87
N HIS B 357 22.72 67.98 22.98
CA HIS B 357 24.08 68.36 23.35
C HIS B 357 24.17 69.59 24.26
N PRO B 358 23.23 70.57 24.17
CA PRO B 358 23.22 71.65 25.18
C PRO B 358 23.22 71.17 26.63
N LEU B 359 22.82 69.91 26.86
CA LEU B 359 22.91 69.34 28.19
C LEU B 359 24.34 69.34 28.71
N LEU B 360 25.31 69.14 27.81
CA LEU B 360 26.69 68.97 28.24
C LEU B 360 27.23 70.28 28.81
N PRO B 361 28.00 70.22 29.90
CA PRO B 361 28.65 71.44 30.41
C PRO B 361 29.93 71.73 29.66
N ASP B 362 30.72 72.68 30.14
CA ASP B 362 32.02 72.95 29.53
C ASP B 362 33.14 72.12 30.15
N THR B 363 32.95 71.67 31.39
CA THR B 363 33.89 70.76 32.06
C THR B 363 33.11 69.73 32.83
N PHE B 364 33.72 68.56 33.00
CA PHE B 364 33.09 67.44 33.72
C PHE B 364 33.73 67.35 35.09
N ASN B 365 33.05 67.89 36.10
CA ASN B 365 33.60 68.03 37.44
C ASN B 365 33.29 66.75 38.23
N ILE B 366 34.34 65.97 38.53
CA ILE B 366 34.22 64.72 39.27
C ILE B 366 35.05 64.86 40.54
N GLU B 367 34.39 64.71 41.69
CA GLU B 367 35.02 64.89 42.99
C GLU B 367 35.61 66.30 43.11
N ASP B 368 36.93 66.41 43.01
CA ASP B 368 37.60 67.70 43.08
C ASP B 368 38.34 68.06 41.79
N GLN B 369 38.23 67.23 40.76
CA GLN B 369 38.87 67.48 39.47
C GLN B 369 37.86 68.06 38.49
N GLU B 370 38.36 68.87 37.56
CA GLU B 370 37.55 69.43 36.47
C GLU B 370 38.21 69.03 35.16
N TYR B 371 37.61 68.06 34.48
CA TYR B 371 38.16 67.53 33.24
C TYR B 371 37.56 68.24 32.03
N SER B 372 38.42 68.60 31.09
CA SER B 372 37.96 69.18 29.84
C SER B 372 37.45 68.10 28.90
N PHE B 373 36.88 68.52 27.78
CA PHE B 373 36.43 67.56 26.77
C PHE B 373 37.59 66.72 26.26
N LYS B 374 38.74 67.35 26.04
CA LYS B 374 39.92 66.61 25.58
C LYS B 374 40.36 65.57 26.61
N GLN B 375 40.33 65.93 27.89
CA GLN B 375 40.73 65.01 28.95
C GLN B 375 39.67 63.93 29.20
N PHE B 376 38.40 64.26 29.00
CA PHE B 376 37.33 63.34 29.37
C PHE B 376 37.12 62.25 28.31
N LEU B 377 37.14 62.61 27.03
CA LEU B 377 36.78 61.67 25.98
C LEU B 377 37.80 60.55 25.87
N TYR B 378 37.28 59.32 25.75
CA TYR B 378 38.09 58.11 25.53
C TYR B 378 39.13 57.93 26.63
N ASN B 379 38.75 58.24 27.87
CA ASN B 379 39.64 58.16 29.01
C ASN B 379 38.92 57.37 30.11
N ASN B 380 38.84 56.06 29.94
CA ASN B 380 38.25 55.20 30.96
C ASN B 380 39.11 55.11 32.21
N SER B 381 40.39 55.52 32.12
CA SER B 381 41.23 55.60 33.31
C SER B 381 40.62 56.50 34.38
N ILE B 382 39.85 57.51 33.95
CA ILE B 382 39.15 58.37 34.91
C ILE B 382 38.18 57.54 35.76
N LEU B 383 37.49 56.59 35.12
CA LEU B 383 36.52 55.78 35.85
C LEU B 383 37.20 54.92 36.91
N LEU B 384 38.28 54.22 36.52
CA LEU B 384 39.05 53.45 37.49
C LEU B 384 39.72 54.36 38.51
N GLU B 385 39.97 55.62 38.17
CA GLU B 385 40.57 56.56 39.11
C GLU B 385 39.63 56.86 40.26
N HIS B 386 38.39 57.25 39.95
CA HIS B 386 37.45 57.70 40.96
C HIS B 386 36.48 56.63 41.42
N GLY B 387 36.12 55.68 40.56
CA GLY B 387 35.15 54.66 40.90
C GLY B 387 33.73 55.07 40.59
N LEU B 388 32.84 54.07 40.63
CA LEU B 388 31.43 54.32 40.30
C LEU B 388 30.77 55.24 41.32
N THR B 389 31.02 55.02 42.60
CA THR B 389 30.35 55.79 43.65
C THR B 389 30.65 57.28 43.50
N GLN B 390 31.93 57.64 43.39
CA GLN B 390 32.29 59.04 43.18
C GLN B 390 31.70 59.58 41.88
N PHE B 391 31.65 58.74 40.84
CA PHE B 391 31.02 59.14 39.59
C PHE B 391 29.54 59.46 39.80
N VAL B 392 28.83 58.60 40.54
CA VAL B 392 27.41 58.83 40.78
C VAL B 392 27.21 60.07 41.63
N GLU B 393 28.01 60.21 42.70
CA GLU B 393 27.87 61.37 43.58
C GLU B 393 28.23 62.66 42.85
N SER B 394 29.28 62.63 42.03
CA SER B 394 29.69 63.85 41.32
C SER B 394 28.67 64.25 40.26
N PHE B 395 28.21 63.29 39.46
CA PHE B 395 27.27 63.61 38.40
C PHE B 395 25.89 63.98 38.95
N THR B 396 25.54 63.48 40.13
CA THR B 396 24.29 63.91 40.76
C THR B 396 24.34 65.39 41.13
N ARG B 397 25.52 65.90 41.47
CA ARG B 397 25.64 67.31 41.86
C ARG B 397 25.77 68.22 40.65
N GLN B 398 26.51 67.79 39.63
CA GLN B 398 26.80 68.67 38.49
C GLN B 398 25.55 68.86 37.64
N ILE B 399 25.18 70.13 37.41
CA ILE B 399 23.96 70.46 36.68
C ILE B 399 24.24 70.48 35.19
N ALA B 400 23.27 70.01 34.41
CA ALA B 400 23.34 70.05 32.96
C ALA B 400 22.73 71.36 32.44
N GLY B 401 22.88 71.58 31.13
CA GLY B 401 22.46 72.82 30.53
C GLY B 401 21.07 72.76 29.90
N ARG B 402 20.50 73.95 29.71
CA ARG B 402 19.18 74.06 29.10
CA ARG B 402 19.18 74.07 29.09
C ARG B 402 19.28 73.72 27.61
N VAL B 403 18.34 72.91 27.13
CA VAL B 403 18.40 72.44 25.74
C VAL B 403 17.78 73.46 24.80
N ALA B 404 16.60 73.98 25.14
CA ALA B 404 16.01 75.05 24.35
C ALA B 404 16.50 76.40 24.87
N GLY B 405 15.95 77.47 24.29
CA GLY B 405 16.31 78.82 24.68
C GLY B 405 17.37 79.46 23.80
N GLY B 406 18.13 78.66 23.07
CA GLY B 406 19.10 79.21 22.13
C GLY B 406 20.49 79.33 22.72
N ARG B 407 21.48 79.19 21.85
CA ARG B 407 22.89 79.49 22.15
C ARG B 407 23.37 78.76 23.39
N ASN B 408 23.29 77.42 23.34
CA ASN B 408 23.80 76.61 24.44
C ASN B 408 24.50 75.34 23.96
N VAL B 409 24.77 75.21 22.66
CA VAL B 409 25.53 74.08 22.13
C VAL B 409 27.00 74.30 22.46
N PRO B 410 27.63 73.41 23.24
CA PRO B 410 29.03 73.62 23.61
C PRO B 410 29.94 73.59 22.39
N ILE B 411 30.88 74.55 22.36
CA ILE B 411 31.78 74.72 21.23
C ILE B 411 32.60 73.45 20.98
N ALA B 412 32.86 72.67 22.04
CA ALA B 412 33.63 71.44 21.88
C ALA B 412 32.96 70.45 20.92
N VAL B 413 31.64 70.54 20.74
CA VAL B 413 30.93 69.63 19.85
C VAL B 413 30.22 70.41 18.75
N GLN B 414 30.84 71.50 18.29
CA GLN B 414 30.22 72.29 17.23
C GLN B 414 30.16 71.54 15.92
N ALA B 415 31.13 70.65 15.66
CA ALA B 415 31.11 69.85 14.44
C ALA B 415 29.86 68.97 14.38
N VAL B 416 29.35 68.56 15.54
CA VAL B 416 28.16 67.69 15.58
C VAL B 416 26.92 68.49 15.20
N ALA B 417 26.76 69.68 15.77
CA ALA B 417 25.54 70.46 15.54
C ALA B 417 25.42 70.91 14.09
N LYS B 418 26.53 71.17 13.42
CA LYS B 418 26.48 71.52 12.01
C LYS B 418 26.09 70.31 11.16
N ALA B 419 26.63 69.14 11.49
CA ALA B 419 26.25 67.91 10.80
C ALA B 419 24.75 67.66 10.91
N SER B 420 24.19 67.89 12.10
CA SER B 420 22.75 67.72 12.29
C SER B 420 21.97 68.63 11.36
N ILE B 421 22.46 69.84 11.13
CA ILE B 421 21.82 70.75 10.17
C ILE B 421 22.00 70.23 8.75
N ASP B 422 23.24 69.89 8.38
CA ASP B 422 23.54 69.45 7.02
C ASP B 422 22.81 68.15 6.69
N GLN B 423 22.94 67.14 7.55
CA GLN B 423 22.31 65.86 7.28
C GLN B 423 20.79 65.95 7.28
N SER B 424 20.22 66.92 8.00
CA SER B 424 18.78 67.14 7.92
C SER B 424 18.37 67.63 6.54
N ARG B 425 19.14 68.54 5.96
CA ARG B 425 18.86 69.00 4.61
C ARG B 425 19.18 67.91 3.58
N GLU B 426 20.23 67.12 3.84
CA GLU B 426 20.57 66.02 2.96
C GLU B 426 19.43 65.00 2.90
N MET B 427 18.75 64.77 4.02
CA MET B 427 17.60 63.88 4.07
C MET B 427 16.31 64.54 3.62
N LYS B 428 16.39 65.78 3.12
CA LYS B 428 15.25 66.50 2.56
C LYS B 428 14.10 66.64 3.57
N TYR B 429 14.44 67.10 4.77
CA TYR B 429 13.43 67.35 5.78
C TYR B 429 12.50 68.47 5.34
N GLN B 430 11.25 68.40 5.78
CA GLN B 430 10.32 69.48 5.56
C GLN B 430 10.51 70.55 6.64
N SER B 431 9.81 71.67 6.47
CA SER B 431 10.03 72.84 7.30
C SER B 431 9.53 72.60 8.73
N LEU B 432 9.86 73.56 9.60
CA LEU B 432 9.42 73.48 11.00
C LEU B 432 7.91 73.51 11.09
N ASN B 433 7.26 74.47 10.44
CA ASN B 433 5.82 74.60 10.55
C ASN B 433 5.10 73.41 9.94
N GLU B 434 5.65 72.81 8.89
CA GLU B 434 5.03 71.61 8.33
C GLU B 434 5.05 70.46 9.33
N TYR B 435 6.10 70.37 10.14
CA TYR B 435 6.14 69.34 11.16
C TYR B 435 5.26 69.69 12.35
N ARG B 436 5.08 70.99 12.62
CA ARG B 436 4.14 71.39 13.67
C ARG B 436 2.71 71.07 13.26
N LYS B 437 2.35 71.35 12.01
CA LYS B 437 1.02 70.97 11.52
C LYS B 437 0.86 69.46 11.49
N ARG B 438 1.95 68.71 11.30
CA ARG B 438 1.88 67.26 11.30
C ARG B 438 1.46 66.73 12.67
N PHE B 439 1.91 67.39 13.74
CA PHE B 439 1.61 66.97 15.11
C PHE B 439 0.59 67.89 15.78
N SER B 440 -0.34 68.45 15.00
CA SER B 440 -1.47 69.22 15.51
C SER B 440 -1.01 70.39 16.39
N LEU B 441 -0.08 71.18 15.86
CA LEU B 441 0.41 72.38 16.51
C LEU B 441 0.16 73.58 15.61
N LYS B 442 -0.07 74.73 16.21
CA LYS B 442 -0.23 75.95 15.43
C LYS B 442 1.10 76.34 14.78
N PRO B 443 1.09 76.68 13.50
CA PRO B 443 2.34 77.13 12.86
C PRO B 443 2.78 78.48 13.41
N TYR B 444 4.09 78.66 13.53
CA TYR B 444 4.63 79.93 13.96
C TYR B 444 4.49 80.97 12.86
N THR B 445 4.00 82.15 13.22
CA THR B 445 3.79 83.24 12.27
C THR B 445 4.97 84.19 12.19
N SER B 446 5.98 84.02 13.04
CA SER B 446 7.10 84.96 13.09
C SER B 446 8.25 84.31 13.85
N PHE B 447 9.46 84.76 13.56
CA PHE B 447 10.63 84.26 14.26
C PHE B 447 10.61 84.68 15.73
N GLU B 448 10.10 85.88 16.03
CA GLU B 448 10.02 86.32 17.42
C GLU B 448 9.06 85.45 18.21
N GLU B 449 7.98 84.98 17.58
CA GLU B 449 7.10 84.02 18.23
C GLU B 449 7.82 82.72 18.51
N LEU B 450 8.76 82.33 17.65
CA LEU B 450 9.50 81.09 17.85
C LEU B 450 10.50 81.22 18.99
N THR B 451 11.32 82.28 18.97
CA THR B 451 12.36 82.44 19.98
C THR B 451 11.82 83.04 21.27
N GLY B 452 10.76 83.84 21.19
CA GLY B 452 10.28 84.57 22.35
C GLY B 452 11.09 85.80 22.70
N GLU B 453 12.00 86.22 21.82
CA GLU B 453 12.88 87.35 22.08
C GLU B 453 13.11 88.09 20.77
N LYS B 454 14.07 89.02 20.78
CA LYS B 454 14.34 89.89 19.64
C LYS B 454 15.64 89.60 18.93
N GLU B 455 16.71 89.30 19.67
CA GLU B 455 18.04 89.23 19.06
C GLU B 455 18.18 88.03 18.15
N MET B 456 18.07 86.82 18.71
CA MET B 456 18.20 85.62 17.89
C MET B 456 17.17 85.59 16.77
N ALA B 457 15.96 86.10 17.04
CA ALA B 457 14.92 86.12 16.02
C ALA B 457 15.31 87.03 14.85
N ALA B 458 15.88 88.20 15.15
CA ALA B 458 16.31 89.09 14.08
C ALA B 458 17.44 88.50 13.25
N GLU B 459 18.28 87.65 13.86
CA GLU B 459 19.32 86.97 13.10
C GLU B 459 18.71 85.91 12.19
N LEU B 460 17.79 85.10 12.73
CA LEU B 460 17.12 84.09 11.91
C LEU B 460 16.26 84.74 10.84
N LYS B 461 15.73 85.94 11.12
CA LYS B 461 14.95 86.65 10.11
C LYS B 461 15.82 87.03 8.91
N ALA B 462 17.07 87.43 9.17
CA ALA B 462 17.98 87.82 8.10
C ALA B 462 18.61 86.63 7.39
N LEU B 463 18.52 85.42 7.95
CA LEU B 463 19.03 84.22 7.30
C LEU B 463 17.98 83.48 6.49
N TYR B 464 16.76 83.32 7.02
CA TYR B 464 15.72 82.52 6.38
C TYR B 464 14.65 83.34 5.68
N SER B 465 14.58 84.65 5.93
CA SER B 465 13.57 85.53 5.35
C SER B 465 12.16 85.12 5.79
N ASP B 466 11.72 83.94 5.39
CA ASP B 466 10.37 83.45 5.69
C ASP B 466 10.41 82.49 6.88
N ILE B 467 9.36 82.55 7.70
CA ILE B 467 9.28 81.63 8.83
C ILE B 467 8.89 80.24 8.35
N ASP B 468 8.16 80.13 7.24
CA ASP B 468 7.78 78.83 6.71
C ASP B 468 8.96 78.07 6.11
N VAL B 469 10.14 78.68 6.05
CA VAL B 469 11.35 78.01 5.58
C VAL B 469 12.24 77.54 6.73
N MET B 470 11.95 77.98 7.96
CA MET B 470 12.76 77.61 9.12
C MET B 470 12.84 76.10 9.26
N GLU B 471 14.03 75.61 9.61
CA GLU B 471 14.29 74.18 9.72
C GLU B 471 13.94 73.67 11.11
N LEU B 472 13.74 72.35 11.20
CA LEU B 472 13.25 71.75 12.44
C LEU B 472 14.34 71.72 13.51
N TYR B 473 15.51 71.17 13.18
CA TYR B 473 16.55 70.98 14.20
C TYR B 473 16.99 72.28 14.85
N PRO B 474 17.36 73.34 14.12
CA PRO B 474 17.78 74.57 14.81
C PRO B 474 16.65 75.25 15.55
N ALA B 475 15.40 75.06 15.10
CA ALA B 475 14.26 75.63 15.83
C ALA B 475 14.14 75.01 17.21
N LEU B 476 14.39 73.70 17.32
CA LEU B 476 14.27 73.01 18.60
C LEU B 476 15.25 73.54 19.63
N LEU B 477 16.43 74.00 19.18
CA LEU B 477 17.46 74.48 20.08
C LEU B 477 17.37 75.97 20.37
N VAL B 478 16.59 76.72 19.59
CA VAL B 478 16.38 78.15 19.83
C VAL B 478 14.95 78.48 20.18
N GLU B 479 14.07 77.48 20.29
CA GLU B 479 12.67 77.75 20.57
C GLU B 479 12.49 78.31 21.98
N LYS B 480 11.48 79.17 22.12
CA LYS B 480 11.10 79.68 23.42
C LYS B 480 10.73 78.53 24.35
N PRO B 481 11.45 78.33 25.45
CA PRO B 481 11.11 77.22 26.35
C PRO B 481 9.79 77.46 27.06
N ARG B 482 9.23 76.38 27.59
CA ARG B 482 8.13 76.50 28.53
C ARG B 482 8.64 77.20 29.79
N PRO B 483 7.75 77.86 30.55
CA PRO B 483 8.21 78.65 31.71
C PRO B 483 9.11 77.88 32.66
N ASP B 484 10.37 78.33 32.76
CA ASP B 484 11.39 77.71 33.61
C ASP B 484 11.58 76.23 33.28
N ALA B 485 11.44 75.87 32.01
CA ALA B 485 11.58 74.49 31.56
C ALA B 485 12.77 74.36 30.62
N ILE B 486 13.04 73.13 30.21
CA ILE B 486 14.23 72.80 29.43
C ILE B 486 13.89 72.75 27.94
N PHE B 487 12.65 72.39 27.62
CA PHE B 487 12.22 72.21 26.24
C PHE B 487 11.12 73.19 25.88
N GLY B 488 10.94 73.39 24.58
CA GLY B 488 9.82 74.13 24.06
C GLY B 488 8.67 73.21 23.68
N GLU B 489 7.61 73.82 23.14
CA GLU B 489 6.42 73.05 22.78
C GLU B 489 6.72 72.03 21.69
N THR B 490 7.53 72.41 20.69
CA THR B 490 7.82 71.51 19.59
C THR B 490 8.58 70.28 20.04
N MET B 491 9.59 70.48 20.89
CA MET B 491 10.40 69.36 21.37
C MET B 491 9.57 68.35 22.13
N VAL B 492 8.55 68.81 22.86
CA VAL B 492 7.71 67.92 23.67
C VAL B 492 6.61 67.27 22.82
N GLU B 493 5.88 68.07 22.03
CA GLU B 493 4.73 67.55 21.31
C GLU B 493 5.12 66.66 20.14
N LEU B 494 6.34 66.79 19.61
CA LEU B 494 6.81 65.89 18.57
C LEU B 494 7.48 64.65 19.14
N GLY B 495 8.26 64.79 20.22
CA GLY B 495 9.01 63.67 20.73
C GLY B 495 8.22 62.74 21.61
N ALA B 496 7.20 63.25 22.31
CA ALA B 496 6.41 62.40 23.20
C ALA B 496 5.72 61.25 22.48
N PRO B 497 5.09 61.43 21.31
CA PRO B 497 4.51 60.26 20.63
C PRO B 497 5.56 59.25 20.19
N PHE B 498 6.67 59.70 19.61
CA PHE B 498 7.76 58.77 19.27
C PHE B 498 8.24 58.02 20.50
N SER B 499 8.43 58.72 21.61
CA SER B 499 8.94 58.09 22.83
C SER B 499 7.91 57.12 23.40
N LEU B 500 6.62 57.48 23.31
CA LEU B 500 5.56 56.60 23.80
C LEU B 500 5.51 55.30 22.99
N LYS B 501 5.45 55.42 21.66
CA LYS B 501 5.32 54.24 20.81
C LYS B 501 6.54 53.33 20.90
N GLY B 502 7.69 53.88 21.28
CA GLY B 502 8.89 53.08 21.47
C GLY B 502 8.97 52.36 22.79
N LEU B 503 8.29 52.87 23.82
CA LEU B 503 8.29 52.27 25.15
C LEU B 503 7.15 51.29 25.33
N MET B 504 5.91 51.71 25.05
CA MET B 504 4.75 50.85 25.22
C MET B 504 4.52 49.94 24.02
N GLY B 505 5.09 50.26 22.86
CA GLY B 505 5.03 49.41 21.70
C GLY B 505 5.97 48.24 21.72
N ASN B 506 6.65 48.01 22.84
CA ASN B 506 7.55 46.87 23.02
C ASN B 506 6.73 45.60 23.25
N PRO B 507 7.21 44.45 22.76
CA PRO B 507 6.42 43.22 22.91
C PRO B 507 6.14 42.81 24.34
N ILE B 508 7.01 43.15 25.30
CA ILE B 508 6.76 42.74 26.68
C ILE B 508 5.58 43.45 27.31
N CYS B 509 5.09 44.52 26.68
CA CYS B 509 3.88 45.20 27.13
C CYS B 509 2.62 44.62 26.50
N SER B 510 2.76 43.71 25.53
CA SER B 510 1.61 43.05 24.95
C SER B 510 0.98 42.09 25.96
N PRO B 511 -0.32 41.82 25.84
CA PRO B 511 -0.99 40.93 26.81
C PRO B 511 -0.32 39.58 27.02
N GLN B 512 0.13 38.93 25.95
CA GLN B 512 0.71 37.60 26.12
C GLN B 512 2.10 37.63 26.71
N TYR B 513 2.66 38.80 26.97
CA TYR B 513 3.98 38.92 27.59
C TYR B 513 3.94 39.49 29.00
N TRP B 514 2.91 40.28 29.34
CA TRP B 514 2.86 40.98 30.61
C TRP B 514 2.22 40.08 31.66
N LYS B 515 3.03 39.17 32.20
CA LYS B 515 2.59 38.23 33.22
C LYS B 515 3.81 37.68 33.93
N PRO B 516 3.65 37.16 35.16
CA PRO B 516 4.84 36.80 35.96
C PRO B 516 5.70 35.71 35.34
N SER B 517 5.10 34.69 34.73
CA SER B 517 5.88 33.57 34.19
C SER B 517 6.83 33.99 33.08
N THR B 518 6.54 35.10 32.39
CA THR B 518 7.46 35.62 31.39
C THR B 518 8.79 36.03 32.02
N PHE B 519 8.75 36.48 33.28
CA PHE B 519 9.93 37.02 33.95
C PHE B 519 10.39 36.13 35.11
N GLY B 520 10.11 34.84 35.02
CA GLY B 520 10.58 33.89 36.02
C GLY B 520 9.76 33.80 37.28
N GLY B 521 8.54 34.35 37.29
CA GLY B 521 7.68 34.30 38.45
C GLY B 521 7.45 35.68 39.05
N GLU B 522 6.84 35.68 40.24
CA GLU B 522 6.47 36.93 40.90
C GLU B 522 7.68 37.71 41.39
N VAL B 523 8.82 37.06 41.61
CA VAL B 523 10.00 37.77 42.08
C VAL B 523 10.59 38.62 40.96
N GLY B 524 10.76 38.03 39.78
CA GLY B 524 11.26 38.80 38.65
C GLY B 524 10.27 39.86 38.20
N PHE B 525 8.97 39.56 38.31
CA PHE B 525 7.96 40.56 38.01
C PHE B 525 8.08 41.76 38.94
N LYS B 526 8.37 41.50 40.22
CA LYS B 526 8.51 42.59 41.19
C LYS B 526 9.75 43.43 40.91
N ILE B 527 10.79 42.84 40.31
CA ILE B 527 11.97 43.61 39.94
C ILE B 527 11.62 44.66 38.90
N ILE B 528 10.67 44.36 38.02
CA ILE B 528 10.28 45.32 36.99
C ILE B 528 9.40 46.42 37.58
N ASN B 529 8.41 46.04 38.39
CA ASN B 529 7.40 46.99 38.85
C ASN B 529 7.88 47.85 40.02
N THR B 530 9.03 47.54 40.63
CA THR B 530 9.60 48.38 41.68
C THR B 530 10.97 48.93 41.29
N ALA B 531 11.27 48.98 39.99
CA ALA B 531 12.55 49.53 39.56
C ALA B 531 12.53 51.05 39.64
N SER B 532 13.72 51.63 39.76
CA SER B 532 13.91 53.06 39.81
C SER B 532 15.40 53.35 39.69
N ILE B 533 15.72 54.58 39.29
CA ILE B 533 17.12 54.95 39.17
C ILE B 533 17.82 54.88 40.53
N GLN B 534 17.08 55.16 41.61
CA GLN B 534 17.68 55.10 42.94
C GLN B 534 18.00 53.66 43.33
N SER B 535 17.07 52.73 43.07
CA SER B 535 17.34 51.33 43.40
C SER B 535 18.38 50.72 42.47
N LEU B 536 18.43 51.17 41.21
CA LEU B 536 19.47 50.69 40.30
C LEU B 536 20.85 51.04 40.81
N ILE B 537 21.03 52.28 41.28
CA ILE B 537 22.33 52.70 41.82
C ILE B 537 22.58 52.01 43.16
N CYS B 538 21.57 51.95 44.02
CA CYS B 538 21.76 51.43 45.37
C CYS B 538 22.11 49.93 45.33
N ASN B 539 21.46 49.16 44.46
CA ASN B 539 21.71 47.73 44.41
C ASN B 539 23.06 47.40 43.76
N ASN B 540 23.63 48.31 42.98
CA ASN B 540 24.78 47.99 42.15
C ASN B 540 26.01 48.86 42.40
N VAL B 541 25.87 50.02 43.03
CA VAL B 541 26.99 50.91 43.30
C VAL B 541 27.31 50.83 44.79
N LYS B 542 28.59 50.60 45.10
CA LYS B 542 29.00 50.39 46.48
C LYS B 542 28.69 51.59 47.35
N GLY B 543 28.12 51.33 48.53
CA GLY B 543 27.77 52.37 49.46
C GLY B 543 26.36 52.90 49.34
N CYS B 544 25.63 52.53 48.29
CA CYS B 544 24.28 53.03 48.02
C CYS B 544 24.26 54.56 48.04
N PRO B 545 24.95 55.21 47.10
CA PRO B 545 24.96 56.68 47.10
C PRO B 545 23.63 57.23 46.61
N PHE B 546 23.23 58.36 47.19
CA PHE B 546 22.03 59.04 46.71
C PHE B 546 22.24 59.48 45.28
N THR B 547 21.25 59.22 44.44
CA THR B 547 21.28 59.70 43.06
C THR B 547 19.89 60.16 42.67
N SER B 548 19.84 60.94 41.61
CA SER B 548 18.60 61.53 41.10
C SER B 548 18.91 62.13 39.74
N PHE B 549 17.85 62.43 38.99
CA PHE B 549 17.97 63.15 37.74
C PHE B 549 17.92 64.66 37.94
N ASN B 550 17.76 65.13 39.18
N ASN B 550 17.80 65.11 39.19
CA ASN B 550 17.71 66.56 39.46
CA ASN B 550 17.69 66.52 39.54
C ASN B 550 18.68 66.91 40.57
C ASN B 550 18.77 66.86 40.55
N VAL B 551 19.29 68.08 40.46
CA VAL B 551 20.27 68.55 41.45
C VAL B 551 19.53 68.99 42.70
N GLN B 552 20.15 68.76 43.85
CA GLN B 552 19.53 69.07 45.14
C GLN B 552 19.76 70.53 45.51
N ALA C 1 4.85 -36.15 19.88
CA ALA C 1 4.82 -37.56 20.24
C ALA C 1 5.27 -38.44 19.09
N ASN C 2 4.79 -38.15 17.90
CA ASN C 2 5.14 -38.93 16.72
C ASN C 2 6.63 -38.80 16.43
N PRO C 3 7.40 -39.90 16.47
CA PRO C 3 8.84 -39.80 16.24
C PRO C 3 9.23 -39.41 14.82
N CYS C 4 8.27 -39.24 13.91
CA CYS C 4 8.54 -38.80 12.54
C CYS C 4 8.28 -37.31 12.35
N CYS C 5 7.96 -36.58 13.41
CA CYS C 5 7.65 -35.16 13.27
C CYS C 5 8.86 -34.35 12.81
N SER C 6 10.06 -34.78 13.16
CA SER C 6 11.26 -34.06 12.76
C SER C 6 11.59 -34.26 11.28
N ASN C 7 10.80 -35.04 10.56
CA ASN C 7 11.08 -35.40 9.16
C ASN C 7 12.50 -35.93 9.02
N PRO C 8 12.84 -37.02 9.71
CA PRO C 8 14.25 -37.44 9.74
C PRO C 8 14.74 -38.05 8.45
N CYS C 9 13.89 -38.77 7.71
CA CYS C 9 14.35 -39.50 6.54
C CYS C 9 14.63 -38.55 5.39
N GLN C 10 15.78 -38.74 4.75
CA GLN C 10 16.24 -37.90 3.66
C GLN C 10 16.14 -38.64 2.32
N ASN C 11 16.16 -37.84 1.25
CA ASN C 11 16.20 -38.36 -0.12
C ASN C 11 15.00 -39.26 -0.42
N ARG C 12 13.81 -38.83 0.00
CA ARG C 12 12.53 -39.45 -0.27
C ARG C 12 12.33 -40.78 0.44
N GLY C 13 13.21 -41.13 1.38
CA GLY C 13 12.91 -42.24 2.27
C GLY C 13 11.64 -41.96 3.08
N GLU C 14 10.92 -43.03 3.39
CA GLU C 14 9.61 -42.90 4.03
C GLU C 14 9.73 -43.23 5.51
N CYS C 15 9.30 -42.31 6.36
CA CYS C 15 9.41 -42.49 7.80
C CYS C 15 8.25 -43.35 8.31
N MET C 16 8.56 -44.19 9.30
CA MET C 16 7.55 -45.05 9.91
C MET C 16 7.88 -45.19 11.39
N SER C 17 6.87 -45.03 12.24
CA SER C 17 7.05 -45.15 13.68
C SER C 17 7.13 -46.62 14.07
N THR C 18 8.14 -46.95 14.89
CA THR C 18 8.28 -48.31 15.42
C THR C 18 8.30 -48.26 16.94
N GLY C 19 7.20 -47.81 17.52
CA GLY C 19 7.12 -47.52 18.94
C GLY C 19 6.76 -46.07 19.19
N PHE C 20 6.64 -45.75 20.49
CA PHE C 20 6.20 -44.41 20.85
C PHE C 20 7.29 -43.37 20.62
N ASP C 21 8.56 -43.75 20.77
CA ASP C 21 9.67 -42.81 20.58
C ASP C 21 10.77 -43.44 19.74
N GLN C 22 10.38 -44.14 18.67
CA GLN C 22 11.32 -44.80 17.77
C GLN C 22 10.77 -44.73 16.36
N TYR C 23 11.66 -44.55 15.38
CA TYR C 23 11.28 -44.52 13.97
C TYR C 23 12.24 -45.38 13.17
N LYS C 24 11.83 -45.67 11.94
CA LYS C 24 12.68 -46.32 10.96
C LYS C 24 12.42 -45.69 9.60
N CYS C 25 13.48 -45.55 8.80
CA CYS C 25 13.37 -45.03 7.45
C CYS C 25 13.44 -46.16 6.45
N ASP C 26 12.54 -46.13 5.46
CA ASP C 26 12.51 -47.10 4.38
C ASP C 26 13.23 -46.48 3.18
N CYS C 27 14.50 -46.82 3.01
CA CYS C 27 15.33 -46.27 1.95
C CYS C 27 15.21 -47.05 0.65
N THR C 28 14.10 -47.75 0.42
CA THR C 28 13.96 -48.59 -0.75
C THR C 28 13.99 -47.77 -2.03
N ARG C 29 14.93 -48.11 -2.92
CA ARG C 29 15.02 -47.52 -4.26
C ARG C 29 15.24 -46.01 -4.20
N THR C 30 15.78 -45.52 -3.09
CA THR C 30 16.15 -44.12 -3.00
C THR C 30 17.59 -43.86 -3.44
N GLY C 31 18.39 -44.91 -3.62
CA GLY C 31 19.80 -44.73 -3.91
C GLY C 31 20.65 -44.47 -2.69
N PHE C 32 20.06 -44.30 -1.51
CA PHE C 32 20.77 -44.07 -0.28
C PHE C 32 20.41 -45.17 0.72
N TYR C 33 21.32 -45.38 1.67
CA TYR C 33 21.06 -46.28 2.79
C TYR C 33 21.53 -45.61 4.07
N GLY C 34 21.22 -46.24 5.20
CA GLY C 34 21.52 -45.70 6.51
C GLY C 34 20.27 -45.44 7.31
N GLU C 35 20.47 -44.87 8.49
CA GLU C 35 19.37 -44.64 9.41
C GLU C 35 18.36 -43.65 8.85
N ASN C 36 18.84 -42.47 8.42
CA ASN C 36 17.98 -41.46 7.83
C ASN C 36 18.10 -41.40 6.31
N CYS C 37 18.60 -42.47 5.68
CA CYS C 37 18.82 -42.54 4.23
C CYS C 37 19.69 -41.37 3.76
N THR C 38 20.92 -41.34 4.28
CA THR C 38 21.86 -40.27 3.95
C THR C 38 23.16 -40.77 3.33
N THR C 39 23.58 -41.99 3.61
CA THR C 39 24.79 -42.53 3.01
C THR C 39 24.50 -42.96 1.57
N PRO C 40 25.24 -42.46 0.58
CA PRO C 40 24.96 -42.80 -0.82
C PRO C 40 25.64 -44.09 -1.24
N GLU C 41 25.12 -44.65 -2.34
CA GLU C 41 25.72 -45.81 -2.99
C GLU C 41 26.80 -45.34 -3.96
N PHE C 42 27.40 -46.28 -4.70
CA PHE C 42 28.40 -45.90 -5.69
C PHE C 42 27.76 -45.30 -6.92
N LEU C 43 26.65 -45.88 -7.39
CA LEU C 43 25.90 -45.27 -8.48
C LEU C 43 25.34 -43.92 -8.06
N THR C 44 24.95 -43.80 -6.79
CA THR C 44 24.41 -42.53 -6.30
C THR C 44 25.50 -41.47 -6.21
N ARG C 45 26.71 -41.86 -5.79
CA ARG C 45 27.82 -40.91 -5.74
C ARG C 45 28.16 -40.40 -7.15
N ILE C 46 28.23 -41.31 -8.12
CA ILE C 46 28.59 -40.93 -9.48
C ILE C 46 27.53 -39.99 -10.06
N LYS C 47 26.27 -40.43 -10.06
CA LYS C 47 25.19 -39.64 -10.64
C LYS C 47 24.99 -38.32 -9.91
N LEU C 48 25.46 -38.21 -8.66
CA LEU C 48 25.35 -36.95 -7.94
C LEU C 48 26.38 -35.94 -8.43
N LEU C 49 27.64 -36.36 -8.55
CA LEU C 49 28.69 -35.45 -9.00
C LEU C 49 28.47 -35.00 -10.44
N LEU C 50 27.90 -35.86 -11.28
CA LEU C 50 27.70 -35.53 -12.68
C LEU C 50 26.47 -34.66 -12.92
N LYS C 51 25.52 -34.65 -11.99
CA LYS C 51 24.26 -33.94 -12.23
C LYS C 51 24.48 -32.44 -12.15
N PRO C 52 23.95 -31.67 -13.11
CA PRO C 52 24.01 -30.22 -13.01
C PRO C 52 22.83 -29.65 -12.24
N THR C 53 23.06 -28.47 -11.65
CA THR C 53 22.03 -27.80 -10.88
C THR C 53 20.94 -27.26 -11.81
N PRO C 54 19.73 -27.10 -11.29
CA PRO C 54 18.66 -26.49 -12.10
C PRO C 54 19.01 -25.11 -12.62
N ASN C 55 19.76 -24.31 -11.84
CA ASN C 55 20.18 -23.01 -12.31
C ASN C 55 21.16 -23.12 -13.47
N THR C 56 21.98 -24.18 -13.48
CA THR C 56 22.91 -24.38 -14.59
C THR C 56 22.17 -24.74 -15.87
N VAL C 57 21.20 -25.66 -15.77
CA VAL C 57 20.42 -26.05 -16.94
C VAL C 57 19.59 -24.88 -17.44
N HIS C 58 19.03 -24.08 -16.52
CA HIS C 58 18.25 -22.92 -16.93
C HIS C 58 19.12 -21.90 -17.65
N TYR C 59 20.38 -21.75 -17.22
CA TYR C 59 21.28 -20.82 -17.90
C TYR C 59 21.60 -21.28 -19.30
N ILE C 60 21.75 -22.59 -19.50
CA ILE C 60 22.07 -23.11 -20.83
C ILE C 60 20.89 -22.97 -21.77
N LEU C 61 19.68 -23.16 -21.26
CA LEU C 61 18.48 -23.08 -22.09
C LEU C 61 18.08 -21.65 -22.42
N THR C 62 18.51 -20.67 -21.63
CA THR C 62 18.19 -19.27 -21.87
C THR C 62 19.31 -18.51 -22.58
N HIS C 63 20.46 -19.14 -22.78
CA HIS C 63 21.59 -18.54 -23.48
C HIS C 63 21.96 -19.41 -24.68
N PHE C 64 23.00 -18.99 -25.39
CA PHE C 64 23.46 -19.65 -26.61
C PHE C 64 22.33 -19.67 -27.65
N LYS C 65 21.81 -18.48 -27.94
CA LYS C 65 20.69 -18.35 -28.87
C LYS C 65 21.02 -18.87 -30.26
N GLY C 66 22.27 -18.70 -30.70
CA GLY C 66 22.64 -19.17 -32.02
C GLY C 66 22.63 -20.69 -32.14
N VAL C 67 23.16 -21.38 -31.14
CA VAL C 67 23.19 -22.84 -31.19
C VAL C 67 21.78 -23.41 -31.13
N TRP C 68 20.92 -22.84 -30.28
CA TRP C 68 19.54 -23.29 -30.22
C TRP C 68 18.82 -23.05 -31.54
N ASN C 69 19.20 -21.99 -32.26
CA ASN C 69 18.62 -21.74 -33.57
C ASN C 69 18.99 -22.83 -34.57
N ILE C 70 20.10 -23.54 -34.35
CA ILE C 70 20.46 -24.66 -35.20
C ILE C 70 19.72 -25.92 -34.77
N VAL C 71 19.57 -26.12 -33.46
CA VAL C 71 18.89 -27.32 -32.96
C VAL C 71 17.41 -27.29 -33.32
N ASN C 72 16.79 -26.11 -33.29
CA ASN C 72 15.36 -26.00 -33.54
C ASN C 72 14.97 -26.42 -34.94
N ASN C 73 15.93 -26.47 -35.88
CA ASN C 73 15.65 -26.87 -37.25
C ASN C 73 16.21 -28.24 -37.60
N ILE C 74 16.74 -28.97 -36.61
CA ILE C 74 17.13 -30.36 -36.79
C ILE C 74 16.13 -31.22 -36.03
N PRO C 75 15.11 -31.76 -36.69
CA PRO C 75 14.07 -32.53 -35.98
C PRO C 75 14.61 -33.63 -35.08
N PHE C 76 15.64 -34.36 -35.53
CA PHE C 76 16.22 -35.39 -34.67
C PHE C 76 16.81 -34.79 -33.41
N LEU C 77 17.58 -33.70 -33.56
CA LEU C 77 18.20 -33.08 -32.39
C LEU C 77 17.19 -32.36 -31.52
N ARG C 78 16.16 -31.76 -32.13
CA ARG C 78 15.12 -31.11 -31.34
C ARG C 78 14.30 -32.13 -30.56
N SER C 79 13.88 -33.22 -31.22
CA SER C 79 13.14 -34.27 -30.54
C SER C 79 14.00 -34.95 -29.48
N LEU C 80 15.32 -35.01 -29.70
CA LEU C 80 16.20 -35.62 -28.71
C LEU C 80 16.24 -34.81 -27.42
N ILE C 81 16.30 -33.48 -27.54
CA ILE C 81 16.37 -32.63 -26.36
C ILE C 81 15.01 -32.52 -25.68
N MET C 82 13.93 -32.38 -26.46
CA MET C 82 12.59 -32.36 -25.89
C MET C 82 12.27 -33.66 -25.17
N LYS C 83 12.88 -34.77 -25.61
CA LYS C 83 12.70 -36.05 -24.93
C LYS C 83 13.30 -36.00 -23.52
N TYR C 84 14.54 -35.54 -23.41
CA TYR C 84 15.18 -35.43 -22.10
C TYR C 84 14.43 -34.46 -21.19
N VAL C 85 13.82 -33.42 -21.77
CA VAL C 85 13.00 -32.51 -20.98
C VAL C 85 11.83 -33.26 -20.37
N LEU C 86 11.16 -34.09 -21.17
CA LEU C 86 9.99 -34.82 -20.67
C LEU C 86 10.38 -35.86 -19.63
N THR C 87 11.51 -36.55 -19.83
CA THR C 87 11.88 -37.64 -18.93
C THR C 87 12.45 -37.12 -17.61
N SER C 88 13.20 -36.02 -17.66
CA SER C 88 13.80 -35.49 -16.43
C SER C 88 12.75 -34.91 -15.50
N ARG C 89 11.67 -34.35 -16.04
CA ARG C 89 10.60 -33.76 -15.25
C ARG C 89 9.55 -34.78 -14.82
N SER C 90 9.83 -36.07 -14.96
CA SER C 90 8.85 -37.12 -14.72
C SER C 90 9.06 -37.88 -13.42
N TYR C 91 10.30 -38.21 -13.09
CA TYR C 91 10.62 -39.04 -11.93
C TYR C 91 10.30 -38.37 -10.59
N LEU C 92 9.79 -37.14 -10.59
CA LEU C 92 9.57 -36.41 -9.36
C LEU C 92 8.15 -36.57 -8.80
N ILE C 93 7.21 -37.08 -9.58
CA ILE C 93 5.81 -37.17 -9.18
C ILE C 93 5.49 -38.62 -8.84
N ASP C 94 4.83 -38.82 -7.71
CA ASP C 94 4.33 -40.14 -7.34
C ASP C 94 3.09 -40.46 -8.18
N SER C 95 3.20 -41.47 -9.04
CA SER C 95 2.07 -41.86 -9.87
C SER C 95 2.04 -43.38 -10.01
N PRO C 96 0.98 -44.06 -9.52
CA PRO C 96 -0.26 -43.60 -8.87
C PRO C 96 -0.03 -42.73 -7.62
N PRO C 97 -1.00 -41.88 -7.29
CA PRO C 97 -0.80 -40.91 -6.20
C PRO C 97 -0.64 -41.60 -4.85
N THR C 98 -0.35 -40.78 -3.84
CA THR C 98 -0.13 -41.31 -2.50
C THR C 98 -0.95 -40.55 -1.46
N TYR C 99 -0.32 -39.64 -0.73
CA TYR C 99 -0.93 -39.02 0.44
C TYR C 99 -1.94 -37.95 0.04
N ASN C 100 -2.75 -37.55 1.02
CA ASN C 100 -3.64 -36.41 0.89
C ASN C 100 -3.65 -35.65 2.21
N VAL C 101 -4.62 -34.75 2.38
CA VAL C 101 -4.65 -33.91 3.56
C VAL C 101 -4.97 -34.70 4.82
N HIS C 102 -5.60 -35.87 4.70
CA HIS C 102 -6.02 -36.65 5.86
C HIS C 102 -5.17 -37.89 6.10
N TYR C 103 -4.19 -38.17 5.25
CA TYR C 103 -3.41 -39.41 5.38
C TYR C 103 -1.95 -39.12 5.11
N GLY C 104 -1.15 -39.12 6.18
CA GLY C 104 0.29 -39.04 6.08
C GLY C 104 0.98 -40.34 5.76
N TYR C 105 0.21 -41.43 5.69
CA TYR C 105 0.68 -42.72 5.25
C TYR C 105 -0.15 -43.18 4.06
N LYS C 106 0.46 -44.00 3.21
CA LYS C 106 -0.26 -44.53 2.06
C LYS C 106 -1.40 -45.42 2.52
N SER C 107 -2.58 -45.21 1.92
CA SER C 107 -3.78 -45.94 2.29
C SER C 107 -4.68 -46.05 1.07
N TRP C 108 -5.64 -46.98 1.15
CA TRP C 108 -6.54 -47.14 0.02
C TRP C 108 -7.57 -46.03 -0.05
N GLU C 109 -7.95 -45.45 1.10
CA GLU C 109 -8.79 -44.26 1.08
C GLU C 109 -8.08 -43.11 0.39
N ALA C 110 -6.76 -42.99 0.60
CA ALA C 110 -6.01 -41.91 -0.04
C ALA C 110 -5.90 -42.12 -1.54
N PHE C 111 -5.75 -43.38 -1.98
CA PHE C 111 -5.59 -43.63 -3.41
C PHE C 111 -6.92 -43.56 -4.17
N SER C 112 -8.00 -44.04 -3.56
CA SER C 112 -9.24 -44.24 -4.30
C SER C 112 -10.14 -43.01 -4.31
N ASN C 113 -10.19 -42.28 -3.20
CA ASN C 113 -11.13 -41.17 -3.06
C ASN C 113 -10.68 -40.02 -3.93
N LEU C 114 -11.37 -39.81 -5.05
CA LEU C 114 -11.01 -38.78 -6.01
C LEU C 114 -11.40 -37.37 -5.57
N SER C 115 -12.11 -37.24 -4.45
CA SER C 115 -12.50 -35.91 -3.98
C SER C 115 -11.35 -35.15 -3.33
N TYR C 116 -10.29 -35.84 -2.94
CA TYR C 116 -9.12 -35.18 -2.37
C TYR C 116 -8.22 -34.62 -3.46
N TYR C 117 -7.60 -33.49 -3.17
CA TYR C 117 -6.32 -33.18 -3.79
C TYR C 117 -5.28 -34.15 -3.25
N THR C 118 -4.43 -34.67 -4.13
CA THR C 118 -3.32 -35.46 -3.63
C THR C 118 -2.26 -34.52 -3.06
N ARG C 119 -1.20 -35.09 -2.48
CA ARG C 119 -0.18 -34.29 -1.83
C ARG C 119 1.19 -34.83 -2.20
N ALA C 120 2.07 -33.93 -2.66
CA ALA C 120 3.43 -34.32 -2.99
C ALA C 120 4.25 -34.60 -1.74
N LEU C 121 3.88 -34.00 -0.61
CA LEU C 121 4.49 -34.29 0.68
C LEU C 121 3.40 -34.58 1.69
N PRO C 122 3.61 -35.56 2.58
CA PRO C 122 2.57 -35.89 3.54
C PRO C 122 2.33 -34.75 4.51
N PRO C 123 1.11 -34.60 5.01
CA PRO C 123 0.86 -33.54 6.00
C PRO C 123 1.61 -33.81 7.29
N VAL C 124 1.76 -32.75 8.08
CA VAL C 124 2.37 -32.87 9.41
C VAL C 124 1.36 -33.51 10.35
N ALA C 125 1.84 -34.45 11.16
CA ALA C 125 0.95 -35.13 12.11
C ALA C 125 0.34 -34.13 13.08
N ASP C 126 -0.89 -34.41 13.50
CA ASP C 126 -1.61 -33.49 14.37
C ASP C 126 -1.02 -33.41 15.76
N ASP C 127 -0.29 -34.44 16.19
CA ASP C 127 0.30 -34.46 17.53
C ASP C 127 1.76 -34.02 17.52
N CYS C 128 2.20 -33.33 16.46
CA CYS C 128 3.53 -32.74 16.49
C CYS C 128 3.50 -31.43 17.29
N PRO C 129 4.59 -31.11 18.00
CA PRO C 129 4.55 -29.94 18.89
C PRO C 129 4.46 -28.60 18.17
N THR C 130 5.05 -28.49 16.98
CA THR C 130 5.02 -27.25 16.20
C THR C 130 4.27 -27.49 14.90
N PRO C 131 3.83 -26.42 14.22
CA PRO C 131 3.14 -26.62 12.93
C PRO C 131 4.02 -27.28 11.88
N MET C 132 5.30 -26.94 11.83
CA MET C 132 6.23 -27.51 10.87
C MET C 132 6.87 -28.81 11.35
N GLY C 133 6.38 -29.38 12.44
CA GLY C 133 6.95 -30.60 12.98
C GLY C 133 7.54 -30.41 14.35
N VAL C 134 8.85 -30.16 14.42
CA VAL C 134 9.51 -29.88 15.68
C VAL C 134 10.22 -28.54 15.70
N LYS C 135 10.52 -27.94 14.55
CA LYS C 135 11.20 -26.65 14.50
C LYS C 135 10.19 -25.52 14.60
N GLY C 136 10.67 -24.38 15.12
CA GLY C 136 9.86 -23.19 15.18
C GLY C 136 9.12 -23.03 16.49
N ASN C 137 8.39 -21.92 16.59
CA ASN C 137 7.59 -21.63 17.77
C ASN C 137 6.29 -22.42 17.72
N LYS C 138 5.48 -22.25 18.77
CA LYS C 138 4.23 -23.00 18.86
C LYS C 138 3.25 -22.60 17.76
N GLU C 139 3.26 -21.33 17.36
CA GLU C 139 2.38 -20.84 16.31
C GLU C 139 3.19 -20.07 15.28
N LEU C 140 2.79 -20.19 14.02
CA LEU C 140 3.41 -19.45 12.94
C LEU C 140 3.10 -17.96 13.05
N PRO C 141 3.88 -17.10 12.39
CA PRO C 141 3.61 -15.66 12.47
C PRO C 141 2.26 -15.29 11.88
N ASP C 142 1.76 -14.14 12.31
CA ASP C 142 0.49 -13.61 11.86
C ASP C 142 0.43 -13.56 10.34
N SER C 143 -0.55 -14.26 9.77
CA SER C 143 -0.70 -14.26 8.31
C SER C 143 -0.98 -12.86 7.79
N LYS C 144 -1.73 -12.06 8.56
CA LYS C 144 -1.92 -10.65 8.22
C LYS C 144 -0.60 -9.90 8.23
N GLU C 145 0.29 -10.27 9.17
CA GLU C 145 1.60 -9.62 9.24
C GLU C 145 2.45 -9.97 8.03
N VAL C 146 2.48 -11.25 7.67
CA VAL C 146 3.25 -11.67 6.49
C VAL C 146 2.68 -11.05 5.23
N LEU C 147 1.34 -10.98 5.14
CA LEU C 147 0.70 -10.43 3.95
C LEU C 147 1.07 -8.97 3.74
N GLU C 148 0.93 -8.16 4.79
CA GLU C 148 1.15 -6.72 4.64
C GLU C 148 2.62 -6.37 4.48
N LYS C 149 3.52 -7.19 5.01
CA LYS C 149 4.93 -6.82 5.05
C LYS C 149 5.69 -7.21 3.79
N VAL C 150 5.45 -8.39 3.23
CA VAL C 150 6.23 -8.89 2.10
C VAL C 150 5.38 -9.22 0.88
N LEU C 151 4.07 -9.08 0.96
CA LEU C 151 3.22 -9.52 -0.15
C LEU C 151 2.41 -8.40 -0.79
N LEU C 152 1.88 -7.47 -0.01
CA LEU C 152 1.02 -6.44 -0.59
C LEU C 152 1.81 -5.51 -1.49
N ARG C 153 1.13 -5.01 -2.52
CA ARG C 153 1.76 -4.24 -3.60
C ARG C 153 1.81 -2.77 -3.22
N ARG C 154 3.01 -2.25 -3.02
CA ARG C 154 3.19 -0.82 -2.85
C ARG C 154 3.07 -0.10 -4.19
N GLU C 155 3.93 -0.44 -5.14
CA GLU C 155 3.86 0.07 -6.50
C GLU C 155 3.91 -1.10 -7.47
N PHE C 156 3.16 -0.98 -8.55
CA PHE C 156 3.06 -2.06 -9.53
C PHE C 156 4.41 -2.38 -10.13
N ILE C 157 4.81 -3.65 -10.04
CA ILE C 157 6.06 -4.15 -10.58
C ILE C 157 5.73 -4.92 -11.86
N PRO C 158 6.04 -4.38 -13.04
CA PRO C 158 5.72 -5.09 -14.28
C PRO C 158 6.56 -6.35 -14.43
N ASP C 159 6.05 -7.27 -15.23
CA ASP C 159 6.75 -8.52 -15.49
C ASP C 159 7.92 -8.27 -16.43
N PRO C 160 9.17 -8.54 -16.02
CA PRO C 160 10.31 -8.34 -16.92
C PRO C 160 10.32 -9.29 -18.10
N GLN C 161 9.47 -10.31 -18.13
CA GLN C 161 9.33 -11.17 -19.30
C GLN C 161 8.23 -10.69 -20.25
N GLY C 162 7.51 -9.63 -19.89
CA GLY C 162 6.53 -9.06 -20.79
C GLY C 162 5.22 -9.80 -20.86
N SER C 163 4.90 -10.63 -19.87
CA SER C 163 3.58 -11.28 -19.83
C SER C 163 2.48 -10.23 -19.88
N ASN C 164 1.44 -10.53 -20.64
CA ASN C 164 0.33 -9.62 -20.85
C ASN C 164 -0.94 -10.20 -20.24
N MET C 165 -2.04 -9.46 -20.39
CA MET C 165 -3.31 -9.92 -19.85
C MET C 165 -3.91 -11.06 -20.66
N MET C 166 -3.52 -11.20 -21.93
CA MET C 166 -3.88 -12.40 -22.69
C MET C 166 -3.25 -13.63 -22.08
N PHE C 167 -2.06 -13.49 -21.47
CA PHE C 167 -1.43 -14.60 -20.77
C PHE C 167 -2.03 -14.81 -19.39
N ALA C 168 -2.28 -13.71 -18.65
CA ALA C 168 -2.85 -13.83 -17.31
C ALA C 168 -4.21 -14.52 -17.35
N PHE C 169 -5.08 -14.08 -18.26
CA PHE C 169 -6.43 -14.64 -18.31
C PHE C 169 -6.43 -16.04 -18.95
N PHE C 170 -5.46 -16.35 -19.80
CA PHE C 170 -5.35 -17.73 -20.27
C PHE C 170 -4.92 -18.64 -19.14
N ALA C 171 -4.03 -18.16 -18.27
CA ALA C 171 -3.64 -18.93 -17.10
C ALA C 171 -4.83 -19.17 -16.19
N GLN C 172 -5.60 -18.13 -15.91
CA GLN C 172 -6.76 -18.28 -15.02
C GLN C 172 -7.80 -19.20 -15.66
N HIS C 173 -8.08 -19.01 -16.95
CA HIS C 173 -9.10 -19.82 -17.61
C HIS C 173 -8.67 -21.27 -17.70
N PHE C 174 -7.41 -21.54 -18.04
CA PHE C 174 -6.96 -22.91 -18.23
C PHE C 174 -6.86 -23.66 -16.91
N THR C 175 -6.22 -23.05 -15.90
CA THR C 175 -5.99 -23.75 -14.65
C THR C 175 -7.28 -23.97 -13.87
N HIS C 176 -8.28 -23.12 -14.07
CA HIS C 176 -9.51 -23.22 -13.30
C HIS C 176 -10.45 -24.32 -13.79
N GLN C 177 -9.96 -25.25 -14.61
CA GLN C 177 -10.70 -26.47 -14.91
C GLN C 177 -10.29 -27.64 -14.03
N PHE C 178 -9.06 -27.65 -13.53
CA PHE C 178 -8.62 -28.66 -12.57
C PHE C 178 -8.29 -28.09 -11.20
N PHE C 179 -8.46 -26.78 -11.00
CA PHE C 179 -8.35 -26.15 -9.69
C PHE C 179 -9.76 -25.67 -9.31
N LYS C 180 -10.53 -26.57 -8.69
CA LYS C 180 -11.92 -26.28 -8.30
C LYS C 180 -12.10 -26.78 -6.86
N THR C 181 -11.65 -25.98 -5.90
CA THR C 181 -11.72 -26.35 -4.50
C THR C 181 -13.18 -26.52 -4.07
N ASP C 182 -13.46 -27.63 -3.39
CA ASP C 182 -14.80 -27.91 -2.87
C ASP C 182 -14.89 -27.29 -1.47
N HIS C 183 -15.27 -26.02 -1.42
CA HIS C 183 -15.31 -25.28 -0.17
C HIS C 183 -16.34 -25.82 0.81
N LYS C 184 -17.25 -26.69 0.37
CA LYS C 184 -18.14 -27.35 1.31
C LYS C 184 -17.42 -28.41 2.11
N ARG C 185 -16.46 -29.10 1.51
CA ARG C 185 -15.68 -30.12 2.19
C ARG C 185 -14.44 -29.54 2.87
N GLY C 186 -13.69 -28.70 2.16
CA GLY C 186 -12.50 -28.10 2.70
C GLY C 186 -11.48 -27.74 1.64
N PRO C 187 -10.33 -27.21 2.05
CA PRO C 187 -9.33 -26.78 1.06
C PRO C 187 -8.66 -27.95 0.36
N GLY C 188 -8.44 -29.06 1.06
CA GLY C 188 -7.84 -30.23 0.46
C GLY C 188 -8.75 -31.07 -0.40
N PHE C 189 -9.93 -30.56 -0.75
CA PHE C 189 -10.91 -31.30 -1.54
C PHE C 189 -11.20 -30.54 -2.83
N THR C 190 -11.37 -31.30 -3.92
CA THR C 190 -11.58 -30.74 -5.24
C THR C 190 -12.94 -31.15 -5.77
N ARG C 191 -13.50 -30.32 -6.66
CA ARG C 191 -14.71 -30.65 -7.39
C ARG C 191 -14.43 -31.18 -8.80
N GLY C 192 -13.21 -30.99 -9.31
CA GLY C 192 -12.86 -31.51 -10.61
C GLY C 192 -12.34 -32.94 -10.53
N LEU C 193 -13.24 -33.91 -10.64
CA LEU C 193 -12.86 -35.32 -10.54
C LEU C 193 -12.13 -35.83 -11.77
N GLY C 194 -11.99 -35.02 -12.82
CA GLY C 194 -11.12 -35.36 -13.92
C GLY C 194 -9.64 -35.25 -13.61
N HIS C 195 -9.27 -34.39 -12.65
CA HIS C 195 -7.88 -34.27 -12.19
C HIS C 195 -6.91 -34.00 -13.34
N GLY C 196 -7.35 -33.19 -14.30
CA GLY C 196 -6.51 -32.87 -15.43
C GLY C 196 -7.26 -32.04 -16.45
N VAL C 197 -6.76 -32.10 -17.69
CA VAL C 197 -7.28 -31.28 -18.79
C VAL C 197 -8.37 -32.09 -19.47
N ASP C 198 -9.59 -31.98 -18.95
CA ASP C 198 -10.76 -32.57 -19.59
C ASP C 198 -11.66 -31.53 -20.23
N LEU C 199 -11.36 -30.25 -20.06
CA LEU C 199 -12.13 -29.14 -20.62
C LEU C 199 -13.54 -29.10 -20.03
N ASN C 200 -13.69 -29.51 -18.77
CA ASN C 200 -14.98 -29.38 -18.11
C ASN C 200 -15.36 -27.92 -17.90
N HIS C 201 -14.39 -27.00 -17.93
CA HIS C 201 -14.70 -25.58 -17.87
C HIS C 201 -15.37 -25.07 -19.13
N ILE C 202 -15.42 -25.89 -20.19
CA ILE C 202 -16.17 -25.57 -21.40
C ILE C 202 -17.44 -26.41 -21.49
N TYR C 203 -17.33 -27.70 -21.24
CA TYR C 203 -18.42 -28.65 -21.47
C TYR C 203 -19.16 -29.05 -20.20
N GLY C 204 -18.77 -28.52 -19.05
CA GLY C 204 -19.43 -28.91 -17.82
C GLY C 204 -18.79 -30.12 -17.18
N GLU C 205 -18.88 -30.18 -15.85
CA GLU C 205 -18.30 -31.30 -15.12
C GLU C 205 -19.19 -32.54 -15.16
N THR C 206 -20.51 -32.36 -15.15
CA THR C 206 -21.45 -33.46 -15.15
C THR C 206 -22.13 -33.59 -16.51
N LEU C 207 -22.55 -34.81 -16.82
CA LEU C 207 -23.25 -35.08 -18.07
C LEU C 207 -24.53 -34.28 -18.18
N ASP C 208 -25.20 -34.02 -17.05
CA ASP C 208 -26.44 -33.25 -17.10
C ASP C 208 -26.19 -31.80 -17.47
N ARG C 209 -25.10 -31.21 -16.95
CA ARG C 209 -24.77 -29.83 -17.31
C ARG C 209 -24.34 -29.73 -18.77
N GLN C 210 -23.63 -30.75 -19.27
CA GLN C 210 -23.22 -30.76 -20.66
C GLN C 210 -24.43 -30.79 -21.59
N HIS C 211 -25.45 -31.57 -21.23
CA HIS C 211 -26.64 -31.65 -22.08
C HIS C 211 -27.42 -30.34 -22.07
N LYS C 212 -27.37 -29.59 -20.96
CA LYS C 212 -28.01 -28.28 -20.93
C LYS C 212 -27.26 -27.28 -21.80
N LEU C 213 -25.94 -27.44 -21.94
CA LEU C 213 -25.14 -26.55 -22.77
C LEU C 213 -25.12 -26.94 -24.24
N ARG C 214 -25.32 -28.22 -24.55
CA ARG C 214 -25.23 -28.69 -25.92
C ARG C 214 -26.46 -28.29 -26.74
N LEU C 215 -26.24 -28.08 -28.03
CA LEU C 215 -27.31 -27.76 -28.96
C LEU C 215 -27.98 -29.01 -29.54
N PHE C 216 -27.29 -30.14 -29.53
CA PHE C 216 -27.80 -31.41 -30.05
C PHE C 216 -28.14 -31.33 -31.53
N LYS C 217 -27.42 -30.46 -32.25
CA LYS C 217 -27.47 -30.40 -33.70
C LYS C 217 -26.06 -30.14 -34.20
N ASP C 218 -25.53 -31.06 -34.98
CA ASP C 218 -24.19 -31.00 -35.57
C ASP C 218 -23.08 -31.00 -34.53
N GLY C 219 -23.38 -31.37 -33.28
CA GLY C 219 -22.38 -31.48 -32.23
C GLY C 219 -22.04 -30.19 -31.53
N LYS C 220 -22.75 -29.10 -31.81
CA LYS C 220 -22.37 -27.79 -31.31
C LYS C 220 -22.92 -27.54 -29.90
N LEU C 221 -22.43 -26.47 -29.30
CA LEU C 221 -22.93 -25.96 -28.03
C LEU C 221 -23.86 -24.78 -28.29
N LYS C 222 -24.86 -24.64 -27.43
CA LYS C 222 -25.84 -23.56 -27.60
C LYS C 222 -25.16 -22.21 -27.51
N TYR C 223 -25.71 -21.24 -28.25
CA TYR C 223 -25.13 -19.91 -28.29
C TYR C 223 -26.21 -18.90 -28.68
N GLN C 224 -25.95 -17.64 -28.37
CA GLN C 224 -26.81 -16.54 -28.77
C GLN C 224 -26.02 -15.57 -29.64
N VAL C 225 -26.74 -14.72 -30.36
CA VAL C 225 -26.15 -13.72 -31.24
C VAL C 225 -26.54 -12.35 -30.72
N ILE C 226 -25.54 -11.54 -30.35
CA ILE C 226 -25.75 -10.20 -29.85
C ILE C 226 -25.01 -9.25 -30.78
N GLY C 227 -25.76 -8.46 -31.55
CA GLY C 227 -25.16 -7.51 -32.47
C GLY C 227 -24.29 -8.16 -33.53
N GLY C 228 -24.73 -9.30 -34.06
CA GLY C 228 -23.95 -10.02 -35.04
C GLY C 228 -22.77 -10.80 -34.49
N GLU C 229 -22.60 -10.82 -33.18
CA GLU C 229 -21.49 -11.54 -32.54
C GLU C 229 -22.04 -12.72 -31.75
N VAL C 230 -21.27 -13.80 -31.73
CA VAL C 230 -21.68 -15.04 -31.07
C VAL C 230 -21.13 -15.03 -29.65
N TYR C 231 -22.01 -15.18 -28.68
CA TYR C 231 -21.69 -15.24 -27.26
C TYR C 231 -22.37 -16.44 -26.63
N PRO C 232 -21.89 -16.89 -25.47
CA PRO C 232 -22.54 -18.01 -24.78
C PRO C 232 -23.99 -17.70 -24.44
N PRO C 233 -24.81 -18.71 -24.18
CA PRO C 233 -26.22 -18.47 -23.89
C PRO C 233 -26.42 -18.05 -22.43
N THR C 234 -27.66 -17.68 -22.12
CA THR C 234 -28.01 -17.19 -20.80
C THR C 234 -28.40 -18.33 -19.86
N VAL C 235 -28.44 -18.01 -18.57
CA VAL C 235 -28.91 -18.96 -17.57
C VAL C 235 -30.39 -19.27 -17.79
N LYS C 236 -31.18 -18.25 -18.13
CA LYS C 236 -32.61 -18.47 -18.35
C LYS C 236 -32.86 -19.38 -19.53
N ASP C 237 -32.05 -19.26 -20.59
CA ASP C 237 -32.29 -20.03 -21.80
C ASP C 237 -31.83 -21.48 -21.69
N THR C 238 -30.86 -21.75 -20.82
CA THR C 238 -30.26 -23.08 -20.74
C THR C 238 -30.45 -23.79 -19.40
N GLN C 239 -30.93 -23.09 -18.36
CA GLN C 239 -31.23 -23.62 -17.04
C GLN C 239 -29.99 -23.98 -16.23
N VAL C 240 -28.79 -23.80 -16.77
CA VAL C 240 -27.58 -24.18 -16.05
C VAL C 240 -27.26 -23.12 -15.00
N GLU C 241 -26.69 -23.56 -13.88
CA GLU C 241 -26.45 -22.67 -12.75
C GLU C 241 -25.14 -21.93 -12.91
N MET C 242 -25.16 -20.62 -12.67
CA MET C 242 -23.98 -19.77 -12.73
C MET C 242 -23.94 -18.89 -11.50
N ILE C 243 -22.72 -18.50 -11.10
CA ILE C 243 -22.52 -17.66 -9.93
C ILE C 243 -22.51 -16.20 -10.38
N TYR C 244 -23.59 -15.48 -10.09
CA TYR C 244 -23.71 -14.08 -10.41
C TYR C 244 -24.35 -13.33 -9.26
N PRO C 245 -23.90 -12.11 -8.96
CA PRO C 245 -24.58 -11.31 -7.96
C PRO C 245 -26.00 -11.00 -8.38
N PRO C 246 -26.90 -10.76 -7.43
CA PRO C 246 -28.31 -10.59 -7.78
C PRO C 246 -28.61 -9.34 -8.61
N HIS C 247 -27.66 -8.43 -8.75
CA HIS C 247 -27.88 -7.19 -9.50
C HIS C 247 -27.54 -7.32 -10.98
N ILE C 248 -27.22 -8.52 -11.45
CA ILE C 248 -26.86 -8.74 -12.86
C ILE C 248 -28.12 -9.06 -13.64
N PRO C 249 -28.39 -8.35 -14.74
CA PRO C 249 -29.62 -8.60 -15.51
C PRO C 249 -29.66 -10.00 -16.10
N GLU C 250 -30.81 -10.31 -16.72
CA GLU C 250 -31.02 -11.64 -17.27
C GLU C 250 -30.04 -11.96 -18.38
N ASN C 251 -30.04 -11.14 -19.44
CA ASN C 251 -29.22 -11.41 -20.62
C ASN C 251 -27.77 -11.00 -20.45
N LEU C 252 -27.30 -10.85 -19.21
CA LEU C 252 -25.88 -10.73 -18.92
C LEU C 252 -25.36 -11.94 -18.14
N GLN C 253 -26.22 -12.89 -17.81
CA GLN C 253 -25.83 -14.10 -17.09
C GLN C 253 -25.48 -15.19 -18.10
N PHE C 254 -24.27 -15.08 -18.64
CA PHE C 254 -23.81 -16.05 -19.63
C PHE C 254 -23.58 -17.41 -18.98
N ALA C 255 -24.02 -18.46 -19.67
CA ALA C 255 -23.89 -19.83 -19.17
C ALA C 255 -22.76 -20.52 -19.93
N VAL C 256 -21.70 -20.87 -19.21
CA VAL C 256 -20.54 -21.54 -19.77
C VAL C 256 -20.27 -22.79 -18.93
N GLY C 257 -19.21 -23.52 -19.30
CA GLY C 257 -18.91 -24.77 -18.62
C GLY C 257 -18.63 -24.58 -17.14
N GLN C 258 -17.72 -23.66 -16.82
CA GLN C 258 -17.37 -23.40 -15.43
C GLN C 258 -18.37 -22.41 -14.82
N GLU C 259 -18.81 -22.70 -13.59
CA GLU C 259 -19.83 -21.89 -12.95
C GLU C 259 -19.32 -20.56 -12.42
N VAL C 260 -18.01 -20.34 -12.38
CA VAL C 260 -17.45 -19.12 -11.81
C VAL C 260 -16.84 -18.21 -12.89
N PHE C 261 -16.98 -18.57 -14.17
CA PHE C 261 -16.37 -17.77 -15.21
C PHE C 261 -17.08 -16.45 -15.46
N GLY C 262 -18.24 -16.22 -14.86
CA GLY C 262 -18.83 -14.90 -14.87
C GLY C 262 -18.15 -13.89 -13.98
N LEU C 263 -17.12 -14.32 -13.25
CA LEU C 263 -16.45 -13.44 -12.29
C LEU C 263 -15.78 -12.26 -13.00
N VAL C 264 -14.94 -12.54 -13.99
CA VAL C 264 -14.18 -11.50 -14.66
C VAL C 264 -14.33 -11.62 -16.17
N PRO C 265 -14.41 -10.50 -16.90
CA PRO C 265 -14.58 -10.59 -18.36
C PRO C 265 -13.41 -11.23 -19.08
N GLY C 266 -12.21 -11.23 -18.50
CA GLY C 266 -11.11 -11.96 -19.11
C GLY C 266 -11.42 -13.44 -19.24
N LEU C 267 -12.11 -14.00 -18.23
CA LEU C 267 -12.52 -15.40 -18.31
C LEU C 267 -13.61 -15.58 -19.36
N MET C 268 -14.65 -14.74 -19.32
CA MET C 268 -15.73 -14.84 -20.29
C MET C 268 -15.24 -14.64 -21.73
N MET C 269 -14.11 -13.94 -21.90
CA MET C 269 -13.53 -13.81 -23.24
C MET C 269 -13.06 -15.16 -23.76
N TYR C 270 -12.24 -15.86 -22.99
CA TYR C 270 -11.76 -17.18 -23.41
C TYR C 270 -12.89 -18.19 -23.47
N ALA C 271 -13.90 -18.05 -22.60
CA ALA C 271 -15.07 -18.91 -22.70
C ALA C 271 -15.79 -18.70 -24.03
N THR C 272 -15.83 -17.47 -24.51
CA THR C 272 -16.47 -17.19 -25.80
C THR C 272 -15.57 -17.63 -26.95
N ILE C 273 -14.25 -17.53 -26.78
CA ILE C 273 -13.34 -17.95 -27.84
C ILE C 273 -13.39 -19.46 -28.03
N TRP C 274 -13.31 -20.22 -26.93
CA TRP C 274 -13.32 -21.67 -27.03
C TRP C 274 -14.69 -22.19 -27.46
N LEU C 275 -15.78 -21.53 -27.04
CA LEU C 275 -17.10 -21.92 -27.51
C LEU C 275 -17.20 -21.82 -29.02
N ARG C 276 -16.65 -20.75 -29.60
CA ARG C 276 -16.61 -20.63 -31.06
C ARG C 276 -15.72 -21.69 -31.69
N GLU C 277 -14.61 -22.03 -31.01
CA GLU C 277 -13.69 -23.01 -31.56
C GLU C 277 -14.29 -24.40 -31.60
N HIS C 278 -15.10 -24.75 -30.60
CA HIS C 278 -15.79 -26.04 -30.63
C HIS C 278 -16.75 -26.12 -31.80
N ASN C 279 -17.57 -25.09 -31.99
CA ASN C 279 -18.54 -25.09 -33.09
C ASN C 279 -17.85 -24.96 -34.44
N ARG C 280 -16.68 -24.32 -34.48
CA ARG C 280 -15.90 -24.27 -35.73
C ARG C 280 -15.44 -25.67 -36.13
N VAL C 281 -14.85 -26.40 -35.19
CA VAL C 281 -14.44 -27.78 -35.46
C VAL C 281 -15.63 -28.64 -35.83
N CYS C 282 -16.81 -28.35 -35.27
CA CYS C 282 -18.02 -29.09 -35.65
C CYS C 282 -18.38 -28.84 -37.11
N ASP C 283 -18.20 -27.61 -37.60
CA ASP C 283 -18.43 -27.33 -39.02
C ASP C 283 -17.42 -28.09 -39.88
N ILE C 284 -16.19 -28.24 -39.39
CA ILE C 284 -15.15 -28.92 -40.14
C ILE C 284 -15.41 -30.43 -40.18
N LEU C 285 -15.77 -31.00 -39.03
CA LEU C 285 -16.00 -32.45 -38.98
C LEU C 285 -17.27 -32.84 -39.73
N LYS C 286 -18.31 -32.02 -39.64
CA LYS C 286 -19.50 -32.27 -40.45
C LYS C 286 -19.21 -32.15 -41.93
N GLN C 287 -18.30 -31.23 -42.30
CA GLN C 287 -17.88 -31.11 -43.68
C GLN C 287 -17.20 -32.37 -44.18
N GLU C 288 -16.39 -33.00 -43.32
N GLU C 288 -16.39 -33.01 -43.33
CA GLU C 288 -15.64 -34.20 -43.69
CA GLU C 288 -15.66 -34.20 -43.74
C GLU C 288 -16.43 -35.47 -43.46
C GLU C 288 -16.41 -35.50 -43.44
N HIS C 289 -17.35 -35.48 -42.50
CA HIS C 289 -18.16 -36.66 -42.17
C HIS C 289 -19.63 -36.28 -42.18
N PRO C 290 -20.24 -36.16 -43.37
CA PRO C 290 -21.68 -35.91 -43.41
C PRO C 290 -22.51 -37.06 -42.88
N GLU C 291 -21.93 -38.25 -42.77
CA GLU C 291 -22.60 -39.41 -42.21
C GLU C 291 -22.55 -39.45 -40.68
N TRP C 292 -21.88 -38.49 -40.05
CA TRP C 292 -21.77 -38.48 -38.60
C TRP C 292 -22.97 -37.83 -37.95
N GLY C 293 -23.43 -38.41 -36.84
CA GLY C 293 -24.51 -37.86 -36.07
C GLY C 293 -24.04 -36.82 -35.07
N ASP C 294 -25.00 -36.28 -34.32
CA ASP C 294 -24.72 -35.18 -33.41
C ASP C 294 -23.77 -35.60 -32.29
N GLU C 295 -23.92 -36.82 -31.79
CA GLU C 295 -23.14 -37.24 -30.62
C GLU C 295 -21.66 -37.38 -30.97
N GLN C 296 -21.35 -38.05 -32.08
CA GLN C 296 -19.95 -38.29 -32.42
C GLN C 296 -19.23 -36.99 -32.79
N LEU C 297 -19.94 -36.06 -33.44
CA LEU C 297 -19.33 -34.78 -33.77
C LEU C 297 -18.93 -34.02 -32.52
N PHE C 298 -19.82 -33.96 -31.52
CA PHE C 298 -19.49 -33.30 -30.27
C PHE C 298 -18.33 -33.98 -29.57
N GLN C 299 -18.36 -35.32 -29.48
CA GLN C 299 -17.32 -36.04 -28.75
C GLN C 299 -15.97 -35.90 -29.43
N THR C 300 -15.94 -35.97 -30.76
CA THR C 300 -14.67 -35.81 -31.47
C THR C 300 -14.17 -34.38 -31.39
N SER C 301 -15.09 -33.40 -31.43
CA SER C 301 -14.69 -32.01 -31.25
C SER C 301 -14.08 -31.78 -29.88
N ARG C 302 -14.66 -32.38 -28.84
CA ARG C 302 -14.11 -32.23 -27.49
C ARG C 302 -12.69 -32.78 -27.41
N LEU C 303 -12.46 -33.96 -27.99
CA LEU C 303 -11.12 -34.53 -27.99
C LEU C 303 -10.14 -33.66 -28.78
N ILE C 304 -10.62 -32.99 -29.83
CA ILE C 304 -9.75 -32.13 -30.62
C ILE C 304 -9.39 -30.87 -29.84
N LEU C 305 -10.37 -30.26 -29.18
CA LEU C 305 -10.10 -29.06 -28.39
C LEU C 305 -9.21 -29.37 -27.19
N ILE C 306 -9.32 -30.58 -26.64
CA ILE C 306 -8.40 -31.01 -25.59
C ILE C 306 -6.98 -31.06 -26.13
N GLY C 307 -6.81 -31.63 -27.34
CA GLY C 307 -5.48 -31.65 -27.94
C GLY C 307 -4.97 -30.28 -28.29
N GLU C 308 -5.87 -29.40 -28.76
CA GLU C 308 -5.47 -28.01 -29.02
C GLU C 308 -4.99 -27.33 -27.75
N THR C 309 -5.67 -27.58 -26.62
CA THR C 309 -5.26 -27.00 -25.35
C THR C 309 -3.86 -27.44 -24.98
N ILE C 310 -3.62 -28.75 -24.97
CA ILE C 310 -2.30 -29.28 -24.62
C ILE C 310 -1.24 -28.77 -25.59
N LYS C 311 -1.61 -28.55 -26.85
CA LYS C 311 -0.67 -28.01 -27.83
C LYS C 311 -0.30 -26.57 -27.50
N ILE C 312 -1.30 -25.73 -27.27
CA ILE C 312 -1.05 -24.32 -26.96
C ILE C 312 -0.31 -24.18 -25.64
N VAL C 313 -0.70 -24.97 -24.63
CA VAL C 313 -0.12 -24.82 -23.30
C VAL C 313 1.37 -25.12 -23.32
N ILE C 314 1.79 -26.09 -24.13
CA ILE C 314 3.21 -26.46 -24.17
C ILE C 314 4.00 -25.49 -25.04
N GLU C 315 3.57 -25.31 -26.28
CA GLU C 315 4.38 -24.61 -27.28
C GLU C 315 4.21 -23.09 -27.25
N ASP C 316 3.22 -22.57 -26.53
CA ASP C 316 3.06 -21.12 -26.37
C ASP C 316 3.07 -20.72 -24.91
N TYR C 317 2.16 -21.26 -24.10
CA TYR C 317 2.07 -20.90 -22.69
C TYR C 317 3.36 -21.24 -21.95
N VAL C 318 3.75 -22.51 -21.95
CA VAL C 318 4.98 -22.91 -21.26
C VAL C 318 6.21 -22.31 -21.95
N GLN C 319 6.17 -22.21 -23.27
CA GLN C 319 7.29 -21.61 -24.00
C GLN C 319 7.55 -20.19 -23.54
N HIS C 320 6.49 -19.44 -23.23
CA HIS C 320 6.64 -18.04 -22.85
C HIS C 320 7.31 -17.91 -21.48
N LEU C 321 6.67 -18.45 -20.44
CA LEU C 321 7.20 -18.26 -19.09
C LEU C 321 8.43 -19.11 -18.80
N SER C 322 8.92 -19.89 -19.77
CA SER C 322 10.19 -20.59 -19.60
C SER C 322 11.37 -19.73 -20.02
N GLY C 323 11.18 -18.83 -20.97
CA GLY C 323 12.28 -18.04 -21.50
C GLY C 323 13.32 -18.85 -22.25
N TYR C 324 12.96 -20.05 -22.71
CA TYR C 324 13.90 -20.92 -23.38
C TYR C 324 14.08 -20.52 -24.83
N HIS C 325 15.33 -20.59 -25.31
CA HIS C 325 15.57 -20.42 -26.74
C HIS C 325 15.28 -21.71 -27.49
N PHE C 326 15.41 -22.85 -26.84
CA PHE C 326 14.91 -24.11 -27.39
C PHE C 326 13.40 -24.04 -27.51
N LYS C 327 12.88 -24.39 -28.69
CA LYS C 327 11.45 -24.32 -28.96
C LYS C 327 10.81 -25.63 -28.52
N LEU C 328 9.99 -25.57 -27.48
CA LEU C 328 9.33 -26.76 -26.95
C LEU C 328 8.35 -27.33 -27.98
N LYS C 329 8.07 -28.62 -27.85
CA LYS C 329 7.33 -29.36 -28.86
C LYS C 329 6.36 -30.32 -28.19
N PHE C 330 5.10 -30.25 -28.59
CA PHE C 330 4.08 -31.20 -28.13
C PHE C 330 4.09 -32.40 -29.06
N ASP C 331 4.63 -33.52 -28.57
CA ASP C 331 4.76 -34.72 -29.39
C ASP C 331 4.65 -35.94 -28.47
N PRO C 332 3.46 -36.50 -28.32
CA PRO C 332 3.30 -37.67 -27.46
C PRO C 332 4.19 -38.85 -27.84
N GLU C 333 4.58 -38.95 -29.11
CA GLU C 333 5.40 -40.07 -29.55
C GLU C 333 6.74 -40.14 -28.82
N LEU C 334 7.24 -39.01 -28.30
CA LEU C 334 8.52 -39.00 -27.60
C LEU C 334 8.49 -39.82 -26.32
N LEU C 335 7.32 -40.22 -25.83
CA LEU C 335 7.19 -40.98 -24.60
C LEU C 335 6.75 -42.42 -24.82
N PHE C 336 6.52 -42.83 -26.07
CA PHE C 336 6.03 -44.18 -26.32
C PHE C 336 7.05 -45.24 -25.92
N ASN C 337 8.32 -45.02 -26.22
CA ASN C 337 9.39 -45.93 -25.83
C ASN C 337 9.95 -45.60 -24.46
N GLN C 338 9.19 -44.91 -23.61
CA GLN C 338 9.61 -44.52 -22.28
C GLN C 338 8.62 -45.03 -21.24
N GLN C 339 9.09 -45.18 -20.00
CA GLN C 339 8.22 -45.52 -18.89
C GLN C 339 7.47 -44.25 -18.45
N PHE C 340 6.14 -44.31 -18.49
CA PHE C 340 5.34 -43.11 -18.21
C PHE C 340 3.93 -43.54 -17.89
N GLN C 341 3.43 -43.15 -16.72
CA GLN C 341 2.05 -43.42 -16.34
C GLN C 341 1.14 -42.40 -17.00
N TYR C 342 0.22 -42.88 -17.84
CA TYR C 342 -0.75 -42.00 -18.47
C TYR C 342 -1.92 -41.74 -17.54
N GLN C 343 -1.61 -41.26 -16.34
CA GLN C 343 -2.60 -40.90 -15.34
C GLN C 343 -2.11 -39.65 -14.62
N ASN C 344 -3.01 -39.05 -13.84
CA ASN C 344 -2.66 -37.83 -13.12
C ASN C 344 -3.67 -37.56 -12.01
N ARG C 345 -3.17 -37.07 -10.88
CA ARG C 345 -3.98 -36.62 -9.76
C ARG C 345 -3.50 -35.24 -9.36
N ILE C 346 -4.42 -34.26 -9.34
CA ILE C 346 -4.04 -32.88 -9.10
C ILE C 346 -3.56 -32.73 -7.66
N ALA C 347 -2.34 -32.25 -7.49
CA ALA C 347 -1.75 -32.08 -6.17
C ALA C 347 -2.11 -30.73 -5.57
N SER C 348 -2.38 -30.74 -4.27
CA SER C 348 -2.78 -29.51 -3.59
C SER C 348 -1.70 -28.44 -3.68
N GLU C 349 -0.42 -28.86 -3.58
CA GLU C 349 0.66 -27.90 -3.71
C GLU C 349 0.65 -27.23 -5.08
N PHE C 350 0.39 -27.99 -6.13
CA PHE C 350 0.26 -27.41 -7.46
C PHE C 350 -0.83 -26.35 -7.50
N ASN C 351 -1.92 -26.57 -6.77
CA ASN C 351 -2.94 -25.54 -6.62
C ASN C 351 -2.41 -24.35 -5.85
N THR C 352 -1.57 -24.59 -4.85
CA THR C 352 -1.10 -23.50 -3.99
C THR C 352 -0.14 -22.59 -4.74
N LEU C 353 0.83 -23.17 -5.44
CA LEU C 353 1.83 -22.37 -6.14
C LEU C 353 1.32 -21.75 -7.44
N TYR C 354 0.09 -22.05 -7.84
CA TYR C 354 -0.48 -21.43 -9.02
C TYR C 354 -1.30 -20.18 -8.70
N HIS C 355 -1.28 -19.73 -7.45
CA HIS C 355 -1.96 -18.49 -7.10
C HIS C 355 -1.17 -17.30 -7.61
N TRP C 356 -1.21 -17.09 -8.92
CA TRP C 356 -0.43 -16.04 -9.60
C TRP C 356 -1.17 -14.72 -9.67
N HIS C 357 -1.81 -14.33 -8.57
CA HIS C 357 -2.50 -13.04 -8.53
C HIS C 357 -1.57 -11.83 -8.72
N PRO C 358 -0.27 -11.87 -8.38
CA PRO C 358 0.63 -10.77 -8.75
C PRO C 358 0.59 -10.40 -10.24
N LEU C 359 0.15 -11.34 -11.09
CA LEU C 359 0.01 -11.03 -12.51
C LEU C 359 -0.99 -9.90 -12.74
N LEU C 360 -1.94 -9.73 -11.84
CA LEU C 360 -3.02 -8.77 -12.07
C LEU C 360 -2.51 -7.35 -11.95
N PRO C 361 -3.02 -6.42 -12.76
CA PRO C 361 -2.64 -5.01 -12.62
C PRO C 361 -3.53 -4.27 -11.64
N ASP C 362 -3.32 -2.96 -11.49
CA ASP C 362 -4.19 -2.18 -10.63
C ASP C 362 -5.44 -1.69 -11.36
N THR C 363 -5.39 -1.60 -12.69
CA THR C 363 -6.55 -1.29 -13.51
C THR C 363 -6.50 -2.14 -14.77
N PHE C 364 -7.67 -2.39 -15.34
CA PHE C 364 -7.79 -3.16 -16.58
C PHE C 364 -8.09 -2.18 -17.70
N ASN C 365 -7.14 -2.04 -18.63
CA ASN C 365 -7.21 -1.05 -19.69
C ASN C 365 -7.72 -1.73 -20.96
N ILE C 366 -8.99 -1.52 -21.26
CA ILE C 366 -9.62 -2.01 -22.49
C ILE C 366 -9.84 -0.80 -23.39
N GLU C 367 -9.21 -0.80 -24.55
CA GLU C 367 -9.26 0.32 -25.49
C GLU C 367 -8.73 1.59 -24.83
N ASP C 368 -9.61 2.56 -24.59
CA ASP C 368 -9.22 3.83 -24.01
C ASP C 368 -9.76 4.02 -22.60
N GLN C 369 -10.39 2.99 -22.03
CA GLN C 369 -10.94 3.04 -20.68
C GLN C 369 -10.02 2.31 -19.70
N GLU C 370 -10.02 2.78 -18.45
CA GLU C 370 -9.31 2.13 -17.36
C GLU C 370 -10.34 1.72 -16.31
N TYR C 371 -10.54 0.41 -16.17
CA TYR C 371 -11.54 -0.13 -15.26
C TYR C 371 -10.86 -0.62 -13.99
N SER C 372 -11.44 -0.24 -12.85
CA SER C 372 -10.96 -0.70 -11.56
C SER C 372 -11.48 -2.12 -11.29
N PHE C 373 -11.02 -2.71 -10.18
CA PHE C 373 -11.52 -4.04 -9.81
C PHE C 373 -13.01 -4.02 -9.55
N LYS C 374 -13.52 -2.94 -8.96
CA LYS C 374 -14.95 -2.84 -8.66
C LYS C 374 -15.79 -2.78 -9.91
N GLN C 375 -15.29 -2.15 -10.97
CA GLN C 375 -16.02 -2.04 -12.23
C GLN C 375 -15.81 -3.23 -13.15
N PHE C 376 -14.77 -4.03 -12.91
CA PHE C 376 -14.44 -5.13 -13.80
C PHE C 376 -15.07 -6.44 -13.38
N LEU C 377 -15.19 -6.69 -12.07
CA LEU C 377 -15.70 -7.97 -11.60
C LEU C 377 -17.19 -8.12 -11.90
N TYR C 378 -17.57 -9.28 -12.44
CA TYR C 378 -18.94 -9.65 -12.74
C TYR C 378 -19.61 -8.68 -13.72
N ASN C 379 -18.83 -7.92 -14.48
CA ASN C 379 -19.36 -6.92 -15.40
C ASN C 379 -19.10 -7.38 -16.83
N ASN C 380 -19.98 -8.25 -17.33
CA ASN C 380 -19.89 -8.73 -18.71
C ASN C 380 -20.35 -7.69 -19.72
N SER C 381 -21.09 -6.66 -19.29
CA SER C 381 -21.48 -5.59 -20.20
C SER C 381 -20.26 -4.91 -20.80
N ILE C 382 -19.12 -4.94 -20.10
CA ILE C 382 -17.87 -4.46 -20.67
C ILE C 382 -17.53 -5.23 -21.93
N LEU C 383 -17.72 -6.56 -21.90
CA LEU C 383 -17.40 -7.39 -23.06
C LEU C 383 -18.29 -7.05 -24.24
N LEU C 384 -19.60 -6.93 -24.01
CA LEU C 384 -20.51 -6.49 -25.07
C LEU C 384 -20.25 -5.05 -25.49
N GLU C 385 -19.68 -4.22 -24.62
CA GLU C 385 -19.37 -2.84 -24.98
C GLU C 385 -18.26 -2.77 -26.03
N HIS C 386 -17.19 -3.55 -25.84
CA HIS C 386 -16.01 -3.46 -26.68
C HIS C 386 -15.86 -4.58 -27.69
N GLY C 387 -16.30 -5.79 -27.38
CA GLY C 387 -16.17 -6.91 -28.29
C GLY C 387 -14.89 -7.70 -28.07
N LEU C 388 -14.87 -8.91 -28.65
CA LEU C 388 -13.73 -9.80 -28.44
C LEU C 388 -12.46 -9.23 -29.05
N THR C 389 -12.57 -8.62 -30.24
CA THR C 389 -11.39 -8.12 -30.94
C THR C 389 -10.66 -7.06 -30.11
N GLN C 390 -11.37 -6.02 -29.72
CA GLN C 390 -10.76 -4.97 -28.91
C GLN C 390 -10.23 -5.53 -27.59
N PHE C 391 -10.94 -6.50 -27.01
CA PHE C 391 -10.46 -7.17 -25.81
C PHE C 391 -9.12 -7.84 -26.06
N VAL C 392 -8.98 -8.52 -27.21
CA VAL C 392 -7.73 -9.21 -27.52
C VAL C 392 -6.61 -8.19 -27.74
N GLU C 393 -6.89 -7.15 -28.52
CA GLU C 393 -5.87 -6.13 -28.79
C GLU C 393 -5.50 -5.38 -27.51
N SER C 394 -6.49 -5.08 -26.66
CA SER C 394 -6.21 -4.39 -25.41
C SER C 394 -5.39 -5.26 -24.47
N PHE C 395 -5.81 -6.52 -24.27
CA PHE C 395 -5.11 -7.39 -23.34
C PHE C 395 -3.74 -7.81 -23.86
N THR C 396 -3.51 -7.74 -25.17
CA THR C 396 -2.17 -8.00 -25.70
C THR C 396 -1.21 -6.86 -25.36
N ARG C 397 -1.74 -5.65 -25.20
CA ARG C 397 -0.89 -4.50 -24.88
C ARG C 397 -0.56 -4.45 -23.40
N GLN C 398 -1.57 -4.60 -22.54
CA GLN C 398 -1.40 -4.40 -21.11
C GLN C 398 -0.48 -5.47 -20.52
N ILE C 399 0.58 -5.03 -19.84
CA ILE C 399 1.57 -5.93 -19.27
C ILE C 399 1.11 -6.39 -17.90
N ALA C 400 1.34 -7.66 -17.60
CA ALA C 400 1.04 -8.24 -16.30
C ALA C 400 2.19 -8.00 -15.33
N GLY C 401 1.97 -8.40 -14.08
CA GLY C 401 2.93 -8.13 -13.04
C GLY C 401 3.89 -9.29 -12.78
N ARG C 402 5.01 -8.96 -12.15
CA ARG C 402 5.98 -9.97 -11.77
CA ARG C 402 5.98 -9.97 -11.77
C ARG C 402 5.44 -10.80 -10.61
N VAL C 403 5.45 -12.12 -10.79
CA VAL C 403 4.87 -13.00 -9.76
C VAL C 403 5.80 -13.13 -8.57
N ALA C 404 7.04 -13.57 -8.81
CA ALA C 404 8.03 -13.62 -7.73
C ALA C 404 8.64 -12.23 -7.53
N GLY C 405 9.60 -12.14 -6.61
CA GLY C 405 10.28 -10.90 -6.34
C GLY C 405 9.78 -10.16 -5.11
N GLY C 406 8.55 -10.42 -4.68
CA GLY C 406 8.02 -9.82 -3.46
C GLY C 406 7.20 -8.57 -3.68
N ARG C 407 6.17 -8.41 -2.84
CA ARG C 407 5.38 -7.17 -2.77
C ARG C 407 4.78 -6.78 -4.12
N ASN C 408 4.01 -7.72 -4.69
CA ASN C 408 3.31 -7.44 -5.94
C ASN C 408 1.90 -8.00 -5.97
N VAL C 409 1.36 -8.44 -4.84
CA VAL C 409 -0.04 -8.88 -4.76
C VAL C 409 -0.91 -7.64 -4.63
N PRO C 410 -1.83 -7.40 -5.57
CA PRO C 410 -2.66 -6.20 -5.49
C PRO C 410 -3.53 -6.18 -4.24
N ILE C 411 -3.73 -4.98 -3.71
CA ILE C 411 -4.51 -4.81 -2.48
C ILE C 411 -5.94 -5.30 -2.68
N ALA C 412 -6.46 -5.23 -3.91
CA ALA C 412 -7.84 -5.61 -4.16
C ALA C 412 -8.11 -7.05 -3.76
N VAL C 413 -7.12 -7.93 -3.92
CA VAL C 413 -7.30 -9.35 -3.62
C VAL C 413 -6.40 -9.77 -2.47
N GLN C 414 -6.26 -8.90 -1.46
CA GLN C 414 -5.45 -9.26 -0.31
C GLN C 414 -6.08 -10.38 0.50
N ALA C 415 -7.41 -10.47 0.50
CA ALA C 415 -8.07 -11.57 1.20
C ALA C 415 -7.69 -12.92 0.62
N VAL C 416 -7.42 -12.98 -0.69
CA VAL C 416 -7.08 -14.24 -1.33
C VAL C 416 -5.69 -14.70 -0.93
N ALA C 417 -4.73 -13.78 -0.90
CA ALA C 417 -3.36 -14.15 -0.53
C ALA C 417 -3.28 -14.57 0.93
N LYS C 418 -4.04 -13.89 1.81
CA LYS C 418 -4.08 -14.32 3.20
C LYS C 418 -4.72 -15.70 3.33
N ALA C 419 -5.80 -15.95 2.59
CA ALA C 419 -6.43 -17.26 2.61
C ALA C 419 -5.46 -18.35 2.17
N SER C 420 -4.63 -18.05 1.17
CA SER C 420 -3.61 -19.01 0.74
C SER C 420 -2.65 -19.34 1.87
N ILE C 421 -2.28 -18.34 2.68
CA ILE C 421 -1.42 -18.58 3.83
C ILE C 421 -2.16 -19.42 4.87
N ASP C 422 -3.38 -19.02 5.22
CA ASP C 422 -4.12 -19.70 6.27
C ASP C 422 -4.45 -21.15 5.88
N GLN C 423 -4.94 -21.34 4.65
CA GLN C 423 -5.36 -22.67 4.23
C GLN C 423 -4.18 -23.59 4.02
N SER C 424 -3.00 -23.05 3.70
CA SER C 424 -1.80 -23.88 3.65
C SER C 424 -1.42 -24.38 5.04
N ARG C 425 -1.63 -23.56 6.06
CA ARG C 425 -1.44 -24.01 7.44
C ARG C 425 -2.58 -24.92 7.88
N GLU C 426 -3.78 -24.69 7.38
CA GLU C 426 -4.91 -25.58 7.67
C GLU C 426 -4.62 -26.99 7.19
N MET C 427 -4.14 -27.13 5.96
CA MET C 427 -3.83 -28.43 5.36
C MET C 427 -2.51 -29.00 5.83
N LYS C 428 -1.88 -28.38 6.84
CA LYS C 428 -0.66 -28.88 7.46
C LYS C 428 0.46 -29.10 6.43
N TYR C 429 0.72 -28.06 5.65
CA TYR C 429 1.86 -28.10 4.73
C TYR C 429 3.16 -28.16 5.52
N GLN C 430 4.21 -28.60 4.84
CA GLN C 430 5.55 -28.62 5.42
C GLN C 430 6.30 -27.35 5.03
N SER C 431 7.52 -27.23 5.55
CA SER C 431 8.30 -26.02 5.35
C SER C 431 8.74 -25.89 3.89
N LEU C 432 9.19 -24.68 3.54
CA LEU C 432 9.69 -24.43 2.20
C LEU C 432 10.87 -25.34 1.85
N ASN C 433 11.80 -25.51 2.79
CA ASN C 433 13.01 -26.29 2.51
C ASN C 433 12.70 -27.78 2.37
N GLU C 434 11.66 -28.27 3.06
CA GLU C 434 11.29 -29.67 2.89
C GLU C 434 10.72 -29.92 1.51
N TYR C 435 9.97 -28.95 0.96
CA TYR C 435 9.44 -29.12 -0.39
C TYR C 435 10.53 -28.94 -1.45
N ARG C 436 11.59 -28.20 -1.13
CA ARG C 436 12.71 -28.11 -2.05
C ARG C 436 13.53 -29.40 -2.07
N LYS C 437 13.82 -29.94 -0.88
CA LYS C 437 14.51 -31.22 -0.80
C LYS C 437 13.69 -32.32 -1.46
N ARG C 438 12.36 -32.25 -1.33
CA ARG C 438 11.49 -33.20 -2.02
C ARG C 438 11.68 -33.15 -3.53
N PHE C 439 12.01 -31.97 -4.06
CA PHE C 439 12.25 -31.81 -5.50
C PHE C 439 13.73 -31.59 -5.81
N SER C 440 14.61 -32.19 -5.01
CA SER C 440 16.05 -32.27 -5.30
C SER C 440 16.68 -30.87 -5.44
N LEU C 441 16.23 -29.94 -4.61
CA LEU C 441 16.80 -28.61 -4.57
C LEU C 441 17.53 -28.41 -3.24
N LYS C 442 18.46 -27.47 -3.22
CA LYS C 442 19.20 -27.18 -2.01
C LYS C 442 18.34 -26.35 -1.06
N PRO C 443 18.34 -26.65 0.23
CA PRO C 443 17.59 -25.83 1.19
C PRO C 443 18.22 -24.46 1.34
N TYR C 444 17.37 -23.45 1.51
CA TYR C 444 17.86 -22.09 1.71
C TYR C 444 18.46 -21.94 3.10
N THR C 445 19.71 -21.48 3.16
CA THR C 445 20.43 -21.34 4.41
C THR C 445 20.15 -20.01 5.11
N SER C 446 19.35 -19.14 4.51
CA SER C 446 19.03 -17.86 5.12
C SER C 446 17.85 -17.25 4.37
N PHE C 447 17.25 -16.22 4.97
CA PHE C 447 16.21 -15.47 4.27
C PHE C 447 16.81 -14.57 3.20
N GLU C 448 18.05 -14.13 3.39
CA GLU C 448 18.69 -13.28 2.38
C GLU C 448 19.02 -14.09 1.12
N GLU C 449 19.38 -15.36 1.29
CA GLU C 449 19.59 -16.22 0.13
C GLU C 449 18.27 -16.48 -0.60
N LEU C 450 17.17 -16.54 0.14
CA LEU C 450 15.85 -16.76 -0.47
C LEU C 450 15.44 -15.57 -1.32
N THR C 451 15.42 -14.38 -0.73
CA THR C 451 14.95 -13.19 -1.44
C THR C 451 16.01 -12.56 -2.32
N GLY C 452 17.28 -12.80 -2.04
CA GLY C 452 18.35 -12.10 -2.73
C GLY C 452 18.52 -10.66 -2.32
N GLU C 453 17.74 -10.17 -1.37
CA GLU C 453 17.82 -8.79 -0.92
C GLU C 453 17.93 -8.72 0.60
N LYS C 454 17.73 -7.53 1.17
CA LYS C 454 17.92 -7.30 2.59
C LYS C 454 16.66 -6.91 3.32
N GLU C 455 15.82 -6.05 2.74
CA GLU C 455 14.69 -5.49 3.48
C GLU C 455 13.64 -6.55 3.79
N MET C 456 13.10 -7.19 2.74
CA MET C 456 12.11 -8.24 2.96
C MET C 456 12.69 -9.40 3.76
N ALA C 457 13.98 -9.70 3.54
CA ALA C 457 14.62 -10.78 4.28
C ALA C 457 14.67 -10.48 5.77
N ALA C 458 14.92 -9.23 6.13
CA ALA C 458 14.92 -8.86 7.54
C ALA C 458 13.52 -8.91 8.13
N GLU C 459 12.50 -8.58 7.34
CA GLU C 459 11.13 -8.70 7.81
C GLU C 459 10.76 -10.15 8.05
N LEU C 460 11.13 -11.03 7.11
CA LEU C 460 10.79 -12.45 7.24
C LEU C 460 11.51 -13.10 8.41
N LYS C 461 12.78 -12.71 8.65
CA LYS C 461 13.51 -13.29 9.76
C LYS C 461 12.95 -12.83 11.10
N ALA C 462 12.41 -11.61 11.17
CA ALA C 462 11.78 -11.14 12.39
C ALA C 462 10.46 -11.83 12.67
N LEU C 463 9.89 -12.52 11.69
CA LEU C 463 8.62 -13.21 11.84
C LEU C 463 8.75 -14.72 12.01
N TYR C 464 9.61 -15.36 11.20
CA TYR C 464 9.76 -16.81 11.24
C TYR C 464 10.95 -17.29 12.05
N SER C 465 11.90 -16.40 12.38
CA SER C 465 13.11 -16.74 13.11
C SER C 465 13.99 -17.70 12.30
N ASP C 466 13.55 -18.95 12.17
CA ASP C 466 14.30 -19.97 11.46
C ASP C 466 13.94 -19.95 9.98
N ILE C 467 14.95 -20.23 9.13
CA ILE C 467 14.68 -20.34 7.70
C ILE C 467 13.96 -21.64 7.39
N ASP C 468 14.23 -22.70 8.14
CA ASP C 468 13.55 -23.98 7.96
C ASP C 468 12.10 -23.95 8.44
N VAL C 469 11.61 -22.79 8.88
CA VAL C 469 10.20 -22.63 9.22
C VAL C 469 9.44 -21.90 8.11
N MET C 470 10.15 -21.23 7.20
CA MET C 470 9.53 -20.46 6.13
C MET C 470 8.50 -21.30 5.36
N GLU C 471 7.32 -20.73 5.17
CA GLU C 471 6.23 -21.42 4.52
C GLU C 471 6.40 -21.37 3.00
N LEU C 472 5.79 -22.35 2.32
CA LEU C 472 6.00 -22.50 0.88
C LEU C 472 5.37 -21.35 0.09
N TYR C 473 4.09 -21.06 0.34
CA TYR C 473 3.39 -20.08 -0.48
C TYR C 473 4.02 -18.69 -0.41
N PRO C 474 4.19 -18.06 0.76
CA PRO C 474 4.79 -16.71 0.74
C PRO C 474 6.22 -16.72 0.25
N ALA C 475 6.94 -17.82 0.41
CA ALA C 475 8.30 -17.90 -0.12
C ALA C 475 8.32 -17.85 -1.64
N LEU C 476 7.29 -18.37 -2.28
CA LEU C 476 7.24 -18.36 -3.75
C LEU C 476 7.06 -16.94 -4.27
N LEU C 477 6.26 -16.13 -3.59
CA LEU C 477 5.99 -14.78 -4.09
C LEU C 477 7.07 -13.77 -3.71
N VAL C 478 7.94 -14.11 -2.76
CA VAL C 478 9.05 -13.24 -2.37
C VAL C 478 10.39 -13.79 -2.78
N GLU C 479 10.43 -14.92 -3.47
CA GLU C 479 11.70 -15.54 -3.82
C GLU C 479 12.48 -14.68 -4.81
N LYS C 480 13.79 -14.82 -4.78
CA LYS C 480 14.65 -14.16 -5.75
C LYS C 480 14.31 -14.65 -7.16
N PRO C 481 13.87 -13.78 -8.05
CA PRO C 481 13.56 -14.22 -9.41
C PRO C 481 14.82 -14.61 -10.16
N ARG C 482 14.65 -15.49 -11.15
CA ARG C 482 15.71 -15.72 -12.12
C ARG C 482 15.98 -14.42 -12.86
N PRO C 483 17.19 -14.24 -13.42
CA PRO C 483 17.54 -12.97 -14.07
C PRO C 483 16.50 -12.50 -15.09
N ASP C 484 15.87 -11.37 -14.78
CA ASP C 484 14.85 -10.76 -15.64
C ASP C 484 13.67 -11.69 -15.90
N ALA C 485 13.39 -12.57 -14.95
CA ALA C 485 12.34 -13.56 -15.09
C ALA C 485 11.17 -13.26 -14.16
N ILE C 486 10.12 -14.06 -14.32
CA ILE C 486 8.88 -13.87 -13.56
C ILE C 486 8.84 -14.72 -12.30
N PHE C 487 9.48 -15.88 -12.31
CA PHE C 487 9.43 -16.82 -11.20
C PHE C 487 10.83 -17.02 -10.61
N GLY C 488 10.84 -17.60 -9.40
CA GLY C 488 12.06 -18.08 -8.80
C GLY C 488 12.28 -19.55 -9.08
N GLU C 489 13.35 -20.08 -8.49
CA GLU C 489 13.71 -21.48 -8.72
C GLU C 489 12.64 -22.43 -8.17
N THR C 490 12.16 -22.16 -6.95
CA THR C 490 11.20 -23.06 -6.31
C THR C 490 9.93 -23.19 -7.12
N MET C 491 9.45 -22.09 -7.71
CA MET C 491 8.24 -22.15 -8.51
C MET C 491 8.43 -23.00 -9.76
N VAL C 492 9.58 -22.86 -10.43
CA VAL C 492 9.81 -23.58 -11.68
C VAL C 492 10.02 -25.06 -11.41
N GLU C 493 10.89 -25.39 -10.46
CA GLU C 493 11.28 -26.78 -10.27
C GLU C 493 10.18 -27.62 -9.62
N LEU C 494 9.29 -26.99 -8.87
CA LEU C 494 8.19 -27.72 -8.24
C LEU C 494 6.97 -27.84 -9.14
N GLY C 495 6.68 -26.82 -9.94
CA GLY C 495 5.48 -26.80 -10.75
C GLY C 495 5.61 -27.48 -12.09
N ALA C 496 6.84 -27.58 -12.60
CA ALA C 496 7.04 -28.22 -13.90
C ALA C 496 6.70 -29.70 -13.87
N PRO C 497 7.13 -30.49 -12.87
CA PRO C 497 6.70 -31.91 -12.84
C PRO C 497 5.20 -32.10 -12.74
N PHE C 498 4.53 -31.32 -11.88
CA PHE C 498 3.07 -31.33 -11.86
C PHE C 498 2.51 -30.96 -13.23
N SER C 499 2.96 -29.82 -13.77
CA SER C 499 2.45 -29.37 -15.06
C SER C 499 2.70 -30.40 -16.15
N LEU C 500 3.86 -31.06 -16.11
CA LEU C 500 4.19 -32.07 -17.09
C LEU C 500 3.23 -33.26 -16.99
N LYS C 501 3.04 -33.79 -15.79
CA LYS C 501 2.22 -34.99 -15.61
C LYS C 501 0.75 -34.74 -15.95
N GLY C 502 0.28 -33.50 -15.81
CA GLY C 502 -1.09 -33.20 -16.15
C GLY C 502 -1.33 -33.01 -17.63
N LEU C 503 -0.32 -32.56 -18.38
CA LEU C 503 -0.42 -32.37 -19.82
C LEU C 503 -0.17 -33.66 -20.61
N MET C 504 0.95 -34.33 -20.35
CA MET C 504 1.27 -35.55 -21.10
C MET C 504 0.54 -36.77 -20.56
N GLY C 505 0.21 -36.79 -19.27
CA GLY C 505 -0.55 -37.89 -18.70
C GLY C 505 -1.97 -38.00 -19.19
N ASN C 506 -2.43 -37.06 -20.00
CA ASN C 506 -3.79 -37.14 -20.54
C ASN C 506 -3.93 -38.36 -21.44
N PRO C 507 -5.06 -39.07 -21.36
CA PRO C 507 -5.19 -40.32 -22.13
C PRO C 507 -5.08 -40.14 -23.64
N ILE C 508 -5.34 -38.94 -24.18
CA ILE C 508 -5.20 -38.75 -25.62
C ILE C 508 -3.75 -38.78 -26.06
N CYS C 509 -2.81 -38.70 -25.14
CA CYS C 509 -1.38 -38.83 -25.44
C CYS C 509 -0.90 -40.27 -25.35
N SER C 510 -1.77 -41.20 -24.96
CA SER C 510 -1.42 -42.61 -24.89
C SER C 510 -1.42 -43.22 -26.29
N PRO C 511 -0.60 -44.26 -26.52
CA PRO C 511 -0.46 -44.82 -27.88
C PRO C 511 -1.77 -45.22 -28.54
N GLN C 512 -2.75 -45.70 -27.78
CA GLN C 512 -4.02 -46.11 -28.38
C GLN C 512 -4.94 -44.96 -28.72
N TYR C 513 -4.59 -43.74 -28.31
CA TYR C 513 -5.36 -42.54 -28.64
C TYR C 513 -4.69 -41.64 -29.66
N TRP C 514 -3.35 -41.66 -29.72
CA TRP C 514 -2.61 -40.71 -30.56
C TRP C 514 -2.53 -41.24 -31.98
N LYS C 515 -3.63 -41.07 -32.71
CA LYS C 515 -3.73 -41.49 -34.10
C LYS C 515 -4.87 -40.71 -34.75
N PRO C 516 -4.86 -40.57 -36.08
CA PRO C 516 -5.86 -39.69 -36.72
C PRO C 516 -7.30 -40.11 -36.51
N SER C 517 -7.58 -41.41 -36.48
CA SER C 517 -8.97 -41.87 -36.38
C SER C 517 -9.61 -41.44 -35.06
N THR C 518 -8.81 -41.31 -34.00
CA THR C 518 -9.34 -40.80 -32.73
C THR C 518 -9.92 -39.41 -32.89
N PHE C 519 -9.36 -38.61 -33.80
CA PHE C 519 -9.78 -37.22 -33.98
C PHE C 519 -10.51 -37.00 -35.30
N GLY C 520 -10.95 -38.07 -35.96
CA GLY C 520 -11.76 -37.96 -37.16
C GLY C 520 -11.00 -38.01 -38.46
N GLY C 521 -9.71 -38.36 -38.44
CA GLY C 521 -8.90 -38.41 -39.63
C GLY C 521 -7.77 -37.40 -39.56
N GLU C 522 -7.06 -37.28 -40.70
CA GLU C 522 -5.91 -36.38 -40.76
C GLU C 522 -6.30 -34.92 -40.61
N VAL C 523 -7.56 -34.57 -40.88
CA VAL C 523 -7.98 -33.18 -40.76
C VAL C 523 -8.06 -32.76 -39.29
N GLY C 524 -8.69 -33.59 -38.45
CA GLY C 524 -8.73 -33.29 -37.03
C GLY C 524 -7.36 -33.38 -36.38
N PHE C 525 -6.56 -34.38 -36.79
CA PHE C 525 -5.20 -34.49 -36.29
C PHE C 525 -4.38 -33.26 -36.63
N LYS C 526 -4.63 -32.65 -37.79
CA LYS C 526 -3.91 -31.44 -38.18
C LYS C 526 -4.36 -30.25 -37.35
N ILE C 527 -5.62 -30.20 -36.95
CA ILE C 527 -6.11 -29.10 -36.11
C ILE C 527 -5.33 -29.07 -34.79
N ILE C 528 -5.02 -30.25 -34.25
CA ILE C 528 -4.28 -30.31 -32.98
C ILE C 528 -2.83 -29.95 -33.18
N ASN C 529 -2.20 -30.47 -34.25
CA ASN C 529 -0.76 -30.32 -34.43
C ASN C 529 -0.37 -28.98 -35.05
N THR C 530 -1.33 -28.16 -35.47
CA THR C 530 -1.04 -26.82 -35.95
C THR C 530 -1.65 -25.74 -35.06
N ALA C 531 -2.18 -26.11 -33.90
CA ALA C 531 -2.84 -25.16 -33.02
C ALA C 531 -1.82 -24.20 -32.40
N SER C 532 -2.30 -23.00 -32.09
CA SER C 532 -1.50 -21.96 -31.46
C SER C 532 -2.44 -20.87 -30.98
N ILE C 533 -1.99 -20.11 -29.97
CA ILE C 533 -2.83 -19.04 -29.44
C ILE C 533 -3.16 -18.02 -30.52
N GLN C 534 -2.23 -17.79 -31.46
CA GLN C 534 -2.51 -16.87 -32.55
C GLN C 534 -3.57 -17.43 -33.49
N SER C 535 -3.52 -18.74 -33.78
CA SER C 535 -4.50 -19.34 -34.66
C SER C 535 -5.86 -19.46 -33.98
N LEU C 536 -5.88 -19.66 -32.66
CA LEU C 536 -7.14 -19.72 -31.94
C LEU C 536 -7.89 -18.40 -32.05
N ILE C 537 -7.19 -17.28 -31.86
CA ILE C 537 -7.82 -15.98 -32.00
C ILE C 537 -8.15 -15.68 -33.46
N CYS C 538 -7.25 -16.05 -34.37
CA CYS C 538 -7.42 -15.68 -35.77
C CYS C 538 -8.64 -16.36 -36.39
N ASN C 539 -8.92 -17.61 -36.00
CA ASN C 539 -10.03 -18.33 -36.58
C ASN C 539 -11.37 -18.01 -35.94
N ASN C 540 -11.37 -17.51 -34.71
CA ASN C 540 -12.60 -17.29 -33.95
C ASN C 540 -12.93 -15.83 -33.70
N VAL C 541 -11.92 -14.97 -33.58
CA VAL C 541 -12.12 -13.56 -33.27
C VAL C 541 -12.10 -12.77 -34.57
N LYS C 542 -13.05 -11.83 -34.69
CA LYS C 542 -13.24 -11.12 -35.95
C LYS C 542 -12.02 -10.26 -36.29
N GLY C 543 -11.69 -10.22 -37.58
CA GLY C 543 -10.57 -9.45 -38.06
C GLY C 543 -9.21 -10.10 -37.92
N CYS C 544 -9.11 -11.21 -37.17
CA CYS C 544 -7.85 -11.87 -36.89
C CYS C 544 -6.84 -10.88 -36.34
N PRO C 545 -7.05 -10.35 -35.13
CA PRO C 545 -6.08 -9.41 -34.58
C PRO C 545 -4.83 -10.14 -34.12
N PHE C 546 -3.71 -9.41 -34.13
CA PHE C 546 -2.49 -9.98 -33.58
C PHE C 546 -2.64 -10.20 -32.08
N THR C 547 -2.29 -11.40 -31.62
CA THR C 547 -2.26 -11.68 -30.20
C THR C 547 -0.98 -12.46 -29.88
N SER C 548 -0.67 -12.51 -28.60
CA SER C 548 0.56 -13.13 -28.11
C SER C 548 0.49 -13.19 -26.59
N PHE C 549 1.37 -13.99 -26.02
CA PHE C 549 1.54 -14.04 -24.57
C PHE C 549 2.55 -13.03 -24.08
N ASN C 550 3.24 -12.32 -24.97
N ASN C 550 3.19 -12.29 -24.98
CA ASN C 550 4.20 -11.29 -24.59
CA ASN C 550 4.21 -11.30 -24.65
C ASN C 550 3.83 -9.98 -25.26
C ASN C 550 3.83 -9.97 -25.27
N VAL C 551 4.17 -8.88 -24.58
CA VAL C 551 3.86 -7.55 -25.09
C VAL C 551 4.86 -7.19 -26.19
N GLN C 552 4.41 -6.37 -27.13
CA GLN C 552 5.24 -5.99 -28.28
C GLN C 552 5.99 -4.69 -28.01
N ALA D 1 -25.69 -49.95 -43.49
CA ALA D 1 -25.71 -48.50 -43.64
C ALA D 1 -24.38 -47.89 -43.18
N ASN D 2 -23.89 -48.34 -42.03
CA ASN D 2 -22.58 -47.92 -41.55
C ASN D 2 -21.51 -48.71 -42.29
N PRO D 3 -20.58 -48.06 -42.99
CA PRO D 3 -19.61 -48.80 -43.82
C PRO D 3 -18.64 -49.66 -43.04
N CYS D 4 -18.53 -49.49 -41.73
CA CYS D 4 -17.64 -50.31 -40.91
C CYS D 4 -18.33 -51.52 -40.30
N CYS D 5 -19.57 -51.80 -40.69
CA CYS D 5 -20.29 -52.93 -40.12
C CYS D 5 -19.65 -54.27 -40.50
N SER D 6 -18.98 -54.33 -41.64
CA SER D 6 -18.30 -55.55 -42.05
C SER D 6 -17.01 -55.80 -41.30
N ASN D 7 -16.64 -54.91 -40.38
CA ASN D 7 -15.39 -55.00 -39.62
C ASN D 7 -14.19 -55.19 -40.55
N PRO D 8 -13.96 -54.26 -41.49
CA PRO D 8 -12.96 -54.52 -42.53
C PRO D 8 -11.53 -54.49 -42.02
N CYS D 9 -11.19 -53.53 -41.16
CA CYS D 9 -9.80 -53.37 -40.75
C CYS D 9 -9.35 -54.53 -39.88
N GLN D 10 -8.19 -55.08 -40.20
CA GLN D 10 -7.63 -56.23 -39.51
C GLN D 10 -6.37 -55.80 -38.75
N ASN D 11 -5.89 -56.71 -37.90
CA ASN D 11 -4.67 -56.49 -37.12
C ASN D 11 -4.78 -55.26 -36.22
N ARG D 12 -5.95 -55.11 -35.60
CA ARG D 12 -6.18 -54.08 -34.57
C ARG D 12 -6.13 -52.68 -35.17
N GLY D 13 -6.43 -52.56 -36.46
CA GLY D 13 -6.60 -51.26 -37.08
C GLY D 13 -8.00 -50.73 -36.87
N GLU D 14 -8.11 -49.41 -36.78
CA GLU D 14 -9.37 -48.77 -36.44
C GLU D 14 -10.10 -48.34 -37.72
N CYS D 15 -11.40 -48.65 -37.78
CA CYS D 15 -12.23 -48.28 -38.92
C CYS D 15 -12.91 -46.94 -38.66
N MET D 16 -13.05 -46.16 -39.74
CA MET D 16 -13.65 -44.84 -39.65
C MET D 16 -14.43 -44.58 -40.93
N SER D 17 -15.65 -44.08 -40.79
CA SER D 17 -16.47 -43.75 -41.93
C SER D 17 -15.99 -42.44 -42.56
N THR D 18 -15.71 -42.48 -43.85
CA THR D 18 -15.29 -41.31 -44.62
C THR D 18 -16.32 -41.08 -45.73
N GLY D 19 -17.51 -40.67 -45.35
CA GLY D 19 -18.66 -40.62 -46.23
C GLY D 19 -19.68 -41.68 -45.86
N PHE D 20 -20.75 -41.72 -46.64
CA PHE D 20 -21.86 -42.62 -46.32
C PHE D 20 -21.51 -44.07 -46.65
N ASP D 21 -20.81 -44.32 -47.75
CA ASP D 21 -20.50 -45.68 -48.19
C ASP D 21 -19.01 -45.87 -48.41
N GLN D 22 -18.18 -45.15 -47.66
CA GLN D 22 -16.73 -45.28 -47.77
C GLN D 22 -16.12 -45.31 -46.38
N TYR D 23 -15.01 -46.03 -46.25
CA TYR D 23 -14.34 -46.18 -44.96
C TYR D 23 -12.83 -46.09 -45.16
N LYS D 24 -12.15 -45.71 -44.09
CA LYS D 24 -10.69 -45.70 -44.05
C LYS D 24 -10.22 -46.45 -42.81
N CYS D 25 -9.15 -47.22 -42.97
CA CYS D 25 -8.54 -47.97 -41.87
C CYS D 25 -7.28 -47.25 -41.40
N ASP D 26 -7.23 -46.98 -40.09
CA ASP D 26 -6.05 -46.37 -39.47
C ASP D 26 -5.18 -47.48 -38.92
N CYS D 27 -4.07 -47.76 -39.60
CA CYS D 27 -3.19 -48.88 -39.26
C CYS D 27 -1.99 -48.46 -38.43
N THR D 28 -2.09 -47.34 -37.72
CA THR D 28 -0.95 -46.81 -36.97
C THR D 28 -0.47 -47.81 -35.92
N ARG D 29 0.83 -48.09 -35.94
CA ARG D 29 1.50 -48.98 -34.99
C ARG D 29 0.91 -50.38 -34.96
N THR D 30 0.26 -50.82 -36.03
CA THR D 30 -0.23 -52.19 -36.13
C THR D 30 0.83 -53.15 -36.65
N GLY D 31 1.84 -52.64 -37.36
CA GLY D 31 2.78 -53.44 -38.08
C GLY D 31 2.39 -53.73 -39.51
N PHE D 32 1.20 -53.28 -39.93
CA PHE D 32 0.66 -53.56 -41.25
C PHE D 32 0.24 -52.27 -41.92
N TYR D 33 0.17 -52.31 -43.25
CA TYR D 33 -0.40 -51.24 -44.04
C TYR D 33 -1.34 -51.85 -45.08
N GLY D 34 -1.95 -51.00 -45.89
CA GLY D 34 -2.91 -51.42 -46.88
C GLY D 34 -4.32 -50.94 -46.53
N GLU D 35 -5.25 -51.30 -47.41
CA GLU D 35 -6.61 -50.80 -47.30
C GLU D 35 -7.25 -51.23 -45.98
N ASN D 36 -7.21 -52.52 -45.66
CA ASN D 36 -7.74 -53.01 -44.40
C ASN D 36 -6.64 -53.43 -43.42
N CYS D 37 -5.42 -52.91 -43.61
CA CYS D 37 -4.25 -53.24 -42.78
C CYS D 37 -3.99 -54.75 -42.77
N THR D 38 -3.60 -55.25 -43.95
CA THR D 38 -3.26 -56.65 -44.10
C THR D 38 -1.89 -56.90 -44.70
N THR D 39 -1.20 -55.87 -45.19
CA THR D 39 0.13 -56.05 -45.77
C THR D 39 1.17 -55.85 -44.67
N PRO D 40 1.92 -56.89 -44.30
CA PRO D 40 2.88 -56.74 -43.19
C PRO D 40 4.15 -56.04 -43.63
N GLU D 41 4.85 -55.49 -42.63
CA GLU D 41 6.15 -54.89 -42.83
C GLU D 41 7.23 -55.97 -42.68
N PHE D 42 8.49 -55.59 -42.93
CA PHE D 42 9.57 -56.56 -42.90
C PHE D 42 9.76 -57.14 -41.50
N LEU D 43 9.80 -56.27 -40.49
CA LEU D 43 9.86 -56.75 -39.10
C LEU D 43 8.63 -57.57 -38.77
N THR D 44 7.46 -57.17 -39.28
CA THR D 44 6.23 -57.90 -39.01
C THR D 44 6.28 -59.31 -39.60
N ARG D 45 6.90 -59.46 -40.78
CA ARG D 45 7.05 -60.78 -41.37
C ARG D 45 8.00 -61.66 -40.57
N ILE D 46 9.03 -61.07 -39.97
CA ILE D 46 9.97 -61.84 -39.17
C ILE D 46 9.30 -62.34 -37.90
N LYS D 47 8.69 -61.43 -37.14
CA LYS D 47 8.06 -61.80 -35.87
C LYS D 47 6.88 -62.75 -36.09
N LEU D 48 6.18 -62.64 -37.22
CA LEU D 48 5.10 -63.57 -37.50
C LEU D 48 5.63 -64.97 -37.74
N LEU D 49 6.77 -65.10 -38.43
CA LEU D 49 7.35 -66.40 -38.67
C LEU D 49 7.97 -67.02 -37.42
N LEU D 50 8.27 -66.22 -36.40
CA LEU D 50 8.92 -66.70 -35.19
C LEU D 50 7.96 -66.96 -34.04
N LYS D 51 6.85 -66.23 -33.99
CA LYS D 51 5.93 -66.33 -32.85
C LYS D 51 5.23 -67.68 -32.85
N PRO D 52 5.43 -68.52 -31.84
CA PRO D 52 4.73 -69.82 -31.80
C PRO D 52 3.26 -69.64 -31.47
N THR D 53 2.51 -70.73 -31.64
CA THR D 53 1.10 -70.70 -31.34
C THR D 53 0.86 -70.83 -29.83
N PRO D 54 -0.27 -70.32 -29.34
CA PRO D 54 -0.58 -70.51 -27.91
C PRO D 54 -0.62 -71.96 -27.48
N ASN D 55 -1.18 -72.85 -28.30
CA ASN D 55 -1.20 -74.27 -27.96
C ASN D 55 0.21 -74.85 -27.88
N THR D 56 1.14 -74.34 -28.70
CA THR D 56 2.53 -74.77 -28.61
C THR D 56 3.13 -74.36 -27.27
N VAL D 57 2.92 -73.11 -26.87
CA VAL D 57 3.45 -72.63 -25.59
C VAL D 57 2.81 -73.39 -24.43
N HIS D 58 1.51 -73.64 -24.51
CA HIS D 58 0.84 -74.40 -23.45
C HIS D 58 1.38 -75.81 -23.36
N TYR D 59 1.73 -76.42 -24.50
CA TYR D 59 2.34 -77.75 -24.47
C TYR D 59 3.70 -77.71 -23.79
N ILE D 60 4.50 -76.68 -24.08
CA ILE D 60 5.82 -76.57 -23.46
C ILE D 60 5.71 -76.32 -21.97
N LEU D 61 4.69 -75.58 -21.54
CA LEU D 61 4.55 -75.24 -20.13
C LEU D 61 3.91 -76.35 -19.29
N THR D 62 3.26 -77.33 -19.93
CA THR D 62 2.64 -78.43 -19.21
C THR D 62 3.37 -79.75 -19.39
N HIS D 63 4.45 -79.78 -20.15
CA HIS D 63 5.29 -80.96 -20.31
C HIS D 63 6.70 -80.62 -19.86
N PHE D 64 7.61 -81.59 -19.98
CA PHE D 64 9.00 -81.45 -19.56
C PHE D 64 9.07 -81.05 -18.08
N LYS D 65 8.48 -81.89 -17.24
CA LYS D 65 8.42 -81.59 -15.80
C LYS D 65 9.81 -81.50 -15.19
N GLY D 66 10.75 -82.30 -15.67
CA GLY D 66 12.10 -82.25 -15.13
C GLY D 66 12.81 -80.94 -15.44
N VAL D 67 12.54 -80.38 -16.62
CA VAL D 67 13.16 -79.10 -16.98
C VAL D 67 12.56 -77.96 -16.15
N TRP D 68 11.24 -77.97 -15.98
CA TRP D 68 10.61 -76.93 -15.18
C TRP D 68 10.97 -77.08 -13.70
N ASN D 69 11.28 -78.30 -13.25
CA ASN D 69 11.74 -78.47 -11.88
C ASN D 69 13.09 -77.81 -11.66
N ILE D 70 13.95 -77.83 -12.68
CA ILE D 70 15.24 -77.14 -12.57
C ILE D 70 15.05 -75.63 -12.63
N VAL D 71 14.11 -75.16 -13.47
CA VAL D 71 13.87 -73.73 -13.58
C VAL D 71 13.24 -73.19 -12.30
N ASN D 72 12.34 -73.96 -11.69
CA ASN D 72 11.68 -73.53 -10.46
C ASN D 72 12.62 -73.51 -9.26
N ASN D 73 13.85 -73.98 -9.42
CA ASN D 73 14.85 -73.94 -8.35
C ASN D 73 16.04 -73.05 -8.70
N ILE D 74 15.97 -72.33 -9.81
CA ILE D 74 16.95 -71.30 -10.14
C ILE D 74 16.22 -69.96 -10.10
N PRO D 75 16.39 -69.17 -9.04
CA PRO D 75 15.66 -67.89 -8.94
C PRO D 75 15.83 -66.99 -10.15
N PHE D 76 17.00 -66.99 -10.78
CA PHE D 76 17.20 -66.16 -11.97
C PHE D 76 16.33 -66.63 -13.12
N LEU D 77 16.31 -67.94 -13.37
CA LEU D 77 15.51 -68.47 -14.46
C LEU D 77 14.02 -68.28 -14.21
N ARG D 78 13.57 -68.56 -12.98
CA ARG D 78 12.15 -68.38 -12.65
C ARG D 78 11.73 -66.92 -12.76
N SER D 79 12.62 -65.99 -12.41
CA SER D 79 12.29 -64.57 -12.56
C SER D 79 12.27 -64.17 -14.02
N LEU D 80 13.21 -64.68 -14.82
CA LEU D 80 13.25 -64.34 -16.24
C LEU D 80 12.02 -64.86 -16.98
N ILE D 81 11.56 -66.05 -16.62
CA ILE D 81 10.40 -66.64 -17.31
C ILE D 81 9.11 -65.95 -16.87
N MET D 82 8.92 -65.79 -15.56
CA MET D 82 7.73 -65.12 -15.07
C MET D 82 7.60 -63.71 -15.63
N LYS D 83 8.74 -63.03 -15.83
CA LYS D 83 8.70 -61.70 -16.42
C LYS D 83 8.19 -61.74 -17.86
N TYR D 84 8.64 -62.72 -18.65
CA TYR D 84 8.14 -62.85 -20.01
C TYR D 84 6.65 -63.17 -20.02
N VAL D 85 6.20 -63.99 -19.07
CA VAL D 85 4.77 -64.28 -18.94
C VAL D 85 4.01 -62.99 -18.65
N LEU D 86 4.55 -62.15 -17.76
CA LEU D 86 3.90 -60.89 -17.44
C LEU D 86 3.85 -59.96 -18.64
N THR D 87 4.92 -59.90 -19.43
CA THR D 87 4.97 -58.97 -20.54
C THR D 87 4.13 -59.47 -21.71
N SER D 88 4.41 -60.68 -22.20
CA SER D 88 3.75 -61.20 -23.38
C SER D 88 2.23 -61.08 -23.31
N ARG D 89 1.66 -61.24 -22.11
CA ARG D 89 0.22 -61.14 -21.94
C ARG D 89 -0.25 -59.68 -21.81
N SER D 90 0.57 -58.81 -21.21
CA SER D 90 0.10 -57.50 -20.80
C SER D 90 -0.24 -56.62 -22.00
N TYR D 91 0.53 -56.72 -23.08
CA TYR D 91 0.46 -55.73 -24.15
C TYR D 91 -0.62 -56.11 -25.16
N LEU D 92 -1.63 -56.81 -24.68
CA LEU D 92 -2.84 -57.08 -25.45
C LEU D 92 -4.02 -56.23 -25.01
N ILE D 93 -3.91 -55.54 -23.87
CA ILE D 93 -5.01 -54.78 -23.29
C ILE D 93 -4.76 -53.29 -23.52
N ASP D 94 -5.84 -52.56 -23.79
CA ASP D 94 -5.77 -51.12 -23.94
C ASP D 94 -5.82 -50.46 -22.56
N SER D 95 -4.75 -49.76 -22.20
CA SER D 95 -4.71 -49.05 -20.92
C SER D 95 -3.98 -47.73 -21.13
N PRO D 96 -4.67 -46.58 -21.04
CA PRO D 96 -6.07 -46.30 -20.65
C PRO D 96 -7.13 -46.95 -21.55
N PRO D 97 -8.30 -47.21 -20.99
CA PRO D 97 -9.35 -47.91 -21.74
C PRO D 97 -9.95 -47.04 -22.84
N THR D 98 -10.75 -47.70 -23.69
CA THR D 98 -11.31 -47.05 -24.86
C THR D 98 -12.83 -47.19 -24.93
N TYR D 99 -13.32 -48.14 -25.73
CA TYR D 99 -14.74 -48.24 -26.03
C TYR D 99 -15.53 -48.77 -24.83
N ASN D 100 -16.84 -48.55 -24.87
CA ASN D 100 -17.78 -49.17 -23.93
C ASN D 100 -19.02 -49.59 -24.72
N VAL D 101 -20.14 -49.78 -24.01
CA VAL D 101 -21.33 -50.34 -24.65
C VAL D 101 -22.01 -49.31 -25.54
N HIS D 102 -21.86 -48.02 -25.25
CA HIS D 102 -22.57 -46.98 -25.97
C HIS D 102 -21.70 -46.23 -26.98
N TYR D 103 -20.39 -46.38 -26.91
CA TYR D 103 -19.47 -45.66 -27.79
C TYR D 103 -18.60 -46.65 -28.55
N GLY D 104 -18.89 -46.84 -29.83
CA GLY D 104 -18.03 -47.62 -30.70
C GLY D 104 -16.82 -46.87 -31.21
N TYR D 105 -16.76 -45.57 -30.97
CA TYR D 105 -15.60 -44.74 -31.22
C TYR D 105 -15.05 -44.25 -29.89
N LYS D 106 -13.81 -43.79 -29.91
CA LYS D 106 -13.19 -43.25 -28.70
C LYS D 106 -13.76 -41.86 -28.41
N SER D 107 -14.15 -41.64 -27.17
CA SER D 107 -14.70 -40.35 -26.75
C SER D 107 -14.32 -40.11 -25.30
N TRP D 108 -14.41 -38.85 -24.88
CA TRP D 108 -14.08 -38.53 -23.50
C TRP D 108 -15.12 -39.06 -22.54
N GLU D 109 -16.36 -39.24 -23.00
CA GLU D 109 -17.39 -39.81 -22.14
C GLU D 109 -17.09 -41.27 -21.81
N ALA D 110 -16.64 -42.05 -22.80
CA ALA D 110 -16.33 -43.45 -22.55
C ALA D 110 -15.13 -43.61 -21.63
N PHE D 111 -14.17 -42.68 -21.70
CA PHE D 111 -12.99 -42.78 -20.84
C PHE D 111 -13.31 -42.38 -19.41
N SER D 112 -14.09 -41.33 -19.22
CA SER D 112 -14.25 -40.72 -17.90
C SER D 112 -15.37 -41.33 -17.08
N ASN D 113 -16.43 -41.80 -17.71
CA ASN D 113 -17.58 -42.35 -17.00
C ASN D 113 -17.21 -43.72 -16.45
N LEU D 114 -16.84 -43.77 -15.17
CA LEU D 114 -16.41 -45.01 -14.53
C LEU D 114 -17.54 -46.00 -14.32
N SER D 115 -18.78 -45.66 -14.66
CA SER D 115 -19.90 -46.58 -14.46
C SER D 115 -19.99 -47.64 -15.53
N TYR D 116 -19.45 -47.40 -16.72
CA TYR D 116 -19.46 -48.39 -17.78
C TYR D 116 -18.42 -49.47 -17.53
N TYR D 117 -18.78 -50.72 -17.80
CA TYR D 117 -17.76 -51.72 -18.14
C TYR D 117 -17.11 -51.29 -19.44
N THR D 118 -15.78 -51.38 -19.50
CA THR D 118 -15.11 -51.08 -20.76
C THR D 118 -15.22 -52.28 -21.69
N ARG D 119 -14.74 -52.12 -22.93
CA ARG D 119 -14.92 -53.15 -23.94
C ARG D 119 -13.62 -53.38 -24.70
N ALA D 120 -13.24 -54.66 -24.84
CA ALA D 120 -12.04 -54.99 -25.62
C ALA D 120 -12.27 -54.79 -27.10
N LEU D 121 -13.49 -55.00 -27.57
CA LEU D 121 -13.88 -54.72 -28.94
C LEU D 121 -15.09 -53.80 -28.92
N PRO D 122 -15.18 -52.87 -29.86
CA PRO D 122 -16.33 -51.95 -29.90
C PRO D 122 -17.61 -52.70 -30.17
N PRO D 123 -18.76 -52.16 -29.73
CA PRO D 123 -20.04 -52.81 -30.05
C PRO D 123 -20.41 -52.61 -31.51
N VAL D 124 -21.14 -53.59 -32.05
CA VAL D 124 -21.64 -53.48 -33.41
C VAL D 124 -22.59 -52.29 -33.50
N ALA D 125 -22.46 -51.53 -34.59
CA ALA D 125 -23.28 -50.33 -34.75
C ALA D 125 -24.76 -50.70 -34.84
N ASP D 126 -25.62 -49.76 -34.41
CA ASP D 126 -27.04 -50.05 -34.30
C ASP D 126 -27.74 -50.11 -35.66
N ASP D 127 -27.13 -49.58 -36.71
CA ASP D 127 -27.72 -49.57 -38.04
C ASP D 127 -27.11 -50.63 -38.95
N CYS D 128 -26.38 -51.59 -38.38
CA CYS D 128 -25.87 -52.70 -39.18
C CYS D 128 -27.01 -53.65 -39.55
N PRO D 129 -26.94 -54.28 -40.72
CA PRO D 129 -28.08 -55.11 -41.16
C PRO D 129 -28.24 -56.38 -40.34
N THR D 130 -27.15 -57.04 -39.96
CA THR D 130 -27.20 -58.25 -39.17
C THR D 130 -26.63 -57.99 -37.77
N PRO D 131 -27.02 -58.79 -36.77
CA PRO D 131 -26.53 -58.54 -35.41
C PRO D 131 -25.02 -58.61 -35.27
N MET D 132 -24.35 -59.41 -36.11
CA MET D 132 -22.90 -59.53 -36.06
C MET D 132 -22.18 -58.56 -36.97
N GLY D 133 -22.91 -57.82 -37.80
CA GLY D 133 -22.30 -56.91 -38.75
C GLY D 133 -22.89 -57.05 -40.13
N VAL D 134 -22.27 -57.86 -40.97
CA VAL D 134 -22.82 -58.18 -42.28
C VAL D 134 -23.08 -59.68 -42.45
N LYS D 135 -22.48 -60.54 -41.64
CA LYS D 135 -22.63 -61.98 -41.75
C LYS D 135 -23.81 -62.46 -40.92
N GLY D 136 -24.33 -63.63 -41.28
CA GLY D 136 -25.43 -64.23 -40.56
C GLY D 136 -26.78 -63.73 -41.05
N ASN D 137 -27.82 -64.24 -40.38
CA ASN D 137 -29.19 -63.87 -40.69
C ASN D 137 -29.62 -62.66 -39.88
N LYS D 138 -30.83 -62.17 -40.15
CA LYS D 138 -31.31 -60.95 -39.53
C LYS D 138 -31.37 -61.07 -38.01
N GLU D 139 -31.63 -62.26 -37.49
CA GLU D 139 -31.70 -62.47 -36.06
C GLU D 139 -30.95 -63.74 -35.69
N LEU D 140 -30.24 -63.69 -34.56
CA LEU D 140 -29.47 -64.82 -34.08
C LEU D 140 -30.39 -65.95 -33.66
N PRO D 141 -29.87 -67.18 -33.59
CA PRO D 141 -30.70 -68.31 -33.16
C PRO D 141 -31.26 -68.13 -31.76
N ASP D 142 -32.28 -68.91 -31.46
CA ASP D 142 -32.99 -68.81 -30.19
C ASP D 142 -32.04 -69.09 -29.03
N SER D 143 -32.01 -68.18 -28.06
CA SER D 143 -31.11 -68.33 -26.93
C SER D 143 -31.49 -69.53 -26.06
N LYS D 144 -32.79 -69.80 -25.93
CA LYS D 144 -33.21 -70.99 -25.20
C LYS D 144 -32.81 -72.26 -25.96
N GLU D 145 -32.83 -72.21 -27.29
CA GLU D 145 -32.49 -73.39 -28.07
C GLU D 145 -30.99 -73.69 -27.98
N VAL D 146 -30.15 -72.65 -28.11
CA VAL D 146 -28.72 -72.84 -27.91
C VAL D 146 -28.44 -73.36 -26.50
N LEU D 147 -29.19 -72.86 -25.52
CA LEU D 147 -28.96 -73.27 -24.13
C LEU D 147 -29.26 -74.75 -23.93
N GLU D 148 -30.41 -75.22 -24.43
CA GLU D 148 -30.80 -76.60 -24.17
C GLU D 148 -30.00 -77.59 -25.01
N LYS D 149 -29.55 -77.20 -26.19
CA LYS D 149 -28.95 -78.16 -27.11
C LYS D 149 -27.48 -78.42 -26.83
N VAL D 150 -26.73 -77.44 -26.33
CA VAL D 150 -25.28 -77.62 -26.18
C VAL D 150 -24.77 -77.12 -24.83
N LEU D 151 -25.63 -76.51 -24.02
CA LEU D 151 -25.19 -75.91 -22.77
C LEU D 151 -25.69 -76.62 -21.53
N LEU D 152 -26.96 -77.03 -21.49
CA LEU D 152 -27.50 -77.67 -20.31
C LEU D 152 -26.78 -78.97 -20.01
N ARG D 153 -26.63 -79.27 -18.72
CA ARG D 153 -25.89 -80.45 -18.29
C ARG D 153 -26.77 -81.69 -18.36
N ARG D 154 -26.28 -82.72 -19.04
CA ARG D 154 -26.92 -84.03 -18.99
C ARG D 154 -26.40 -84.79 -17.77
N GLU D 155 -25.29 -85.50 -17.92
CA GLU D 155 -24.61 -86.09 -16.80
C GLU D 155 -23.48 -85.17 -16.34
N PHE D 156 -23.25 -85.17 -15.02
CA PHE D 156 -22.22 -84.31 -14.44
C PHE D 156 -20.86 -84.66 -15.01
N ILE D 157 -20.20 -83.67 -15.60
CA ILE D 157 -18.88 -83.86 -16.20
C ILE D 157 -17.85 -83.26 -15.25
N PRO D 158 -17.03 -84.06 -14.59
CA PRO D 158 -16.08 -83.50 -13.62
C PRO D 158 -14.91 -82.82 -14.32
N ASP D 159 -14.30 -81.89 -13.62
CA ASP D 159 -13.12 -81.22 -14.15
C ASP D 159 -11.92 -82.16 -14.11
N PRO D 160 -11.26 -82.41 -15.24
CA PRO D 160 -10.05 -83.24 -15.19
C PRO D 160 -8.90 -82.60 -14.45
N GLN D 161 -8.83 -81.26 -14.40
CA GLN D 161 -7.79 -80.60 -13.63
C GLN D 161 -8.01 -80.73 -12.12
N GLY D 162 -9.17 -81.22 -11.69
CA GLY D 162 -9.40 -81.49 -10.29
C GLY D 162 -9.83 -80.31 -9.46
N SER D 163 -10.33 -79.25 -10.08
CA SER D 163 -10.84 -78.11 -9.33
C SER D 163 -11.93 -78.56 -8.37
N ASN D 164 -11.84 -78.12 -7.12
CA ASN D 164 -12.79 -78.49 -6.09
C ASN D 164 -13.69 -77.30 -5.77
N MET D 165 -14.47 -77.44 -4.69
CA MET D 165 -15.40 -76.39 -4.30
C MET D 165 -14.73 -75.29 -3.49
N MET D 166 -13.55 -75.55 -2.93
CA MET D 166 -12.78 -74.45 -2.35
C MET D 166 -12.26 -73.52 -3.45
N PHE D 167 -11.96 -74.06 -4.63
CA PHE D 167 -11.59 -73.22 -5.76
C PHE D 167 -12.81 -72.51 -6.34
N ALA D 168 -13.92 -73.23 -6.49
CA ALA D 168 -15.10 -72.65 -7.12
C ALA D 168 -15.62 -71.45 -6.35
N PHE D 169 -15.75 -71.59 -5.02
CA PHE D 169 -16.25 -70.47 -4.23
C PHE D 169 -15.20 -69.39 -4.07
N PHE D 170 -13.91 -69.73 -4.16
CA PHE D 170 -12.89 -68.69 -4.18
C PHE D 170 -12.97 -67.88 -5.47
N ALA D 171 -13.26 -68.55 -6.58
CA ALA D 171 -13.47 -67.84 -7.84
C ALA D 171 -14.67 -66.92 -7.74
N GLN D 172 -15.79 -67.42 -7.19
CA GLN D 172 -16.99 -66.59 -7.08
C GLN D 172 -16.81 -65.47 -6.07
N HIS D 173 -16.12 -65.75 -4.96
CA HIS D 173 -15.89 -64.72 -3.96
C HIS D 173 -14.98 -63.63 -4.51
N PHE D 174 -13.82 -64.03 -5.05
CA PHE D 174 -12.84 -63.05 -5.51
C PHE D 174 -13.37 -62.21 -6.66
N THR D 175 -13.97 -62.85 -7.66
CA THR D 175 -14.38 -62.12 -8.86
C THR D 175 -15.57 -61.20 -8.61
N HIS D 176 -16.35 -61.42 -7.55
CA HIS D 176 -17.53 -60.61 -7.29
C HIS D 176 -17.21 -59.28 -6.58
N GLN D 177 -15.94 -58.88 -6.55
CA GLN D 177 -15.59 -57.53 -6.12
C GLN D 177 -15.46 -56.57 -7.30
N PHE D 178 -15.13 -57.07 -8.49
CA PHE D 178 -15.12 -56.26 -9.69
C PHE D 178 -16.15 -56.69 -10.73
N PHE D 179 -16.97 -57.69 -10.44
CA PHE D 179 -18.11 -58.08 -11.27
C PHE D 179 -19.37 -57.80 -10.47
N LYS D 180 -19.81 -56.54 -10.49
CA LYS D 180 -20.98 -56.09 -9.75
C LYS D 180 -21.87 -55.29 -10.71
N THR D 181 -22.46 -56.00 -11.68
CA THR D 181 -23.27 -55.36 -12.71
C THR D 181 -24.37 -54.50 -12.10
N ASP D 182 -24.51 -53.28 -12.61
CA ASP D 182 -25.56 -52.36 -12.18
C ASP D 182 -26.81 -52.66 -13.01
N HIS D 183 -27.60 -53.62 -12.56
CA HIS D 183 -28.80 -54.03 -13.28
C HIS D 183 -29.83 -52.91 -13.39
N LYS D 184 -29.65 -51.81 -12.67
CA LYS D 184 -30.57 -50.68 -12.76
C LYS D 184 -30.35 -49.89 -14.05
N ARG D 185 -29.10 -49.75 -14.49
CA ARG D 185 -28.78 -48.99 -15.69
C ARG D 185 -28.72 -49.88 -16.92
N GLY D 186 -28.12 -51.06 -16.80
CA GLY D 186 -27.98 -51.96 -17.92
C GLY D 186 -26.89 -52.98 -17.70
N PRO D 187 -26.84 -54.03 -18.53
CA PRO D 187 -25.81 -55.07 -18.35
C PRO D 187 -24.39 -54.57 -18.59
N GLY D 188 -24.21 -53.42 -19.22
CA GLY D 188 -22.91 -52.86 -19.45
C GLY D 188 -22.44 -51.86 -18.42
N PHE D 189 -23.15 -51.72 -17.30
CA PHE D 189 -22.81 -50.78 -16.25
C PHE D 189 -22.39 -51.53 -15.00
N THR D 190 -21.39 -50.98 -14.30
CA THR D 190 -20.82 -51.61 -13.12
C THR D 190 -20.97 -50.72 -11.90
N ARG D 191 -20.88 -51.34 -10.73
CA ARG D 191 -20.86 -50.64 -9.45
C ARG D 191 -19.54 -50.81 -8.72
N GLY D 192 -18.59 -51.52 -9.30
CA GLY D 192 -17.25 -51.59 -8.75
C GLY D 192 -16.38 -50.52 -9.36
N LEU D 193 -16.51 -49.29 -8.86
CA LEU D 193 -15.78 -48.16 -9.42
C LEU D 193 -14.28 -48.24 -9.16
N GLY D 194 -13.84 -49.16 -8.30
CA GLY D 194 -12.42 -49.46 -8.21
C GLY D 194 -11.87 -50.20 -9.41
N HIS D 195 -12.74 -50.92 -10.13
CA HIS D 195 -12.38 -51.62 -11.36
C HIS D 195 -11.18 -52.55 -11.14
N GLY D 196 -11.17 -53.23 -10.01
CA GLY D 196 -10.07 -54.13 -9.71
C GLY D 196 -10.15 -54.66 -8.30
N VAL D 197 -9.00 -55.13 -7.81
CA VAL D 197 -8.92 -55.83 -6.52
C VAL D 197 -8.74 -54.77 -5.45
N ASP D 198 -9.86 -54.17 -5.05
CA ASP D 198 -9.88 -53.22 -3.94
C ASP D 198 -10.48 -53.83 -2.67
N LEU D 199 -10.92 -55.08 -2.72
CA LEU D 199 -11.52 -55.77 -1.58
C LEU D 199 -12.78 -55.06 -1.09
N ASN D 200 -13.50 -54.39 -2.00
CA ASN D 200 -14.77 -53.78 -1.64
C ASN D 200 -15.79 -54.81 -1.17
N HIS D 201 -15.60 -56.08 -1.55
CA HIS D 201 -16.48 -57.15 -1.07
C HIS D 201 -16.22 -57.51 0.38
N ILE D 202 -15.12 -57.04 0.97
CA ILE D 202 -14.85 -57.21 2.40
C ILE D 202 -15.15 -55.94 3.18
N TYR D 203 -14.73 -54.79 2.65
CA TYR D 203 -14.79 -53.54 3.38
C TYR D 203 -15.90 -52.60 2.92
N GLY D 204 -16.61 -52.91 1.84
CA GLY D 204 -17.67 -52.03 1.38
C GLY D 204 -17.23 -51.09 0.27
N GLU D 205 -18.13 -50.83 -0.69
CA GLU D 205 -17.79 -49.98 -1.81
C GLU D 205 -17.65 -48.53 -1.39
N THR D 206 -18.55 -48.06 -0.53
CA THR D 206 -18.55 -46.67 -0.08
C THR D 206 -17.96 -46.55 1.32
N LEU D 207 -17.49 -45.35 1.63
CA LEU D 207 -16.93 -45.08 2.95
C LEU D 207 -17.97 -45.26 4.05
N ASP D 208 -19.21 -44.85 3.77
CA ASP D 208 -20.27 -44.97 4.78
C ASP D 208 -20.55 -46.42 5.11
N ARG D 209 -20.57 -47.30 4.11
CA ARG D 209 -20.75 -48.73 4.39
C ARG D 209 -19.57 -49.28 5.18
N GLN D 210 -18.35 -48.88 4.82
CA GLN D 210 -17.17 -49.36 5.51
C GLN D 210 -17.22 -49.05 7.00
N HIS D 211 -17.59 -47.81 7.35
CA HIS D 211 -17.61 -47.40 8.75
C HIS D 211 -18.64 -48.21 9.53
N LYS D 212 -19.77 -48.54 8.91
CA LYS D 212 -20.75 -49.38 9.59
C LYS D 212 -20.21 -50.78 9.84
N LEU D 213 -19.28 -51.25 9.00
CA LEU D 213 -18.67 -52.56 9.17
C LEU D 213 -17.48 -52.56 10.12
N ARG D 214 -16.97 -51.39 10.48
CA ARG D 214 -15.76 -51.30 11.29
C ARG D 214 -16.09 -51.22 12.76
N LEU D 215 -15.19 -51.79 13.58
CA LEU D 215 -15.30 -51.74 15.02
C LEU D 215 -14.76 -50.43 15.61
N PHE D 216 -13.90 -49.75 14.87
CA PHE D 216 -13.24 -48.51 15.32
C PHE D 216 -12.47 -48.73 16.62
N LYS D 217 -11.93 -49.93 16.79
CA LYS D 217 -11.01 -50.23 17.89
C LYS D 217 -10.02 -51.25 17.37
N ASP D 218 -8.73 -50.92 17.45
CA ASP D 218 -7.63 -51.75 16.96
C ASP D 218 -7.70 -52.00 15.45
N GLY D 219 -8.37 -51.12 14.72
CA GLY D 219 -8.46 -51.24 13.28
C GLY D 219 -9.31 -52.39 12.78
N LYS D 220 -10.06 -53.03 13.66
CA LYS D 220 -10.79 -54.25 13.32
C LYS D 220 -12.19 -53.94 12.79
N LEU D 221 -12.74 -54.92 12.10
CA LEU D 221 -14.14 -54.90 11.70
C LEU D 221 -14.99 -55.57 12.77
N LYS D 222 -16.27 -55.23 12.79
CA LYS D 222 -17.19 -55.84 13.74
C LYS D 222 -17.30 -57.34 13.50
N TYR D 223 -17.60 -58.08 14.57
CA TYR D 223 -17.73 -59.52 14.49
C TYR D 223 -18.49 -60.02 15.71
N GLN D 224 -19.30 -61.06 15.51
CA GLN D 224 -19.99 -61.72 16.60
C GLN D 224 -19.44 -63.12 16.79
N VAL D 225 -19.57 -63.65 18.00
CA VAL D 225 -19.09 -64.99 18.34
C VAL D 225 -20.30 -65.88 18.52
N ILE D 226 -20.44 -66.89 17.66
CA ILE D 226 -21.55 -67.84 17.68
C ILE D 226 -20.97 -69.23 17.91
N GLY D 227 -21.38 -69.87 19.00
CA GLY D 227 -20.84 -71.18 19.32
C GLY D 227 -19.35 -71.23 19.63
N GLY D 228 -18.70 -70.08 19.84
CA GLY D 228 -17.26 -70.06 20.01
C GLY D 228 -16.47 -69.73 18.77
N GLU D 229 -17.14 -69.46 17.66
CA GLU D 229 -16.48 -69.14 16.39
C GLU D 229 -16.82 -67.71 15.98
N VAL D 230 -15.85 -67.04 15.37
CA VAL D 230 -16.02 -65.66 14.93
C VAL D 230 -16.73 -65.65 13.60
N TYR D 231 -17.85 -64.94 13.52
CA TYR D 231 -18.64 -64.78 12.31
C TYR D 231 -18.91 -63.30 12.09
N PRO D 232 -19.27 -62.91 10.87
CA PRO D 232 -19.60 -61.50 10.60
C PRO D 232 -20.75 -61.02 11.46
N PRO D 233 -20.87 -59.71 11.66
CA PRO D 233 -21.97 -59.16 12.47
C PRO D 233 -23.28 -59.19 11.69
N THR D 234 -24.33 -58.68 12.33
CA THR D 234 -25.67 -58.72 11.80
C THR D 234 -26.05 -57.38 11.16
N VAL D 235 -27.10 -57.41 10.35
CA VAL D 235 -27.67 -56.18 9.81
C VAL D 235 -28.30 -55.36 10.92
N LYS D 236 -28.74 -56.01 12.00
CA LYS D 236 -29.27 -55.28 13.14
C LYS D 236 -28.18 -54.47 13.84
N ASP D 237 -26.96 -55.01 13.88
CA ASP D 237 -25.89 -54.35 14.65
C ASP D 237 -25.19 -53.28 13.83
N THR D 238 -25.07 -53.48 12.52
CA THR D 238 -24.27 -52.58 11.68
C THR D 238 -25.10 -51.65 10.81
N GLN D 239 -26.33 -52.03 10.47
CA GLN D 239 -27.23 -51.27 9.60
C GLN D 239 -26.75 -51.20 8.15
N VAL D 240 -25.91 -52.12 7.70
CA VAL D 240 -25.53 -52.14 6.30
C VAL D 240 -26.58 -52.92 5.53
N GLU D 241 -26.82 -52.50 4.29
CA GLU D 241 -27.84 -53.13 3.46
C GLU D 241 -27.32 -54.45 2.91
N MET D 242 -28.01 -55.53 3.22
CA MET D 242 -27.74 -56.85 2.67
C MET D 242 -28.98 -57.34 1.94
N ILE D 243 -28.76 -58.26 1.01
CA ILE D 243 -29.85 -58.87 0.24
C ILE D 243 -30.17 -60.22 0.86
N TYR D 244 -31.40 -60.39 1.32
CA TYR D 244 -31.88 -61.62 1.91
C TYR D 244 -33.35 -61.79 1.58
N PRO D 245 -33.82 -63.02 1.44
CA PRO D 245 -35.26 -63.25 1.32
C PRO D 245 -35.98 -62.79 2.58
N PRO D 246 -37.25 -62.44 2.48
CA PRO D 246 -37.94 -61.82 3.62
C PRO D 246 -38.21 -62.77 4.78
N HIS D 247 -37.72 -64.01 4.70
CA HIS D 247 -37.94 -64.99 5.76
C HIS D 247 -36.67 -65.34 6.52
N ILE D 248 -35.57 -64.66 6.25
CA ILE D 248 -34.32 -64.93 6.95
C ILE D 248 -34.37 -64.26 8.32
N PRO D 249 -34.10 -64.98 9.42
CA PRO D 249 -34.14 -64.34 10.73
C PRO D 249 -33.03 -63.31 10.90
N GLU D 250 -33.24 -62.40 11.85
CA GLU D 250 -32.26 -61.35 12.12
C GLU D 250 -30.93 -61.93 12.56
N ASN D 251 -30.94 -63.03 13.32
CA ASN D 251 -29.71 -63.67 13.78
C ASN D 251 -28.83 -64.14 12.62
N LEU D 252 -29.40 -64.44 11.45
CA LEU D 252 -28.64 -64.98 10.34
C LEU D 252 -28.37 -63.98 9.22
N GLN D 253 -28.90 -62.76 9.31
CA GLN D 253 -28.65 -61.73 8.31
C GLN D 253 -27.27 -61.13 8.57
N PHE D 254 -26.25 -61.80 8.04
CA PHE D 254 -24.87 -61.37 8.24
C PHE D 254 -24.53 -60.21 7.31
N ALA D 255 -23.82 -59.22 7.86
CA ALA D 255 -23.42 -58.03 7.13
C ALA D 255 -21.97 -58.20 6.67
N VAL D 256 -21.76 -58.18 5.36
CA VAL D 256 -20.42 -58.26 4.78
C VAL D 256 -20.27 -57.16 3.74
N GLY D 257 -19.05 -57.02 3.22
CA GLY D 257 -18.77 -55.94 2.29
C GLY D 257 -19.64 -56.00 1.04
N GLN D 258 -19.71 -57.18 0.42
CA GLN D 258 -20.55 -57.37 -0.75
C GLN D 258 -21.97 -57.72 -0.31
N GLU D 259 -22.94 -56.97 -0.82
CA GLU D 259 -24.32 -57.06 -0.34
C GLU D 259 -25.02 -58.35 -0.74
N VAL D 260 -24.43 -59.16 -1.63
CA VAL D 260 -25.06 -60.38 -2.11
C VAL D 260 -24.42 -61.63 -1.55
N PHE D 261 -23.38 -61.50 -0.72
CA PHE D 261 -22.68 -62.69 -0.25
C PHE D 261 -23.48 -63.49 0.77
N GLY D 262 -24.70 -63.07 1.11
CA GLY D 262 -25.62 -63.91 1.84
C GLY D 262 -26.35 -64.91 0.99
N LEU D 263 -26.04 -64.95 -0.31
CA LEU D 263 -26.70 -65.88 -1.23
C LEU D 263 -26.29 -67.32 -0.94
N VAL D 264 -25.01 -67.63 -1.10
CA VAL D 264 -24.55 -69.01 -0.93
C VAL D 264 -23.65 -69.11 0.29
N PRO D 265 -23.81 -70.15 1.11
CA PRO D 265 -22.90 -70.33 2.26
C PRO D 265 -21.45 -70.42 1.86
N GLY D 266 -21.15 -70.85 0.64
CA GLY D 266 -19.77 -70.89 0.19
C GLY D 266 -19.14 -69.51 0.16
N LEU D 267 -19.86 -68.52 -0.36
CA LEU D 267 -19.39 -67.15 -0.31
C LEU D 267 -19.24 -66.67 1.12
N MET D 268 -20.25 -66.94 1.96
CA MET D 268 -20.19 -66.53 3.36
C MET D 268 -19.05 -67.24 4.10
N MET D 269 -18.65 -68.42 3.62
CA MET D 269 -17.48 -69.09 4.20
C MET D 269 -16.22 -68.25 4.00
N TYR D 270 -15.92 -67.92 2.75
CA TYR D 270 -14.74 -67.11 2.46
C TYR D 270 -14.88 -65.71 3.05
N ALA D 271 -16.09 -65.15 3.07
CA ALA D 271 -16.30 -63.86 3.71
C ALA D 271 -15.96 -63.91 5.19
N THR D 272 -16.20 -65.05 5.84
CA THR D 272 -15.84 -65.19 7.24
C THR D 272 -14.33 -65.39 7.39
N ILE D 273 -13.71 -66.14 6.48
CA ILE D 273 -12.28 -66.40 6.57
C ILE D 273 -11.48 -65.11 6.41
N TRP D 274 -11.89 -64.25 5.48
CA TRP D 274 -11.16 -63.00 5.26
C TRP D 274 -11.39 -62.02 6.40
N LEU D 275 -12.61 -62.00 6.95
CA LEU D 275 -12.88 -61.15 8.11
C LEU D 275 -11.97 -61.51 9.28
N ARG D 276 -11.73 -62.81 9.48
CA ARG D 276 -10.80 -63.23 10.53
C ARG D 276 -9.37 -62.84 10.20
N GLU D 277 -9.00 -62.90 8.92
CA GLU D 277 -7.64 -62.54 8.54
C GLU D 277 -7.38 -61.06 8.75
N HIS D 278 -8.38 -60.21 8.50
CA HIS D 278 -8.22 -58.78 8.71
C HIS D 278 -7.95 -58.47 10.18
N ASN D 279 -8.67 -59.14 11.09
CA ASN D 279 -8.42 -58.93 12.52
C ASN D 279 -7.10 -59.56 12.95
N ARG D 280 -6.75 -60.71 12.36
CA ARG D 280 -5.47 -61.34 12.68
C ARG D 280 -4.31 -60.42 12.32
N VAL D 281 -4.40 -59.75 11.16
CA VAL D 281 -3.37 -58.79 10.79
C VAL D 281 -3.41 -57.57 11.71
N CYS D 282 -4.61 -57.15 12.10
CA CYS D 282 -4.73 -56.04 13.04
C CYS D 282 -4.02 -56.35 14.36
N ASP D 283 -4.13 -57.59 14.83
CA ASP D 283 -3.41 -57.99 16.03
C ASP D 283 -1.91 -57.97 15.81
N ILE D 284 -1.45 -58.27 14.59
CA ILE D 284 -0.02 -58.34 14.32
C ILE D 284 0.57 -56.94 14.21
N LEU D 285 -0.11 -56.03 13.52
CA LEU D 285 0.41 -54.67 13.39
C LEU D 285 0.40 -53.94 14.73
N LYS D 286 -0.65 -54.15 15.54
CA LYS D 286 -0.67 -53.55 16.87
C LYS D 286 0.46 -54.10 17.72
N GLN D 287 0.75 -55.39 17.60
CA GLN D 287 1.89 -55.99 18.29
C GLN D 287 3.19 -55.27 17.92
N GLU D 288 3.35 -54.93 16.65
N GLU D 288 3.35 -54.92 16.65
CA GLU D 288 4.56 -54.27 16.19
CA GLU D 288 4.56 -54.26 16.19
C GLU D 288 4.48 -52.75 16.29
C GLU D 288 4.48 -52.75 16.37
N HIS D 289 3.28 -52.18 16.37
CA HIS D 289 3.08 -50.74 16.45
C HIS D 289 2.09 -50.43 17.57
N PRO D 290 2.54 -50.43 18.83
CA PRO D 290 1.66 -50.02 19.92
C PRO D 290 1.28 -48.55 19.88
N GLU D 291 2.02 -47.73 19.14
CA GLU D 291 1.75 -46.30 19.05
C GLU D 291 0.75 -45.95 17.96
N TRP D 292 0.32 -46.92 17.15
CA TRP D 292 -0.61 -46.65 16.06
C TRP D 292 -2.04 -46.58 16.58
N GLY D 293 -2.83 -45.70 15.93
CA GLY D 293 -4.23 -45.57 16.24
C GLY D 293 -5.09 -46.52 15.42
N ASP D 294 -6.41 -46.35 15.55
CA ASP D 294 -7.34 -47.28 14.93
C ASP D 294 -7.33 -47.16 13.41
N GLU D 295 -7.25 -45.94 12.88
CA GLU D 295 -7.37 -45.76 11.43
C GLU D 295 -6.18 -46.35 10.70
N GLN D 296 -4.96 -46.12 11.18
CA GLN D 296 -3.79 -46.64 10.49
C GLN D 296 -3.74 -48.15 10.53
N LEU D 297 -4.17 -48.76 11.65
CA LEU D 297 -4.22 -50.22 11.72
C LEU D 297 -5.21 -50.78 10.70
N PHE D 298 -6.37 -50.15 10.55
CA PHE D 298 -7.34 -50.60 9.57
C PHE D 298 -6.80 -50.49 8.15
N GLN D 299 -6.29 -49.30 7.78
CA GLN D 299 -5.84 -49.08 6.42
C GLN D 299 -4.65 -49.98 6.07
N THR D 300 -3.71 -50.13 7.00
CA THR D 300 -2.54 -50.96 6.72
C THR D 300 -2.91 -52.42 6.59
N SER D 301 -3.83 -52.91 7.43
CA SER D 301 -4.32 -54.27 7.27
C SER D 301 -5.03 -54.45 5.93
N ARG D 302 -5.83 -53.46 5.53
CA ARG D 302 -6.53 -53.56 4.25
C ARG D 302 -5.55 -53.67 3.09
N LEU D 303 -4.44 -52.92 3.15
CA LEU D 303 -3.44 -53.02 2.09
C LEU D 303 -2.71 -54.36 2.12
N ILE D 304 -2.54 -54.94 3.30
CA ILE D 304 -1.91 -56.26 3.39
C ILE D 304 -2.81 -57.32 2.80
N LEU D 305 -4.12 -57.26 3.10
CA LEU D 305 -5.04 -58.26 2.56
C LEU D 305 -5.21 -58.13 1.07
N ILE D 306 -5.04 -56.92 0.52
CA ILE D 306 -5.01 -56.76 -0.93
C ILE D 306 -3.79 -57.50 -1.49
N GLY D 307 -2.64 -57.33 -0.84
CA GLY D 307 -1.44 -58.04 -1.28
C GLY D 307 -1.57 -59.54 -1.12
N GLU D 308 -2.17 -59.98 -0.01
CA GLU D 308 -2.40 -61.41 0.18
C GLU D 308 -3.31 -61.98 -0.91
N THR D 309 -4.36 -61.23 -1.28
CA THR D 309 -5.26 -61.69 -2.34
C THR D 309 -4.51 -61.87 -3.65
N ILE D 310 -3.76 -60.85 -4.07
CA ILE D 310 -3.06 -60.91 -5.35
C ILE D 310 -2.02 -62.02 -5.34
N LYS D 311 -1.29 -62.16 -4.24
CA LYS D 311 -0.32 -63.25 -4.11
C LYS D 311 -1.01 -64.61 -4.23
N ILE D 312 -2.16 -64.77 -3.58
CA ILE D 312 -2.86 -66.05 -3.59
C ILE D 312 -3.48 -66.32 -4.95
N VAL D 313 -4.03 -65.28 -5.60
CA VAL D 313 -4.66 -65.47 -6.90
C VAL D 313 -3.63 -65.90 -7.94
N ILE D 314 -2.43 -65.33 -7.89
CA ILE D 314 -1.42 -65.66 -8.90
C ILE D 314 -0.81 -67.03 -8.61
N GLU D 315 -0.39 -67.27 -7.36
CA GLU D 315 0.48 -68.40 -7.06
C GLU D 315 -0.28 -69.68 -6.70
N ASP D 316 -1.58 -69.62 -6.48
CA ASP D 316 -2.32 -70.84 -6.21
C ASP D 316 -3.57 -70.97 -7.07
N TYR D 317 -4.29 -69.87 -7.29
CA TYR D 317 -5.50 -69.87 -8.11
C TYR D 317 -5.16 -69.96 -9.59
N VAL D 318 -4.34 -69.02 -10.08
CA VAL D 318 -3.89 -69.06 -11.47
C VAL D 318 -2.94 -70.24 -11.70
N GLN D 319 -2.14 -70.59 -10.68
CA GLN D 319 -1.23 -71.72 -10.82
C GLN D 319 -1.99 -73.02 -11.04
N HIS D 320 -3.14 -73.18 -10.37
CA HIS D 320 -3.95 -74.38 -10.57
C HIS D 320 -4.62 -74.38 -11.94
N LEU D 321 -5.23 -73.25 -12.31
CA LEU D 321 -5.92 -73.15 -13.59
C LEU D 321 -4.97 -73.42 -14.75
N SER D 322 -3.74 -72.94 -14.66
CA SER D 322 -2.79 -73.07 -15.77
C SER D 322 -2.43 -74.52 -16.04
N GLY D 323 -2.27 -75.31 -14.97
CA GLY D 323 -1.71 -76.64 -15.15
C GLY D 323 -0.25 -76.62 -15.52
N TYR D 324 0.41 -75.48 -15.37
CA TYR D 324 1.82 -75.35 -15.74
C TYR D 324 2.71 -76.10 -14.76
N HIS D 325 3.78 -76.68 -15.30
CA HIS D 325 4.84 -77.17 -14.44
C HIS D 325 5.72 -76.05 -13.90
N PHE D 326 5.81 -74.95 -14.64
CA PHE D 326 6.51 -73.76 -14.17
C PHE D 326 5.73 -73.13 -13.01
N LYS D 327 6.45 -72.79 -11.94
CA LYS D 327 5.83 -72.26 -10.73
C LYS D 327 5.77 -70.74 -10.84
N LEU D 328 4.57 -70.21 -11.02
CA LEU D 328 4.39 -68.77 -11.15
C LEU D 328 4.82 -68.05 -9.87
N LYS D 329 4.95 -66.73 -9.97
CA LYS D 329 5.51 -65.95 -8.88
C LYS D 329 4.88 -64.56 -8.86
N PHE D 330 4.34 -64.17 -7.70
CA PHE D 330 3.87 -62.80 -7.51
C PHE D 330 5.07 -61.94 -7.14
N ASP D 331 5.54 -61.13 -8.09
CA ASP D 331 6.72 -60.30 -7.90
C ASP D 331 6.53 -59.01 -8.68
N PRO D 332 6.13 -57.92 -8.03
CA PRO D 332 5.97 -56.65 -8.75
C PRO D 332 7.27 -56.08 -9.30
N GLU D 333 8.41 -56.44 -8.71
CA GLU D 333 9.69 -55.91 -9.17
C GLU D 333 10.00 -56.32 -10.61
N LEU D 334 9.35 -57.37 -11.12
CA LEU D 334 9.60 -57.82 -12.49
C LEU D 334 9.14 -56.81 -13.53
N LEU D 335 8.25 -55.88 -13.16
CA LEU D 335 7.74 -54.88 -14.10
C LEU D 335 8.36 -53.50 -13.91
N PHE D 336 9.35 -53.36 -13.02
CA PHE D 336 9.85 -52.03 -12.68
C PHE D 336 10.67 -51.43 -13.81
N ASN D 337 11.40 -52.24 -14.58
CA ASN D 337 12.12 -51.78 -15.75
C ASN D 337 11.36 -52.06 -17.05
N GLN D 338 10.04 -52.15 -16.97
CA GLN D 338 9.19 -52.45 -18.12
C GLN D 338 8.19 -51.31 -18.32
N GLN D 339 7.50 -51.36 -19.45
CA GLN D 339 6.50 -50.36 -19.82
C GLN D 339 5.12 -50.88 -19.41
N PHE D 340 4.72 -50.55 -18.18
CA PHE D 340 3.45 -51.00 -17.63
C PHE D 340 2.64 -49.81 -17.15
N GLN D 341 1.32 -49.92 -17.28
CA GLN D 341 0.38 -48.89 -16.84
C GLN D 341 -0.32 -49.39 -15.60
N TYR D 342 -0.05 -48.78 -14.45
CA TYR D 342 -0.64 -49.20 -13.19
C TYR D 342 -2.04 -48.61 -13.07
N GLN D 343 -2.96 -49.21 -13.82
CA GLN D 343 -4.37 -48.85 -13.82
C GLN D 343 -5.11 -49.96 -14.54
N ASN D 344 -6.44 -49.99 -14.34
CA ASN D 344 -7.25 -51.04 -14.92
C ASN D 344 -8.71 -50.60 -14.95
N ARG D 345 -9.38 -50.90 -16.05
CA ARG D 345 -10.81 -50.74 -16.19
C ARG D 345 -11.40 -52.11 -16.51
N ILE D 346 -12.40 -52.53 -15.74
CA ILE D 346 -12.95 -53.87 -15.90
C ILE D 346 -13.71 -53.96 -17.21
N ALA D 347 -13.33 -54.93 -18.04
CA ALA D 347 -13.90 -55.09 -19.37
C ALA D 347 -15.15 -55.96 -19.31
N SER D 348 -16.16 -55.58 -20.12
CA SER D 348 -17.40 -56.34 -20.13
C SER D 348 -17.18 -57.77 -20.60
N GLU D 349 -16.32 -57.96 -21.59
CA GLU D 349 -16.04 -59.31 -22.07
C GLU D 349 -15.43 -60.16 -20.97
N PHE D 350 -14.54 -59.58 -20.17
CA PHE D 350 -13.98 -60.29 -19.02
C PHE D 350 -15.07 -60.79 -18.10
N ASN D 351 -16.13 -60.00 -17.91
CA ASN D 351 -17.27 -60.44 -17.11
C ASN D 351 -17.98 -61.60 -17.78
N THR D 352 -18.20 -61.52 -19.09
CA THR D 352 -18.98 -62.55 -19.79
C THR D 352 -18.30 -63.91 -19.70
N LEU D 353 -17.02 -63.97 -20.04
CA LEU D 353 -16.31 -65.25 -20.06
C LEU D 353 -15.95 -65.77 -18.68
N TYR D 354 -16.23 -65.02 -17.62
CA TYR D 354 -16.01 -65.50 -16.26
C TYR D 354 -17.26 -66.13 -15.65
N HIS D 355 -18.31 -66.33 -16.44
CA HIS D 355 -19.51 -67.03 -15.98
C HIS D 355 -19.24 -68.53 -15.98
N TRP D 356 -18.42 -68.95 -15.02
CA TRP D 356 -18.02 -70.35 -14.88
C TRP D 356 -19.03 -71.19 -14.13
N HIS D 357 -20.31 -71.04 -14.44
CA HIS D 357 -21.34 -71.82 -13.76
C HIS D 357 -21.22 -73.34 -13.94
N PRO D 358 -20.66 -73.89 -15.05
CA PRO D 358 -20.44 -75.34 -15.11
C PRO D 358 -19.65 -75.91 -13.94
N LEU D 359 -18.93 -75.05 -13.20
CA LEU D 359 -18.19 -75.52 -12.02
C LEU D 359 -19.12 -76.10 -10.98
N LEU D 360 -20.36 -75.62 -10.90
CA LEU D 360 -21.25 -76.00 -9.80
C LEU D 360 -21.71 -77.45 -9.98
N PRO D 361 -21.69 -78.23 -8.90
CA PRO D 361 -22.13 -79.63 -8.98
C PRO D 361 -23.64 -79.73 -8.90
N ASP D 362 -24.14 -80.96 -8.97
CA ASP D 362 -25.58 -81.18 -8.84
C ASP D 362 -26.03 -81.00 -7.40
N THR D 363 -25.19 -81.35 -6.43
CA THR D 363 -25.49 -81.19 -5.02
C THR D 363 -24.24 -80.69 -4.31
N PHE D 364 -24.45 -79.96 -3.22
CA PHE D 364 -23.36 -79.40 -2.41
C PHE D 364 -23.15 -80.33 -1.22
N ASN D 365 -22.05 -81.08 -1.25
CA ASN D 365 -21.78 -82.12 -0.26
C ASN D 365 -20.97 -81.53 0.88
N ILE D 366 -21.55 -81.56 2.09
CA ILE D 366 -20.89 -81.07 3.30
C ILE D 366 -20.94 -82.17 4.34
N GLU D 367 -19.77 -82.63 4.77
CA GLU D 367 -19.63 -83.75 5.69
C GLU D 367 -20.27 -85.00 5.11
N ASP D 368 -21.54 -85.25 5.45
CA ASP D 368 -22.27 -86.39 4.94
C ASP D 368 -23.61 -86.02 4.32
N GLN D 369 -23.97 -84.74 4.31
CA GLN D 369 -25.22 -84.28 3.72
C GLN D 369 -25.01 -83.88 2.27
N GLU D 370 -26.07 -84.02 1.48
CA GLU D 370 -26.07 -83.61 0.07
C GLU D 370 -27.24 -82.66 -0.12
N TYR D 371 -26.94 -81.36 -0.24
CA TYR D 371 -27.95 -80.32 -0.34
C TYR D 371 -28.22 -79.98 -1.80
N SER D 372 -29.50 -79.81 -2.12
CA SER D 372 -29.89 -79.30 -3.43
C SER D 372 -29.67 -77.79 -3.50
N PHE D 373 -29.88 -77.23 -4.69
CA PHE D 373 -29.78 -75.78 -4.84
C PHE D 373 -30.84 -75.06 -4.02
N LYS D 374 -32.02 -75.66 -3.88
CA LYS D 374 -33.07 -75.06 -3.05
C LYS D 374 -32.65 -75.02 -1.59
N GLN D 375 -32.08 -76.12 -1.09
CA GLN D 375 -31.69 -76.18 0.31
C GLN D 375 -30.45 -75.36 0.60
N PHE D 376 -29.58 -75.18 -0.39
CA PHE D 376 -28.28 -74.55 -0.15
C PHE D 376 -28.37 -73.03 -0.24
N LEU D 377 -29.05 -72.52 -1.25
CA LEU D 377 -29.08 -71.07 -1.49
C LEU D 377 -29.81 -70.35 -0.37
N TYR D 378 -29.24 -69.23 0.06
CA TYR D 378 -29.81 -68.36 1.09
C TYR D 378 -30.15 -69.15 2.35
N ASN D 379 -29.18 -69.94 2.82
CA ASN D 379 -29.36 -70.77 4.01
C ASN D 379 -28.01 -70.84 4.72
N ASN D 380 -27.70 -69.80 5.49
CA ASN D 380 -26.45 -69.74 6.24
C ASN D 380 -26.47 -70.55 7.52
N SER D 381 -27.65 -71.04 7.94
CA SER D 381 -27.70 -71.98 9.06
C SER D 381 -26.94 -73.26 8.75
N ILE D 382 -26.74 -73.57 7.47
CA ILE D 382 -25.86 -74.66 7.09
C ILE D 382 -24.44 -74.40 7.58
N LEU D 383 -23.98 -73.15 7.43
CA LEU D 383 -22.62 -72.80 7.85
C LEU D 383 -22.47 -72.93 9.36
N LEU D 384 -23.45 -72.46 10.13
CA LEU D 384 -23.37 -72.56 11.57
C LEU D 384 -23.52 -74.00 12.05
N GLU D 385 -24.28 -74.81 11.32
CA GLU D 385 -24.49 -76.21 11.73
C GLU D 385 -23.18 -77.00 11.65
N HIS D 386 -22.45 -76.84 10.55
CA HIS D 386 -21.23 -77.61 10.32
C HIS D 386 -19.95 -76.89 10.72
N GLY D 387 -19.93 -75.56 10.65
CA GLY D 387 -18.75 -74.80 10.98
C GLY D 387 -17.78 -74.71 9.81
N LEU D 388 -16.87 -73.73 9.90
CA LEU D 388 -15.92 -73.49 8.82
C LEU D 388 -15.01 -74.69 8.59
N THR D 389 -14.58 -75.34 9.67
CA THR D 389 -13.65 -76.47 9.54
C THR D 389 -14.22 -77.55 8.63
N GLN D 390 -15.41 -78.05 8.95
CA GLN D 390 -16.04 -79.07 8.12
C GLN D 390 -16.34 -78.54 6.72
N PHE D 391 -16.63 -77.25 6.60
CA PHE D 391 -16.84 -76.64 5.29
C PHE D 391 -15.58 -76.76 4.44
N VAL D 392 -14.42 -76.45 5.03
CA VAL D 392 -13.16 -76.52 4.28
C VAL D 392 -12.85 -77.95 3.90
N GLU D 393 -12.95 -78.88 4.86
CA GLU D 393 -12.60 -80.27 4.58
C GLU D 393 -13.54 -80.90 3.56
N SER D 394 -14.82 -80.51 3.55
CA SER D 394 -15.76 -81.08 2.59
C SER D 394 -15.60 -80.46 1.21
N PHE D 395 -15.54 -79.13 1.14
CA PHE D 395 -15.41 -78.46 -0.15
C PHE D 395 -14.07 -78.76 -0.82
N THR D 396 -13.03 -79.02 -0.04
CA THR D 396 -11.77 -79.46 -0.62
C THR D 396 -11.92 -80.85 -1.25
N ARG D 397 -12.76 -81.71 -0.67
CA ARG D 397 -12.96 -83.04 -1.22
C ARG D 397 -13.81 -83.01 -2.48
N GLN D 398 -14.88 -82.22 -2.48
CA GLN D 398 -15.87 -82.28 -3.56
C GLN D 398 -15.31 -81.64 -4.82
N ILE D 399 -15.33 -82.41 -5.91
CA ILE D 399 -14.78 -81.95 -7.19
C ILE D 399 -15.81 -81.08 -7.90
N ALA D 400 -15.32 -80.09 -8.63
CA ALA D 400 -16.18 -79.18 -9.37
C ALA D 400 -16.37 -79.68 -10.80
N GLY D 401 -17.13 -78.93 -11.58
CA GLY D 401 -17.45 -79.31 -12.94
C GLY D 401 -16.55 -78.66 -13.98
N ARG D 402 -16.43 -79.33 -15.12
CA ARG D 402 -15.63 -78.83 -16.24
CA ARG D 402 -15.64 -78.83 -16.24
C ARG D 402 -16.37 -77.69 -16.94
N VAL D 403 -15.64 -76.64 -17.25
CA VAL D 403 -16.25 -75.43 -17.82
C VAL D 403 -16.37 -75.54 -19.34
N ALA D 404 -15.30 -75.90 -20.02
CA ALA D 404 -15.36 -76.13 -21.46
C ALA D 404 -15.80 -77.55 -21.75
N GLY D 405 -15.98 -77.85 -23.03
CA GLY D 405 -16.43 -79.17 -23.46
C GLY D 405 -17.92 -79.30 -23.71
N GLY D 406 -18.71 -78.31 -23.33
CA GLY D 406 -20.13 -78.30 -23.65
C GLY D 406 -20.97 -79.07 -22.66
N ARG D 407 -22.24 -78.69 -22.57
CA ARG D 407 -23.29 -79.42 -21.87
C ARG D 407 -22.90 -79.75 -20.42
N ASN D 408 -22.60 -78.69 -19.66
CA ASN D 408 -22.26 -78.88 -18.26
C ASN D 408 -22.84 -77.81 -17.35
N VAL D 409 -23.71 -76.93 -17.85
CA VAL D 409 -24.36 -75.94 -17.01
C VAL D 409 -25.53 -76.62 -16.28
N PRO D 410 -25.51 -76.68 -14.95
CA PRO D 410 -26.64 -77.27 -14.23
C PRO D 410 -27.93 -76.50 -14.51
N ILE D 411 -29.03 -77.24 -14.62
CA ILE D 411 -30.31 -76.63 -14.96
C ILE D 411 -30.83 -75.69 -13.87
N ALA D 412 -30.26 -75.76 -12.67
CA ALA D 412 -30.67 -74.84 -11.61
C ALA D 412 -30.34 -73.39 -11.94
N VAL D 413 -29.29 -73.16 -12.72
CA VAL D 413 -28.89 -71.81 -13.10
C VAL D 413 -29.00 -71.64 -14.61
N GLN D 414 -29.98 -72.31 -15.22
CA GLN D 414 -30.14 -72.19 -16.67
C GLN D 414 -30.62 -70.79 -17.07
N ALA D 415 -31.35 -70.11 -16.19
CA ALA D 415 -31.77 -68.74 -16.49
C ALA D 415 -30.59 -67.79 -16.52
N VAL D 416 -29.52 -68.12 -15.78
CA VAL D 416 -28.33 -67.27 -15.78
C VAL D 416 -27.56 -67.45 -17.09
N ALA D 417 -27.45 -68.68 -17.58
CA ALA D 417 -26.76 -68.91 -18.84
C ALA D 417 -27.52 -68.31 -20.01
N LYS D 418 -28.85 -68.39 -19.99
CA LYS D 418 -29.64 -67.77 -21.05
C LYS D 418 -29.52 -66.25 -21.00
N ALA D 419 -29.41 -65.69 -19.79
CA ALA D 419 -29.21 -64.25 -19.67
C ALA D 419 -27.86 -63.83 -20.23
N SER D 420 -26.82 -64.63 -19.95
CA SER D 420 -25.49 -64.33 -20.48
C SER D 420 -25.50 -64.31 -22.01
N ILE D 421 -26.30 -65.19 -22.63
CA ILE D 421 -26.46 -65.16 -24.07
C ILE D 421 -27.24 -63.91 -24.49
N ASP D 422 -28.40 -63.68 -23.85
CA ASP D 422 -29.26 -62.57 -24.25
C ASP D 422 -28.61 -61.23 -23.94
N GLN D 423 -27.91 -61.11 -22.81
CA GLN D 423 -27.28 -59.84 -22.48
C GLN D 423 -26.05 -59.58 -23.35
N SER D 424 -25.36 -60.63 -23.78
CA SER D 424 -24.28 -60.45 -24.74
C SER D 424 -24.80 -59.84 -26.04
N ARG D 425 -25.96 -60.32 -26.51
CA ARG D 425 -26.59 -59.72 -27.68
C ARG D 425 -27.15 -58.34 -27.37
N GLU D 426 -27.54 -58.11 -26.11
CA GLU D 426 -28.06 -56.79 -25.73
C GLU D 426 -26.98 -55.73 -25.81
N MET D 427 -25.73 -56.09 -25.49
CA MET D 427 -24.60 -55.18 -25.56
C MET D 427 -23.90 -55.21 -26.91
N LYS D 428 -24.46 -55.92 -27.89
CA LYS D 428 -23.94 -55.96 -29.26
C LYS D 428 -22.50 -56.48 -29.32
N TYR D 429 -22.28 -57.64 -28.73
CA TYR D 429 -20.98 -58.29 -28.85
C TYR D 429 -20.71 -58.69 -30.29
N GLN D 430 -19.44 -58.63 -30.68
CA GLN D 430 -19.02 -59.16 -31.97
C GLN D 430 -18.91 -60.68 -31.89
N SER D 431 -18.58 -61.30 -33.02
CA SER D 431 -18.59 -62.75 -33.11
C SER D 431 -17.40 -63.35 -32.35
N LEU D 432 -17.41 -64.67 -32.24
CA LEU D 432 -16.30 -65.39 -31.61
C LEU D 432 -15.00 -65.17 -32.36
N ASN D 433 -15.04 -65.22 -33.70
CA ASN D 433 -13.82 -65.15 -34.48
C ASN D 433 -13.26 -63.73 -34.56
N GLU D 434 -14.09 -62.70 -34.42
CA GLU D 434 -13.56 -61.35 -34.28
C GLU D 434 -12.76 -61.22 -32.99
N TYR D 435 -13.25 -61.84 -31.91
CA TYR D 435 -12.54 -61.78 -30.63
C TYR D 435 -11.29 -62.65 -30.64
N ARG D 436 -11.31 -63.75 -31.40
CA ARG D 436 -10.09 -64.55 -31.52
C ARG D 436 -9.02 -63.80 -32.29
N LYS D 437 -9.40 -63.10 -33.37
CA LYS D 437 -8.44 -62.26 -34.08
C LYS D 437 -7.93 -61.14 -33.20
N ARG D 438 -8.82 -60.52 -32.42
CA ARG D 438 -8.42 -59.43 -31.53
C ARG D 438 -7.33 -59.86 -30.56
N PHE D 439 -7.31 -61.14 -30.16
CA PHE D 439 -6.30 -61.67 -29.27
C PHE D 439 -5.30 -62.58 -29.99
N SER D 440 -5.04 -62.29 -31.27
CA SER D 440 -4.00 -62.95 -32.05
C SER D 440 -4.23 -64.46 -32.17
N LEU D 441 -5.48 -64.90 -32.12
CA LEU D 441 -5.82 -66.30 -32.29
C LEU D 441 -6.29 -66.54 -33.71
N LYS D 442 -6.07 -67.76 -34.19
CA LYS D 442 -6.53 -68.12 -35.52
C LYS D 442 -8.04 -68.35 -35.49
N PRO D 443 -8.80 -67.71 -36.39
CA PRO D 443 -10.25 -67.90 -36.39
C PRO D 443 -10.61 -69.34 -36.75
N TYR D 444 -11.66 -69.84 -36.10
CA TYR D 444 -12.14 -71.18 -36.40
C TYR D 444 -12.76 -71.21 -37.79
N THR D 445 -12.46 -72.28 -38.54
CA THR D 445 -12.96 -72.43 -39.89
C THR D 445 -14.25 -73.24 -39.96
N SER D 446 -14.58 -73.98 -38.91
CA SER D 446 -15.80 -74.78 -38.90
C SER D 446 -16.17 -75.06 -37.45
N PHE D 447 -17.41 -75.49 -37.25
CA PHE D 447 -17.89 -75.78 -35.89
C PHE D 447 -17.22 -77.00 -35.30
N GLU D 448 -16.81 -77.95 -36.15
CA GLU D 448 -16.17 -79.16 -35.64
C GLU D 448 -14.79 -78.85 -35.06
N GLU D 449 -14.07 -77.90 -35.67
CA GLU D 449 -12.79 -77.48 -35.12
C GLU D 449 -12.96 -76.81 -33.77
N LEU D 450 -14.06 -76.09 -33.58
CA LEU D 450 -14.32 -75.43 -32.31
C LEU D 450 -14.63 -76.44 -31.21
N THR D 451 -15.62 -77.30 -31.44
CA THR D 451 -16.06 -78.24 -30.41
C THR D 451 -15.16 -79.46 -30.31
N GLY D 452 -14.44 -79.81 -31.36
CA GLY D 452 -13.63 -81.01 -31.35
C GLY D 452 -14.40 -82.30 -31.36
N GLU D 453 -15.70 -82.26 -31.68
CA GLU D 453 -16.53 -83.46 -31.75
C GLU D 453 -17.48 -83.30 -32.92
N LYS D 454 -18.47 -84.20 -33.00
CA LYS D 454 -19.39 -84.25 -34.13
C LYS D 454 -20.79 -83.77 -33.80
N GLU D 455 -21.34 -84.18 -32.65
CA GLU D 455 -22.76 -83.95 -32.38
C GLU D 455 -23.04 -82.46 -32.14
N MET D 456 -22.40 -81.88 -31.13
CA MET D 456 -22.63 -80.46 -30.84
C MET D 456 -22.23 -79.58 -32.01
N ALA D 457 -21.19 -79.97 -32.75
CA ALA D 457 -20.80 -79.22 -33.95
C ALA D 457 -21.93 -79.21 -34.98
N ALA D 458 -22.45 -80.38 -35.32
CA ALA D 458 -23.63 -80.44 -36.20
C ALA D 458 -24.83 -79.74 -35.57
N GLU D 459 -24.93 -79.78 -34.24
CA GLU D 459 -25.97 -79.04 -33.55
C GLU D 459 -25.79 -77.53 -33.73
N LEU D 460 -24.55 -77.04 -33.55
CA LEU D 460 -24.30 -75.61 -33.65
C LEU D 460 -24.40 -75.11 -35.09
N LYS D 461 -23.99 -75.93 -36.06
CA LYS D 461 -24.06 -75.51 -37.46
C LYS D 461 -25.51 -75.43 -37.94
N ALA D 462 -26.39 -76.25 -37.39
CA ALA D 462 -27.80 -76.16 -37.76
C ALA D 462 -28.43 -74.86 -37.26
N LEU D 463 -27.92 -74.30 -36.17
CA LEU D 463 -28.48 -73.08 -35.59
C LEU D 463 -27.80 -71.82 -36.10
N TYR D 464 -26.47 -71.80 -36.18
CA TYR D 464 -25.73 -70.60 -36.56
C TYR D 464 -25.38 -70.52 -38.04
N SER D 465 -25.48 -71.63 -38.77
CA SER D 465 -25.20 -71.68 -40.21
C SER D 465 -23.74 -71.44 -40.55
N ASP D 466 -23.22 -70.27 -40.18
CA ASP D 466 -21.86 -69.86 -40.52
C ASP D 466 -21.04 -69.71 -39.25
N ILE D 467 -19.81 -70.26 -39.27
CA ILE D 467 -18.97 -70.24 -38.09
C ILE D 467 -18.54 -68.81 -37.73
N ASP D 468 -18.45 -67.93 -38.73
CA ASP D 468 -18.12 -66.53 -38.45
C ASP D 468 -19.24 -65.78 -37.75
N VAL D 469 -20.40 -66.42 -37.54
CA VAL D 469 -21.50 -65.81 -36.80
C VAL D 469 -21.63 -66.38 -35.39
N MET D 470 -20.73 -67.27 -34.99
CA MET D 470 -20.78 -67.88 -33.67
C MET D 470 -20.55 -66.84 -32.58
N GLU D 471 -21.32 -66.94 -31.50
CA GLU D 471 -21.24 -66.00 -30.39
C GLU D 471 -20.13 -66.40 -29.42
N LEU D 472 -19.60 -65.41 -28.72
CA LEU D 472 -18.42 -65.63 -27.87
C LEU D 472 -18.75 -66.51 -26.67
N TYR D 473 -19.79 -66.15 -25.92
CA TYR D 473 -20.05 -66.84 -24.66
C TYR D 473 -20.41 -68.31 -24.84
N PRO D 474 -21.37 -68.71 -25.69
CA PRO D 474 -21.62 -70.14 -25.85
C PRO D 474 -20.43 -70.90 -26.42
N ALA D 475 -19.62 -70.26 -27.26
CA ALA D 475 -18.44 -70.93 -27.80
C ALA D 475 -17.45 -71.30 -26.71
N LEU D 476 -17.31 -70.45 -25.70
CA LEU D 476 -16.39 -70.73 -24.60
C LEU D 476 -16.79 -72.00 -23.85
N LEU D 477 -18.08 -72.15 -23.58
CA LEU D 477 -18.54 -73.28 -22.79
C LEU D 477 -18.60 -74.58 -23.58
N VAL D 478 -18.58 -74.52 -24.91
CA VAL D 478 -18.63 -75.70 -25.76
C VAL D 478 -17.34 -75.90 -26.53
N GLU D 479 -16.32 -75.08 -26.27
CA GLU D 479 -15.06 -75.20 -26.99
C GLU D 479 -14.34 -76.49 -26.60
N LYS D 480 -13.62 -77.06 -27.56
CA LYS D 480 -12.80 -78.23 -27.29
C LYS D 480 -11.77 -77.89 -26.22
N PRO D 481 -11.78 -78.58 -25.09
CA PRO D 481 -10.80 -78.28 -24.04
C PRO D 481 -9.40 -78.70 -24.44
N ARG D 482 -8.42 -78.10 -23.78
CA ARG D 482 -7.06 -78.58 -23.84
C ARG D 482 -6.99 -79.99 -23.22
N PRO D 483 -5.95 -80.78 -23.54
CA PRO D 483 -5.89 -82.15 -23.03
C PRO D 483 -6.04 -82.25 -21.52
N ASP D 484 -7.11 -82.91 -21.07
CA ASP D 484 -7.42 -83.08 -19.65
C ASP D 484 -7.39 -81.73 -18.92
N ALA D 485 -7.98 -80.72 -19.56
CA ALA D 485 -8.02 -79.37 -19.01
C ALA D 485 -9.46 -78.92 -18.85
N ILE D 486 -9.62 -77.75 -18.23
CA ILE D 486 -10.93 -77.23 -17.86
C ILE D 486 -11.41 -76.22 -18.90
N PHE D 487 -10.47 -75.55 -19.55
CA PHE D 487 -10.77 -74.48 -20.50
C PHE D 487 -10.28 -74.85 -21.89
N GLY D 488 -10.81 -74.12 -22.88
CA GLY D 488 -10.29 -74.16 -24.23
C GLY D 488 -9.27 -73.06 -24.46
N GLU D 489 -8.87 -72.91 -25.73
CA GLU D 489 -7.88 -71.89 -26.06
C GLU D 489 -8.46 -70.49 -25.92
N THR D 490 -9.71 -70.29 -26.34
CA THR D 490 -10.29 -68.95 -26.30
C THR D 490 -10.45 -68.43 -24.88
N MET D 491 -10.80 -69.32 -23.95
CA MET D 491 -10.99 -68.90 -22.56
C MET D 491 -9.68 -68.40 -21.95
N VAL D 492 -8.58 -69.12 -22.19
CA VAL D 492 -7.30 -68.78 -21.57
C VAL D 492 -6.69 -67.55 -22.23
N GLU D 493 -6.69 -67.50 -23.57
CA GLU D 493 -5.97 -66.43 -24.26
C GLU D 493 -6.69 -65.09 -24.16
N LEU D 494 -8.01 -65.11 -24.00
CA LEU D 494 -8.77 -63.87 -23.84
C LEU D 494 -8.88 -63.42 -22.39
N GLY D 495 -8.75 -64.34 -21.43
CA GLY D 495 -8.95 -64.00 -20.04
C GLY D 495 -7.66 -63.73 -19.28
N ALA D 496 -6.57 -64.37 -19.69
CA ALA D 496 -5.29 -64.13 -19.03
C ALA D 496 -4.85 -62.67 -19.10
N PRO D 497 -4.94 -61.98 -20.24
CA PRO D 497 -4.53 -60.56 -20.24
C PRO D 497 -5.41 -59.68 -19.37
N PHE D 498 -6.73 -59.94 -19.34
CA PHE D 498 -7.61 -59.18 -18.45
C PHE D 498 -7.27 -59.44 -16.98
N SER D 499 -7.13 -60.72 -16.62
CA SER D 499 -6.79 -61.07 -15.25
C SER D 499 -5.42 -60.53 -14.86
N LEU D 500 -4.48 -60.52 -15.81
CA LEU D 500 -3.15 -59.98 -15.55
C LEU D 500 -3.20 -58.48 -15.28
N LYS D 501 -3.99 -57.74 -16.06
CA LYS D 501 -4.08 -56.31 -15.88
C LYS D 501 -4.80 -55.94 -14.59
N GLY D 502 -5.77 -56.76 -14.17
CA GLY D 502 -6.46 -56.50 -12.92
C GLY D 502 -5.67 -56.82 -11.67
N LEU D 503 -4.67 -57.70 -11.77
CA LEU D 503 -3.86 -58.10 -10.63
C LEU D 503 -2.62 -57.22 -10.48
N MET D 504 -1.83 -57.08 -11.55
CA MET D 504 -0.60 -56.31 -11.47
C MET D 504 -0.84 -54.81 -11.62
N GLY D 505 -1.92 -54.41 -12.30
CA GLY D 505 -2.25 -53.01 -12.43
C GLY D 505 -2.68 -52.32 -11.15
N ASN D 506 -2.78 -53.06 -10.06
CA ASN D 506 -3.15 -52.47 -8.78
C ASN D 506 -2.08 -51.47 -8.36
N PRO D 507 -2.46 -50.36 -7.71
CA PRO D 507 -1.45 -49.38 -7.27
C PRO D 507 -0.41 -49.96 -6.33
N ILE D 508 -0.77 -50.92 -5.49
CA ILE D 508 0.18 -51.50 -4.54
C ILE D 508 1.34 -52.20 -5.23
N CYS D 509 1.24 -52.44 -6.54
CA CYS D 509 2.33 -53.03 -7.31
C CYS D 509 3.28 -51.99 -7.91
N SER D 510 2.90 -50.71 -7.91
CA SER D 510 3.78 -49.67 -8.41
C SER D 510 4.95 -49.46 -7.44
N PRO D 511 6.11 -49.04 -7.94
CA PRO D 511 7.30 -48.97 -7.08
C PRO D 511 7.19 -47.99 -5.92
N GLN D 512 6.27 -47.02 -5.98
CA GLN D 512 6.07 -46.14 -4.84
C GLN D 512 5.31 -46.81 -3.70
N TYR D 513 4.59 -47.90 -3.99
CA TYR D 513 3.83 -48.63 -2.98
C TYR D 513 4.51 -49.92 -2.54
N TRP D 514 5.24 -50.59 -3.42
CA TRP D 514 5.79 -51.91 -3.13
C TRP D 514 7.08 -51.76 -2.34
N LYS D 515 6.93 -51.51 -1.03
CA LYS D 515 8.05 -51.36 -0.13
C LYS D 515 7.59 -51.66 1.28
N PRO D 516 8.49 -52.04 2.19
CA PRO D 516 8.06 -52.50 3.52
C PRO D 516 7.29 -51.45 4.33
N SER D 517 7.60 -50.17 4.19
CA SER D 517 6.93 -49.16 5.00
C SER D 517 5.44 -49.05 4.69
N THR D 518 5.05 -49.40 3.46
CA THR D 518 3.64 -49.34 3.09
C THR D 518 2.80 -50.29 3.94
N PHE D 519 3.39 -51.37 4.43
CA PHE D 519 2.66 -52.42 5.13
C PHE D 519 3.13 -52.58 6.57
N GLY D 520 3.55 -51.48 7.20
CA GLY D 520 3.94 -51.52 8.59
C GLY D 520 5.29 -52.14 8.87
N GLY D 521 6.17 -52.21 7.88
CA GLY D 521 7.49 -52.80 8.05
C GLY D 521 7.59 -54.16 7.39
N GLU D 522 8.70 -54.84 7.71
CA GLU D 522 8.97 -56.15 7.12
C GLU D 522 8.01 -57.22 7.60
N VAL D 523 7.35 -57.02 8.73
CA VAL D 523 6.42 -58.03 9.24
C VAL D 523 5.17 -58.08 8.38
N GLY D 524 4.61 -56.91 8.04
CA GLY D 524 3.47 -56.89 7.13
C GLY D 524 3.85 -57.22 5.70
N PHE D 525 5.08 -56.89 5.30
CA PHE D 525 5.58 -57.28 3.98
C PHE D 525 5.68 -58.80 3.87
N LYS D 526 6.10 -59.45 4.95
CA LYS D 526 6.22 -60.91 4.96
C LYS D 526 4.86 -61.59 4.84
N ILE D 527 3.81 -60.98 5.41
CA ILE D 527 2.48 -61.56 5.33
C ILE D 527 1.99 -61.60 3.90
N ILE D 528 2.36 -60.62 3.09
CA ILE D 528 1.97 -60.62 1.68
C ILE D 528 2.81 -61.64 0.89
N ASN D 529 4.11 -61.69 1.15
CA ASN D 529 5.01 -62.50 0.35
C ASN D 529 5.04 -63.97 0.75
N THR D 530 4.37 -64.36 1.84
CA THR D 530 4.23 -65.76 2.20
C THR D 530 2.76 -66.17 2.27
N ALA D 531 1.88 -65.43 1.60
CA ALA D 531 0.47 -65.76 1.61
C ALA D 531 0.18 -66.97 0.73
N SER D 532 -0.86 -67.71 1.11
CA SER D 532 -1.28 -68.90 0.38
C SER D 532 -2.68 -69.27 0.85
N ILE D 533 -3.43 -69.94 -0.03
CA ILE D 533 -4.75 -70.43 0.37
C ILE D 533 -4.62 -71.43 1.52
N GLN D 534 -3.48 -72.11 1.60
CA GLN D 534 -3.25 -73.03 2.71
C GLN D 534 -3.08 -72.28 4.02
N SER D 535 -2.16 -71.32 4.06
CA SER D 535 -1.94 -70.56 5.30
C SER D 535 -3.13 -69.68 5.63
N LEU D 536 -3.84 -69.17 4.62
CA LEU D 536 -5.04 -68.38 4.87
C LEU D 536 -6.07 -69.19 5.64
N ILE D 537 -6.27 -70.46 5.26
CA ILE D 537 -7.19 -71.31 6.00
C ILE D 537 -6.59 -71.72 7.33
N CYS D 538 -5.30 -72.07 7.33
CA CYS D 538 -4.67 -72.58 8.55
C CYS D 538 -4.65 -71.54 9.67
N ASN D 539 -4.53 -70.26 9.32
CA ASN D 539 -4.49 -69.22 10.33
C ASN D 539 -5.86 -68.92 10.93
N ASN D 540 -6.93 -69.09 10.14
CA ASN D 540 -8.25 -68.59 10.53
C ASN D 540 -9.32 -69.66 10.68
N VAL D 541 -9.04 -70.91 10.34
CA VAL D 541 -10.00 -72.00 10.48
C VAL D 541 -9.52 -72.91 11.61
N LYS D 542 -10.43 -73.26 12.52
CA LYS D 542 -10.06 -74.04 13.70
C LYS D 542 -9.54 -75.41 13.29
N GLY D 543 -8.49 -75.84 13.99
CA GLY D 543 -7.85 -77.13 13.70
C GLY D 543 -6.89 -77.12 12.56
N CYS D 544 -6.73 -76.00 11.84
CA CYS D 544 -5.90 -75.89 10.65
C CYS D 544 -6.14 -77.07 9.72
N PRO D 545 -7.27 -77.12 9.04
CA PRO D 545 -7.49 -78.21 8.08
C PRO D 545 -6.69 -77.99 6.81
N PHE D 546 -6.22 -79.10 6.24
CA PHE D 546 -5.56 -79.04 4.93
C PHE D 546 -6.56 -78.58 3.88
N THR D 547 -6.12 -77.69 2.99
CA THR D 547 -6.96 -77.25 1.89
C THR D 547 -6.10 -77.08 0.65
N SER D 548 -6.78 -76.93 -0.48
CA SER D 548 -6.16 -76.79 -1.79
C SER D 548 -7.24 -76.43 -2.79
N PHE D 549 -6.83 -76.16 -4.02
CA PHE D 549 -7.75 -75.97 -5.13
C PHE D 549 -7.87 -77.23 -5.99
N ASN D 550 -7.19 -78.31 -5.62
N ASN D 550 -7.22 -78.32 -5.60
CA ASN D 550 -7.20 -79.55 -6.39
CA ASN D 550 -7.17 -79.55 -6.38
C ASN D 550 -7.56 -80.70 -5.46
C ASN D 550 -7.51 -80.74 -5.48
N VAL D 551 -8.35 -81.63 -5.97
CA VAL D 551 -8.73 -82.81 -5.21
C VAL D 551 -7.56 -83.78 -5.18
N GLN D 552 -7.24 -84.27 -3.98
CA GLN D 552 -6.10 -85.16 -3.80
C GLN D 552 -6.51 -86.63 -3.95
C1 NAG E . 18.77 33.16 14.69
C2 NAG E . 20.04 33.95 14.37
C3 NAG E . 21.03 33.07 13.61
C4 NAG E . 21.30 31.78 14.38
C5 NAG E . 19.98 31.08 14.70
C6 NAG E . 20.15 29.85 15.57
C7 NAG E . 19.91 36.38 14.07
C8 NAG E . 19.53 37.49 13.13
N2 NAG E . 19.73 35.15 13.60
O3 NAG E . 22.25 33.77 13.41
O4 NAG E . 22.11 30.91 13.60
O5 NAG E . 19.12 31.97 15.42
O6 NAG E . 20.07 30.19 16.96
O7 NAG E . 20.36 36.59 15.18
C1 NAG E . 23.37 30.67 14.25
C2 NAG E . 23.99 29.40 13.69
C3 NAG E . 25.37 29.16 14.32
C4 NAG E . 26.25 30.39 14.19
C5 NAG E . 25.52 31.61 14.75
C6 NAG E . 26.29 32.90 14.56
C7 NAG E . 22.13 27.91 13.09
C8 NAG E . 21.34 26.69 13.47
N2 NAG E . 23.13 28.25 13.91
O3 NAG E . 26.00 28.05 13.67
O4 NAG E . 27.47 30.21 14.90
O5 NAG E . 24.26 31.78 14.07
O6 NAG E . 25.55 34.02 15.02
O7 NAG E . 21.88 28.56 12.08
C1 NAG F . 17.57 48.60 2.03
C2 NAG F . 18.23 47.30 1.59
C3 NAG F . 19.73 47.52 1.34
C4 NAG F . 19.97 48.70 0.41
C5 NAG F . 19.21 49.93 0.91
C6 NAG F . 19.29 51.11 -0.04
C7 NAG F . 17.47 45.07 2.30
C8 NAG F . 17.35 44.12 3.45
N2 NAG F . 18.03 46.26 2.58
O3 NAG F . 20.30 46.34 0.78
O4 NAG F . 21.36 49.00 0.38
O5 NAG F . 17.82 49.62 1.07
O6 NAG F . 18.39 50.95 -1.13
O7 NAG F . 17.09 44.78 1.17
C1 NAG F . 21.90 49.00 -0.96
C2 NAG F . 23.14 49.90 -0.94
C3 NAG F . 23.84 49.88 -2.29
C4 NAG F . 24.11 48.46 -2.75
C5 NAG F . 22.82 47.65 -2.72
C6 NAG F . 23.01 46.20 -3.09
C7 NAG F . 22.92 51.74 0.67
C8 NAG F . 22.50 53.16 0.88
N2 NAG F . 22.79 51.25 -0.57
O3 NAG F . 25.07 50.60 -2.20
O4 NAG F . 24.65 48.45 -4.07
O5 NAG F . 22.26 47.69 -1.40
O6 NAG F . 21.77 45.57 -3.37
O7 NAG F . 23.35 51.05 1.59
C1 NAG G . -13.95 -39.03 0.39
C2 NAG G . -15.29 -39.74 0.44
C3 NAG G . -16.37 -38.78 0.96
C4 NAG G . -15.95 -38.17 2.29
C5 NAG G . -14.58 -37.52 2.14
C6 NAG G . -14.02 -36.99 3.45
C7 NAG G . -15.98 -41.54 -1.08
C8 NAG G . -16.33 -41.89 -2.49
N2 NAG G . -15.66 -40.26 -0.86
O3 NAG G . -17.60 -39.49 1.11
O4 NAG G . -16.89 -37.17 2.68
O5 NAG G . -13.63 -38.50 1.68
O6 NAG G . -13.69 -38.05 4.34
O7 NAG G . -15.98 -42.37 -0.18
C1 NAG G . -17.40 -37.47 4.00
C2 NAG G . -17.72 -36.14 4.69
C3 NAG G . -18.35 -36.38 6.05
C4 NAG G . -19.56 -37.31 5.92
C5 NAG G . -19.12 -38.60 5.23
C6 NAG G . -20.27 -39.56 5.00
C7 NAG G . -16.37 -34.18 4.11
C8 NAG G . -15.09 -33.43 4.36
N2 NAG G . -16.54 -35.31 4.81
O3 NAG G . -18.77 -35.14 6.60
O4 NAG G . -20.10 -37.60 7.20
O5 NAG G . -18.58 -38.28 3.94
O6 NAG G . -19.81 -40.81 4.54
O7 NAG G . -17.21 -33.80 3.30
C1 NAG H . -22.56 -42.35 -17.29
C2 NAG H . -23.00 -41.15 -16.45
C3 NAG H . -24.46 -41.30 -16.03
C4 NAG H . -25.35 -41.61 -17.23
C5 NAG H . -24.80 -42.79 -18.01
C6 NAG H . -25.54 -43.06 -19.30
C7 NAG H . -21.45 -39.87 -15.04
C8 NAG H . -20.63 -39.87 -13.79
N2 NAG H . -22.15 -40.98 -15.29
O3 NAG H . -24.90 -40.11 -15.40
O4 NAG H . -26.67 -41.94 -16.78
O5 NAG H . -23.43 -42.54 -18.39
O6 NAG H . -25.58 -41.89 -20.11
O7 NAG H . -21.49 -38.90 -15.80
C1 NAG H . -27.67 -41.06 -17.35
C2 NAG H . -29.06 -41.69 -17.13
C3 NAG H . -30.15 -40.75 -17.62
C4 NAG H . -29.99 -39.36 -17.03
C5 NAG H . -28.58 -38.84 -17.30
C6 NAG H . -28.31 -37.49 -16.68
C7 NAG H . -28.64 -44.10 -17.30
C8 NAG H . -28.83 -45.34 -18.11
N2 NAG H . -29.15 -42.98 -17.79
O3 NAG H . -31.42 -41.28 -17.27
O4 NAG H . -30.94 -38.47 -17.59
O5 NAG H . -27.62 -39.75 -16.76
O6 NAG H . -27.13 -37.52 -15.89
O7 NAG H . -28.03 -44.12 -16.23
CHA HEM I . 6.69 20.85 0.47
CHB HEM I . 6.50 18.20 -3.57
CHC HEM I . 2.29 20.29 -4.72
CHD HEM I . 2.10 22.20 -0.25
C1A HEM I . 7.06 20.05 -0.57
C2A HEM I . 8.39 19.54 -0.83
C3A HEM I . 8.34 18.81 -1.95
C4A HEM I . 6.99 18.83 -2.45
CMA HEM I . 9.54 18.08 -2.60
CAA HEM I . 9.63 19.81 0.04
CBA HEM I . 10.05 18.61 0.88
CGA HEM I . 11.12 19.06 1.84
O1A HEM I . 12.12 19.67 1.36
O2A HEM I . 11.00 18.79 3.06
C1B HEM I . 5.42 18.63 -4.31
C2B HEM I . 5.19 18.41 -5.72
C3B HEM I . 4.04 18.99 -6.05
C4B HEM I . 3.48 19.59 -4.85
CMB HEM I . 6.13 17.65 -6.69
CAB HEM I . 3.45 18.96 -7.49
CBB HEM I . 2.38 19.67 -7.85
C1C HEM I . 1.83 20.94 -3.58
C2C HEM I . 0.53 21.52 -3.40
C3C HEM I . 0.45 22.06 -2.19
C4C HEM I . 1.73 21.83 -1.52
CMC HEM I . -0.61 21.54 -4.46
CAC HEM I . -0.80 22.78 -1.63
CBC HEM I . -0.80 23.44 -0.46
C1D HEM I . 3.37 22.12 0.27
C2D HEM I . 3.90 22.90 1.38
C3D HEM I . 5.17 22.53 1.58
C4D HEM I . 5.49 21.50 0.61
CMD HEM I . 3.14 23.97 2.18
CAD HEM I . 6.12 23.11 2.64
CBD HEM I . 6.93 24.24 2.01
CGD HEM I . 8.21 24.45 2.76
O1D HEM I . 8.34 23.97 3.91
O2D HEM I . 9.13 25.10 2.20
NA HEM I . 6.23 19.60 -1.59
NB HEM I . 4.36 19.35 -3.82
NC HEM I . 2.53 21.14 -2.41
ND HEM I . 4.37 21.27 -0.17
FE HEM I . 4.35 20.31 -1.99
C1 NAG J . -4.10 19.24 37.87
C2 NAG J . -2.84 18.37 37.97
C3 NAG J . -3.10 17.17 38.89
C4 NAG J . -3.72 17.60 40.21
C5 NAG J . -4.91 18.52 39.97
C6 NAG J . -5.49 19.08 41.25
C7 NAG J . -1.21 17.40 36.40
C8 NAG J . -0.96 17.01 34.98
N2 NAG J . -2.42 17.92 36.65
O3 NAG J . -1.89 16.48 39.13
O4 NAG J . -4.14 16.46 40.94
O5 NAG J . -4.51 19.63 39.17
O6 NAG J . -6.63 19.90 40.97
O7 NAG J . -0.37 17.26 37.27
C1 NAG K . 8.33 16.95 -21.49
C2 NAG K . 8.76 15.50 -21.67
C3 NAG K . 8.72 15.11 -23.15
C4 NAG K . 7.34 15.41 -23.73
C5 NAG K . 6.98 16.88 -23.48
C6 NAG K . 5.59 17.23 -23.94
C7 NAG K . 10.34 14.44 -20.12
C8 NAG K . 11.77 14.33 -19.68
N2 NAG K . 10.09 15.28 -21.12
O3 NAG K . 9.01 13.73 -23.28
O4 NAG K . 7.33 15.16 -25.13
O5 NAG K . 7.04 17.15 -22.06
O6 NAG K . 5.53 18.56 -24.43
O7 NAG K . 9.44 13.80 -19.57
C1 BOG L . -2.34 -2.46 5.00
O1 BOG L . -1.19 -1.72 5.03
C2 BOG L . -3.20 -2.06 6.19
O2 BOG L . -2.59 -2.56 7.39
C3 BOG L . -4.58 -2.60 6.11
O3 BOG L . -5.38 -2.03 7.20
C4 BOG L . -5.22 -2.25 4.81
O4 BOG L . -6.53 -2.83 4.76
C5 BOG L . -4.39 -2.76 3.64
O5 BOG L . -3.02 -2.21 3.68
C6 BOG L . -5.05 -2.34 2.34
O6 BOG L . -5.17 -0.93 2.32
C1' BOG L . -0.02 -2.46 4.66
C2' BOG L . 0.91 -1.55 3.80
C3' BOG L . 0.86 -2.01 2.33
C4' BOG L . 0.23 -0.88 1.44
C5' BOG L . 1.33 0.14 1.04
C6' BOG L . 1.04 0.69 -0.36
C7' BOG L . -0.41 1.28 -0.40
C8' BOG L . -0.54 2.18 -1.63
C01 Y8A M . -11.57 31.74 7.98
C02 Y8A M . -10.68 32.82 7.89
C03 Y8A M . -9.58 32.74 7.04
C04 Y8A M . -9.35 31.59 6.29
C05 Y8A M . -10.25 30.49 6.38
C06 Y8A M . -11.35 30.57 7.22
C08 Y8A M . -11.34 28.55 6.18
C09 Y8A M . -12.05 29.31 7.08
C10 Y8A M . -11.87 27.15 5.85
C12 Y8A M . -14.10 27.76 6.86
C13 Y8A M . -13.34 28.78 7.75
C14 Y8A M . -11.17 26.18 4.90
C15 Y8A M . -9.23 28.91 4.81
C16 Y8A M . -8.13 28.02 5.37
C17 Y8A M . -6.88 28.03 4.78
C18 Y8A M . -5.86 27.24 5.26
C19 Y8A M . -6.09 26.41 6.34
C20 Y8A M . -7.33 26.37 6.94
C21 Y8A M . -8.35 27.18 6.46
C24 Y8A M . -11.86 34.83 8.08
N07 Y8A M . -10.26 29.28 5.77
N11 Y8A M . -13.21 26.78 6.25
O23 Y8A M . -10.91 33.97 8.65
CL22 Y8A M . -4.78 25.37 6.96
C01 Y8A N . 4.87 61.43 27.07
C02 Y8A N . 5.03 60.09 26.72
C03 Y8A N . 6.30 59.54 26.56
C04 Y8A N . 7.43 60.35 26.73
C05 Y8A N . 7.27 61.72 27.09
C06 Y8A N . 6.01 62.24 27.25
C08 Y8A N . 7.56 63.86 27.63
C09 Y8A N . 6.21 63.64 27.60
C10 Y8A N . 8.04 65.26 27.98
C12 Y8A N . 5.74 65.91 28.83
C13 Y8A N . 5.20 64.77 27.91
C14 Y8A N . 9.37 65.85 27.55
C15 Y8A N . 9.62 62.44 27.22
C16 Y8A N . 10.29 62.88 25.92
C17 Y8A N . 11.55 62.39 25.61
C18 Y8A N . 12.18 62.79 24.45
C19 Y8A N . 11.55 63.65 23.58
C20 Y8A N . 10.28 64.14 23.88
C21 Y8A N . 9.65 63.75 25.04
C24 Y8A N . 3.56 58.53 27.68
N07 Y8A N . 8.19 62.69 27.30
N11 Y8A N . 7.19 66.12 28.77
O23 Y8A N . 3.89 59.28 26.55
CL22 Y8A N . 12.36 64.14 22.08
CHA HEM O . 25.54 62.08 17.99
CHB HEM O . 29.36 63.60 20.56
CHC HEM O . 26.72 63.35 24.59
CHD HEM O . 22.71 62.71 21.89
C1A HEM O . 26.83 62.36 18.36
C2A HEM O . 28.04 62.09 17.59
C3A HEM O . 29.09 62.51 18.30
C4A HEM O . 28.60 63.06 19.55
CMA HEM O . 30.57 62.43 17.86
CAA HEM O . 28.11 61.43 16.19
CBA HEM O . 27.43 62.30 15.15
CGA HEM O . 27.42 61.53 13.85
O1A HEM O . 27.76 60.32 13.88
O2A HEM O . 27.08 62.13 12.79
C1B HEM O . 29.02 63.55 21.89
C2B HEM O . 29.93 63.59 23.01
C3B HEM O . 29.21 63.52 24.14
C4B HEM O . 27.81 63.43 23.76
CMB HEM O . 31.47 63.70 22.93
CAB HEM O . 29.84 63.53 25.55
CBB HEM O . 29.13 63.35 26.68
C1C HEM O . 25.39 63.24 24.21
C2C HEM O . 24.24 63.40 25.07
C3C HEM O . 23.13 63.23 24.35
C4C HEM O . 23.53 62.96 22.98
CMC HEM O . 24.30 63.71 26.59
CAC HEM O . 21.70 63.32 24.95
CBC HEM O . 20.59 63.00 24.27
C1D HEM O . 23.14 62.34 20.63
C2D HEM O . 22.37 61.63 19.62
C3D HEM O . 23.14 61.45 18.56
C4D HEM O . 24.44 62.04 18.84
CMD HEM O . 20.91 61.16 19.77
CAD HEM O . 22.74 60.74 17.24
CBD HEM O . 23.56 59.46 17.12
CGD HEM O . 23.15 58.68 15.90
O1D HEM O . 22.15 59.07 15.24
O2D HEM O . 23.82 57.66 15.59
NA HEM O . 27.22 62.95 19.55
NB HEM O . 27.74 63.45 22.37
NC HEM O . 24.92 62.97 22.94
ND HEM O . 24.40 62.56 20.11
FE HEM O . 26.09 62.86 21.29
C1 NAG P . -5.91 74.80 -1.81
C2 NAG P . -5.16 75.00 -3.13
C3 NAG P . -5.40 76.41 -3.67
C4 NAG P . -6.90 76.68 -3.77
C5 NAG P . -7.57 76.41 -2.43
C6 NAG P . -9.08 76.56 -2.48
C7 NAG P . -2.90 75.43 -2.21
C8 NAG P . -1.47 74.99 -2.22
N2 NAG P . -3.73 74.73 -3.00
O3 NAG P . -4.79 76.54 -4.95
O4 NAG P . -7.12 78.04 -4.14
O5 NAG P . -7.30 75.07 -2.00
O6 NAG P . -9.72 75.62 -1.63
O7 NAG P . -3.28 76.36 -1.50
C1 NAG Q . 43.13 60.64 31.34
C2 NAG Q . 44.11 61.75 30.98
C3 NAG Q . 45.29 61.76 31.95
C4 NAG Q . 44.78 61.83 33.39
C5 NAG Q . 43.78 60.70 33.64
C6 NAG Q . 43.15 60.76 35.02
C7 NAG Q . 44.38 62.52 28.66
C8 NAG Q . 44.94 62.20 27.31
N2 NAG Q . 44.59 61.61 29.61
O3 NAG Q . 46.11 62.88 31.69
O4 NAG Q . 45.87 61.71 34.31
O5 NAG Q . 42.71 60.79 32.69
O6 NAG Q . 42.57 59.53 35.39
O7 NAG Q . 43.75 63.55 28.87
C01 Y8A R . 8.48 -28.02 -17.98
C02 Y8A R . 7.46 -28.95 -18.22
C03 Y8A R . 6.12 -28.56 -18.09
C04 Y8A R . 5.81 -27.26 -17.75
C05 Y8A R . 6.84 -26.32 -17.50
C06 Y8A R . 8.14 -26.69 -17.63
C08 Y8A R . 8.05 -24.50 -17.03
C09 Y8A R . 8.93 -25.52 -17.32
C10 Y8A R . 8.61 -23.13 -16.68
C12 Y8A R . 10.88 -23.82 -17.46
C13 Y8A R . 10.47 -25.30 -17.27
C14 Y8A R . 7.79 -22.00 -16.05
C15 Y8A R . 5.51 -24.32 -16.96
C16 Y8A R . 5.11 -24.17 -15.49
C17 Y8A R . 3.80 -23.82 -15.20
C18 Y8A R . 3.41 -23.68 -13.87
C19 Y8A R . 4.32 -23.88 -12.86
C20 Y8A R . 5.64 -24.22 -13.15
C21 Y8A R . 6.03 -24.37 -14.48
C24 Y8A R . 7.71 -30.52 -19.95
N07 Y8A R . 6.78 -25.01 -17.15
N11 Y8A R . 10.02 -22.92 -16.70
O23 Y8A R . 7.78 -30.26 -18.57
CL22 Y8A R . 3.83 -23.70 -11.16
CHA HEM S . -8.60 -18.48 -6.38
CHB HEM S . -10.00 -13.92 -7.23
CHC HEM S . -7.28 -13.86 -11.26
CHD HEM S . -5.19 -18.00 -9.80
C1A HEM S . -9.28 -17.30 -6.31
C2A HEM S . -10.41 -16.99 -5.45
C3A HEM S . -10.79 -15.74 -5.67
C4A HEM S . -9.93 -15.19 -6.71
CMA HEM S . -11.95 -15.01 -4.97
CAA HEM S . -11.04 -17.96 -4.42
CBA HEM S . -10.10 -18.14 -3.23
CGA HEM S . -10.82 -18.92 -2.17
O1A HEM S . -11.90 -19.50 -2.48
O2A HEM S . -10.32 -18.99 -1.01
C1B HEM S . -9.48 -13.54 -8.45
C2B HEM S . -9.89 -12.41 -9.25
C3B HEM S . -9.15 -12.37 -10.37
C4B HEM S . -8.23 -13.50 -10.32
CMB HEM S . -11.00 -11.39 -8.88
CAB HEM S . -9.31 -11.30 -11.46
CBB HEM S . -8.68 -11.34 -12.64
C1C HEM S . -6.45 -14.95 -11.20
C2C HEM S . -5.39 -15.27 -12.14
C3C HEM S . -4.80 -16.40 -11.75
C4C HEM S . -5.46 -16.87 -10.54
CMC HEM S . -5.00 -14.43 -13.37
CAC HEM S . -3.62 -17.05 -12.52
CBC HEM S . -3.08 -18.23 -12.19
C1D HEM S . -6.00 -18.55 -8.83
C2D HEM S . -6.00 -19.93 -8.38
C3D HEM S . -6.94 -20.07 -7.44
C4D HEM S . -7.58 -18.78 -7.27
CMD HEM S . -5.07 -21.05 -8.91
CAD HEM S . -7.29 -21.38 -6.68
CBD HEM S . -8.69 -21.81 -7.12
CGD HEM S . -9.16 -23.01 -6.35
O1D HEM S . -8.37 -23.60 -5.57
O2D HEM S . -10.36 -23.40 -6.52
NA HEM S . -9.02 -16.16 -7.07
NB HEM S . -8.46 -14.18 -9.14
NC HEM S . -6.46 -15.95 -10.25
ND HEM S . -6.98 -17.89 -8.13
FE HEM S . -7.76 -16.06 -8.70
C1 NAG T . 19.93 -38.83 11.63
C2 NAG T . 19.03 -38.91 12.86
C3 NAG T . 19.82 -38.54 14.12
C4 NAG T . 21.07 -39.41 14.24
C5 NAG T . 21.88 -39.35 12.94
C6 NAG T . 23.04 -40.31 12.93
C7 NAG T . 17.86 -36.73 12.67
C8 NAG T . 16.52 -36.06 12.54
N2 NAG T . 17.84 -38.06 12.73
O3 NAG T . 18.99 -38.71 15.27
O4 NAG T . 21.88 -38.94 15.31
O5 NAG T . 21.05 -39.70 11.81
O6 NAG T . 23.08 -41.07 11.74
O7 NAG T . 18.90 -36.07 12.70
C1 NAG U . -20.01 -2.07 -15.73
C2 NAG U . -20.12 -0.95 -14.70
C3 NAG U . -20.79 0.28 -15.31
C4 NAG U . -20.07 0.69 -16.59
C5 NAG U . -19.98 -0.50 -17.54
C6 NAG U . -19.18 -0.20 -18.79
C7 NAG U . -20.37 -1.35 -12.28
C8 NAG U . -21.27 -1.86 -11.20
N2 NAG U . -20.86 -1.41 -13.52
O3 NAG U . -20.75 1.35 -14.37
O4 NAG U . -20.79 1.75 -17.23
O5 NAG U . -19.32 -1.59 -16.88
O6 NAG U . -19.76 -0.80 -19.93
O7 NAG U . -19.25 -0.92 -12.04
C01 Y8A V . -1.75 -65.67 -16.87
C02 Y8A V . -1.74 -64.47 -16.16
C03 Y8A V . -2.80 -64.15 -15.30
C04 Y8A V . -3.86 -65.03 -15.16
C05 Y8A V . -3.87 -66.25 -15.89
C06 Y8A V . -2.83 -66.56 -16.72
C08 Y8A V . -4.36 -68.24 -16.77
C09 Y8A V . -3.15 -67.85 -17.29
C10 Y8A V . -4.93 -69.59 -17.22
C12 Y8A V . -2.66 -70.25 -18.12
C13 Y8A V . -2.39 -68.74 -18.32
C14 Y8A V . -6.31 -70.11 -16.81
C15 Y8A V . -5.99 -67.22 -15.11
C16 Y8A V . -7.27 -66.82 -15.85
C17 Y8A V . -8.31 -66.26 -15.14
C18 Y8A V . -9.48 -65.90 -15.77
C19 Y8A V . -9.63 -66.12 -17.12
C20 Y8A V . -8.60 -66.70 -17.85
C21 Y8A V . -7.43 -67.05 -17.21
C24 Y8A V . 0.19 -63.56 -15.20
N07 Y8A V . -4.78 -67.26 -15.92
N11 Y8A V . -4.08 -70.54 -17.90
O23 Y8A V . -0.66 -63.57 -16.30
CL22 Y8A V . -11.15 -65.65 -17.93
CHA HEM W . -23.95 -64.07 -12.17
CHB HEM W . -26.10 -67.55 -9.57
CHC HEM W . -21.77 -69.46 -8.52
CHD HEM W . -19.69 -66.30 -11.59
C1A HEM W . -24.91 -64.79 -11.50
C2A HEM W . -26.32 -64.44 -11.34
C3A HEM W . -26.90 -65.40 -10.62
C4A HEM W . -25.89 -66.40 -10.30
CMA HEM W . -28.39 -65.45 -10.21
CAA HEM W . -27.01 -63.19 -11.90
CBA HEM W . -27.12 -63.29 -13.42
CGA HEM W . -27.96 -62.15 -13.94
O1A HEM W . -28.29 -61.23 -13.14
O2A HEM W . -28.28 -62.15 -15.15
C1B HEM W . -25.11 -68.30 -8.97
C2B HEM W . -25.30 -69.23 -7.88
C3B HEM W . -24.11 -69.76 -7.57
C4B HEM W . -23.12 -69.20 -8.47
CMB HEM W . -26.63 -69.53 -7.18
CAB HEM W . -23.92 -70.80 -6.44
CBB HEM W . -22.72 -71.20 -6.01
C1C HEM W . -20.83 -68.82 -9.31
C2C HEM W . -19.45 -69.20 -9.47
C3C HEM W . -18.85 -68.34 -10.30
C4C HEM W . -19.86 -67.37 -10.72
CMC HEM W . -18.76 -70.40 -8.77
CAC HEM W . -17.36 -68.43 -10.71
CBC HEM W . -16.74 -67.51 -11.47
C1D HEM W . -20.63 -65.36 -11.90
C2D HEM W . -20.38 -64.04 -12.44
C3D HEM W . -21.55 -63.41 -12.61
C4D HEM W . -22.59 -64.32 -12.18
CMD HEM W . -19.00 -63.44 -12.78
CAD HEM W . -21.75 -61.99 -13.16
CBD HEM W . -22.20 -61.12 -11.99
CGD HEM W . -22.26 -59.67 -12.40
O1D HEM W . -21.76 -59.33 -13.51
O2D HEM W . -22.79 -58.85 -11.61
NA HEM W . -24.69 -65.99 -10.84
NB HEM W . -23.77 -68.30 -9.31
NC HEM W . -21.04 -67.70 -10.09
ND HEM W . -22.00 -65.49 -11.75
FE HEM W . -22.88 -66.88 -10.51
C1 NAG X . -10.12 -55.87 -47.71
C2 NAG X . -11.57 -55.50 -48.02
C3 NAG X . -11.99 -56.06 -49.38
C4 NAG X . -10.99 -55.66 -50.46
C5 NAG X . -9.57 -56.00 -50.03
C6 NAG X . -8.52 -55.50 -51.00
C7 NAG X . -13.73 -55.58 -46.83
C8 NAG X . -14.49 -56.20 -45.69
N2 NAG X . -12.47 -55.99 -46.97
O3 NAG X . -13.29 -55.60 -49.72
O4 NAG X . -11.29 -56.34 -51.67
O5 NAG X . -9.28 -55.40 -48.76
O6 NAG X . -7.42 -54.94 -50.30
O7 NAG X . -14.24 -54.77 -47.59
C1 NAG Y . -31.27 -75.01 5.70
C2 NAG Y . -32.52 -75.75 5.24
C3 NAG Y . -33.04 -76.66 6.36
C4 NAG Y . -31.92 -77.57 6.86
C5 NAG Y . -30.72 -76.74 7.26
C6 NAG Y . -29.53 -77.58 7.68
C7 NAG Y . -34.17 -74.87 3.66
C8 NAG Y . -35.22 -73.82 3.41
N2 NAG Y . -33.56 -74.81 4.85
O3 NAG Y . -34.11 -77.44 5.85
O4 NAG Y . -32.38 -78.32 7.99
O5 NAG Y . -30.29 -75.94 6.15
O6 NAG Y . -28.66 -76.86 8.53
O7 NAG Y . -33.90 -75.72 2.83
C1 BOG Z . -31.10 -82.46 -28.04
O1 BOG Z . -31.58 -81.22 -27.77
C2 BOG Z . -29.86 -82.32 -28.92
O2 BOG Z . -30.24 -81.76 -30.18
C3 BOG Z . -29.21 -83.64 -29.15
O3 BOG Z . -27.97 -83.43 -29.89
C4 BOG Z . -28.90 -84.34 -27.86
O4 BOG Z . -28.39 -85.64 -28.15
C5 BOG Z . -30.14 -84.47 -26.97
O5 BOG Z . -30.79 -83.18 -26.74
C6 BOG Z . -29.73 -85.06 -25.64
O6 BOG Z . -28.33 -84.95 -25.48
C1' BOG Z . -32.79 -81.22 -27.00
C2' BOG Z . -32.50 -80.63 -25.59
C3' BOG Z . -33.67 -80.98 -24.64
C4' BOG Z . -33.10 -81.48 -23.26
C5' BOG Z . -32.64 -80.26 -22.42
C6' BOG Z . -32.19 -80.73 -21.03
C7' BOG Z . -30.86 -81.53 -21.15
C8' BOG Z . -30.46 -82.07 -19.77
#